data_7JSN
#
_entry.id   7JSN
#
_cell.length_a   1.00
_cell.length_b   1.00
_cell.length_c   1.00
_cell.angle_alpha   90.00
_cell.angle_beta   90.00
_cell.angle_gamma   90.00
#
_symmetry.space_group_name_H-M   'P 1'
#
loop_
_entity.id
_entity.type
_entity.pdbx_description
1 polymer "Rod cGMP-specific 3',5'-cyclic phosphodiesterase subunit alpha"
2 polymer "Rod cGMP-specific 3',5'-cyclic phosphodiesterase subunit beta"
3 polymer 'Guanine nucleotide-binding protein G(t) subunit alpha-1, Guanine nucleotide-binding protein G(i) subunit alpha-1 chimera'
4 polymer "Retinal rod rhodopsin-sensitive cGMP 3',5'-cyclic phosphodiesterase subunit gamma"
5 non-polymer 'ZINC ION'
6 non-polymer 'MAGNESIUM ION'
7 non-polymer 2-{2-ETHOXY-5-[(4-ETHYLPIPERAZIN-1-YL)SULFONYL]PHENYL}-5-METHYL-7-PROPYLIMIDAZO[5,1-F][1,2,4]TRIAZIN-4(1H)-ONE
8 non-polymer "GUANOSINE-3',5'-MONOPHOSPHATE"
9 non-polymer "GUANOSINE-5'-TRIPHOSPHATE"
#
loop_
_entity_poly.entity_id
_entity_poly.type
_entity_poly.pdbx_seq_one_letter_code
_entity_poly.pdbx_strand_id
1 'polypeptide(L)'
;MGEVTAEEVEKFLDSNVSFAKQYYNLRYRAKVISDLLGPREAAVDFSNYHALNSVEESEIIFDLLRDFQDNLQAEKCVFN
VMKKLCFLLQADRMSLFMYRARNGIAELATRLFNVHKDAVLEECLVAPDSEIVFPLDMGVVGHVALSKKIVNVPNTEEDE
HFCDFVDTLTEYQTKNILASPIMNGKDVVAIIMVVNKVDGPHFTENDEEILLKYLNFANLIMKVFHLSYLHNCETRRGQI
LLWSGSKVFEELTDIERQFHKALYTVRAFLNCDRYSVGLLDMTKQKEFFDVWPVLMGEAPPYAGPRTPDGREINFYKVID
YILHGKEDIKVIPNPPPDHWALVSGLPTYVAQNGLICNIMNAPSEDFFAFQKEPLDESGWMIKNVLSMPIVNKKEEIVGV
ATFYNRKDGKPFDEMDETLMESLTQFLGWSVLNPDTYELMNKLENRKDIFQDMVKYHVKCDNEEIQTILKTREVYGKEPW
ECEEEELAEILQGELPDADKYEINKFHFSDLPLTELELVKCGIQMYYELKVVDKFHIPQEALVRFMYSLSKGYRRITYHN
WRHGFNVGQTMFSLLVTGKLKRYFTDLEALAMVTAAFCHDIDHRGTNNLYQMKSQNPLAKLHGSSILERHHLEFGKTLLR
DESLNIFQNLNRRQHEHAIHMMDIAIIATDLALYFKKRTMFQKIVDQSKTYETQQEWTQYMMLDQTRKEIVMAMMMTACD
LSAITKPWEVQSKVALLVAAEFWEQGDLERTVLQQNPIPMMDRNKADELPKLQVGFIDFVCTFVYKEFSRFHEEITPMLD
GITNNRKEWKALADEYETKMKGLEEEKQKQQAANQAAAGSQHGGKQPGGGPASKSCCVQ
;
A
2 'polypeptide(L)'
;MSLSEGQVHRFLDQNPGFADQYFGRKLSPEDVANACEDGCPEGCTSFRELCQVEESAALFELVQDMQENVNMERVVFKIL
RRLCSILHADRCSLFMYRQRNGVAELATRLFSVQPDSVLEDCLVPPDSEIVFPLDIGVVGHVAQTKKMVNVQDVMECPHF
SSFADELTDYVTRNILATPIMNGKDVVAVIMAVNKLDGPCFTSEDEDVFLKYLNFGTLNLKIYHLSYLHNCETRRGQVLL
WSANKVFEELTDIERQFHKAFYTVRAYLNCDRYSVGLLDMTKEKEFFDVWPVLMGEAQAYSGPRTPDGREILFYKVIDYI
LHGKEDIKVIPSPPADHWALASGLPTYVAESGFICNIMNAPADEMFNFQEGPLDDSGWIVKNVLSMPIVNKKEEIVGVAT
FYNRKDGKPFDEQDEVLMESLTQFLGWSVLNTDTYDKMNKLENRKDIAQDMVLYHVRCDREEIQLILPTRERLGKEPADC
EEDELGKILKEVLPGPAKFDIYEFHFSDLECTELELVKCGIQMYYELGVVRKFQIPQEVLVRFLFSVSKGYRRITYHNWR
HGFNVAQTMFTLLMTGKLKSYYTDLEAFAMVTAGLCHDIDHRGTNNLYQMKSQNPLAKLHGSSILERHHLEFGKFLLSEE
TLNIYQNLNRRQHEHVIHLMDIAIIATDLALYFKKRTMFQKIVDESKNYEDRKSWVEYLSLETTRKEIVMAMMMTACDLS
AITKPWEVQSKVALLVAAEFWEQGDLERTVLDQQPIPMMDRNKAAELPKLQVGFIDFVCTFVYKEFSRFHEEILPMFDRL
QNNRKEWKALADEYEAKVKALEEDQKKETTAKKVGTEICNGGPAPRSSTCRIL
;
B
3 'polypeptide(L)'
;MAHHHHHHAMGAGASAEEKHSRELEKKLKEDAEKDARTVKLLLLGAGESGKSTIVKQMKIIHQDGYSLEECLEFIAIIYG
NTLQSILAIVRAMTTLNIQYGDSARQDDARKLMHMADTIEEGTMPKEMSDIIQRLWKDSGIQACFDRASEYQLNDSAGYY
LSDLERLVTPGYVPTEQDVLRSCVKTTGIIETQFSFKDLNFRMFDVGGLRSERKKWIHCFEGVTAIIFCVALSDYDMVLV
EDDEVNRMHESMHLFNSICNNKWFTDTSIILFLNKKDLFEEKIKKSPLSICFPDYAGSNTYEEAGNYIKVQFLELNMRRD
VKEIYSHMTCATDTQNVKFVFDAVTDIIIKENLKDCGLFAAATETSQVAPA
;
E,F
4 'polypeptide(L)'
;MNLEPPKAEIRSATRVMGGPVTPRKGPPKFKQRQTRQFKSKPPKKGVQGFGDDIPGMEGLGTDITVICPWEAFNHLELHE
LAQYGII
;
C,D
#
# COMPACT_ATOMS: atom_id res chain seq x y z
N GLU A 8 -30.65 86.68 2.24
CA GLU A 8 -30.92 85.52 1.40
C GLU A 8 -30.22 85.66 0.04
N VAL A 9 -30.72 86.57 -0.79
CA VAL A 9 -30.11 86.80 -2.10
C VAL A 9 -28.71 87.37 -1.97
N GLU A 10 -28.40 88.00 -0.83
CA GLU A 10 -27.04 88.50 -0.61
C GLU A 10 -26.02 87.39 -0.53
N LYS A 11 -26.46 86.15 -0.29
CA LYS A 11 -25.55 85.01 -0.25
C LYS A 11 -25.28 84.52 -1.67
N PHE A 12 -24.84 85.42 -2.54
CA PHE A 12 -24.48 85.08 -3.91
C PHE A 12 -22.99 85.30 -4.17
N LEU A 13 -22.16 85.05 -3.16
CA LEU A 13 -20.73 84.97 -3.37
C LEU A 13 -20.36 83.74 -4.19
N ASP A 14 -21.32 82.87 -4.48
CA ASP A 14 -21.19 81.60 -5.19
C ASP A 14 -20.89 81.78 -6.66
N SER A 15 -20.60 83.00 -7.13
CA SER A 15 -20.14 83.17 -8.49
C SER A 15 -18.82 82.44 -8.75
N ASN A 16 -18.12 82.06 -7.69
CA ASN A 16 -16.99 81.14 -7.76
C ASN A 16 -17.48 79.77 -7.32
N VAL A 17 -16.93 78.72 -7.93
CA VAL A 17 -17.48 77.39 -7.82
C VAL A 17 -16.67 76.55 -6.83
N SER A 18 -16.04 77.22 -5.87
CA SER A 18 -15.14 76.55 -4.93
C SER A 18 -15.89 76.05 -3.69
N PHE A 19 -16.54 76.95 -2.95
CA PHE A 19 -17.39 76.52 -1.86
C PHE A 19 -18.61 75.77 -2.37
N ALA A 20 -19.11 76.17 -3.54
CA ALA A 20 -20.09 75.39 -4.27
C ALA A 20 -19.45 74.12 -4.80
N LYS A 21 -20.27 73.08 -4.91
CA LYS A 21 -19.90 71.73 -5.30
C LYS A 21 -19.11 71.06 -4.20
N GLN A 22 -18.54 71.86 -3.30
CA GLN A 22 -17.95 71.30 -2.09
C GLN A 22 -19.03 71.05 -1.06
N TYR A 23 -19.87 72.06 -0.82
CA TYR A 23 -21.07 71.82 -0.02
C TYR A 23 -21.92 70.70 -0.63
N TYR A 24 -21.97 70.65 -1.97
CA TYR A 24 -22.81 69.65 -2.63
C TYR A 24 -22.28 68.24 -2.41
N ASN A 25 -20.99 68.01 -2.67
CA ASN A 25 -20.49 66.67 -2.44
C ASN A 25 -20.40 66.34 -0.96
N LEU A 26 -20.45 67.34 -0.08
CA LEU A 26 -20.55 67.06 1.34
C LEU A 26 -21.94 66.58 1.73
N ARG A 27 -22.98 67.17 1.18
CA ARG A 27 -24.33 66.96 1.70
C ARG A 27 -25.31 66.26 0.77
N TYR A 28 -24.91 65.83 -0.43
CA TYR A 28 -25.87 65.17 -1.32
C TYR A 28 -25.34 63.96 -2.06
N ARG A 29 -24.02 63.72 -2.07
CA ARG A 29 -23.47 62.61 -2.86
C ARG A 29 -24.02 61.26 -2.40
N ALA A 30 -24.34 61.14 -1.11
CA ALA A 30 -24.73 59.84 -0.56
C ALA A 30 -26.03 59.34 -1.19
N LYS A 31 -27.03 60.21 -1.30
CA LYS A 31 -28.31 59.80 -1.85
C LYS A 31 -28.17 59.37 -3.30
N VAL A 32 -27.40 60.12 -4.10
CA VAL A 32 -27.22 59.78 -5.50
C VAL A 32 -26.52 58.45 -5.65
N ILE A 33 -25.43 58.24 -4.89
CA ILE A 33 -24.71 56.97 -5.02
C ILE A 33 -25.48 55.81 -4.43
N SER A 34 -26.45 56.07 -3.56
CA SER A 34 -27.27 54.99 -3.02
C SER A 34 -28.48 54.67 -3.89
N ASP A 35 -28.92 55.60 -4.73
CA ASP A 35 -29.99 55.25 -5.66
C ASP A 35 -29.49 54.76 -7.00
N LEU A 36 -28.30 55.19 -7.44
CA LEU A 36 -27.74 54.66 -8.67
C LEU A 36 -27.45 53.17 -8.56
N LEU A 37 -26.99 52.72 -7.40
CA LEU A 37 -26.61 51.33 -7.20
C LEU A 37 -27.77 50.44 -6.79
N GLY A 38 -28.95 51.00 -6.58
CA GLY A 38 -30.10 50.22 -6.17
C GLY A 38 -30.84 49.63 -7.35
N PRO A 39 -31.87 48.83 -7.08
CA PRO A 39 -32.62 48.21 -8.18
C PRO A 39 -33.39 49.25 -8.98
N ARG A 40 -33.09 49.31 -10.27
CA ARG A 40 -33.76 50.22 -11.20
C ARG A 40 -33.48 49.73 -12.61
N GLU A 41 -33.79 50.56 -13.60
CA GLU A 41 -33.54 50.24 -15.00
C GLU A 41 -32.86 51.42 -15.68
N ALA A 42 -32.00 51.13 -16.65
CA ALA A 42 -31.27 52.17 -17.34
C ALA A 42 -32.22 53.06 -18.13
N ALA A 43 -31.79 54.29 -18.36
CA ALA A 43 -32.59 55.28 -19.08
C ALA A 43 -31.81 55.72 -20.31
N VAL A 44 -31.93 54.93 -21.37
CA VAL A 44 -31.31 55.20 -22.66
C VAL A 44 -32.20 54.63 -23.75
N ASP A 45 -32.46 55.42 -24.78
CA ASP A 45 -33.24 54.92 -25.90
C ASP A 45 -32.42 53.90 -26.70
N PHE A 46 -33.08 52.82 -27.11
CA PHE A 46 -32.39 51.74 -27.79
C PHE A 46 -33.04 51.42 -29.12
N SER A 47 -33.37 52.46 -29.90
CA SER A 47 -33.96 52.25 -31.21
C SER A 47 -33.26 53.06 -32.29
N ASN A 48 -32.72 54.22 -31.93
CA ASN A 48 -32.36 55.24 -32.90
C ASN A 48 -30.93 55.17 -33.40
N TYR A 49 -30.04 54.44 -32.72
CA TYR A 49 -28.62 54.41 -33.10
C TYR A 49 -28.05 55.82 -33.13
N HIS A 50 -28.02 56.48 -31.98
CA HIS A 50 -27.88 57.93 -31.89
C HIS A 50 -26.53 58.33 -31.32
N ALA A 51 -25.80 59.16 -32.05
CA ALA A 51 -24.59 59.86 -31.60
C ALA A 51 -23.49 58.92 -31.16
N LEU A 52 -23.63 57.64 -31.46
CA LEU A 52 -22.80 56.57 -30.91
C LEU A 52 -22.84 56.51 -29.39
N ASN A 53 -22.72 57.65 -28.73
CA ASN A 53 -23.03 57.85 -27.31
C ASN A 53 -22.70 59.27 -26.88
N SER A 54 -23.05 59.62 -25.64
CA SER A 54 -22.62 60.84 -24.99
C SER A 54 -21.96 60.46 -23.67
N VAL A 55 -21.70 61.42 -22.80
CA VAL A 55 -20.90 61.18 -21.61
C VAL A 55 -21.77 60.88 -20.39
N GLU A 56 -22.82 61.67 -20.15
CA GLU A 56 -23.80 61.30 -19.14
C GLU A 56 -24.54 60.05 -19.56
N GLU A 57 -24.58 59.78 -20.87
CA GLU A 57 -25.26 58.60 -21.40
C GLU A 57 -24.60 57.30 -21.02
N SER A 58 -23.34 57.34 -20.56
CA SER A 58 -22.65 56.11 -20.15
C SER A 58 -23.03 55.76 -18.72
N GLU A 59 -24.31 55.41 -18.56
CA GLU A 59 -24.80 54.71 -17.38
C GLU A 59 -24.94 53.22 -17.65
N ILE A 60 -24.54 52.77 -18.84
CA ILE A 60 -24.42 51.35 -19.11
C ILE A 60 -23.42 50.71 -18.17
N ILE A 61 -22.42 51.49 -17.73
CA ILE A 61 -21.46 50.98 -16.75
C ILE A 61 -22.18 50.60 -15.46
N PHE A 62 -23.06 51.48 -14.98
CA PHE A 62 -23.83 51.18 -13.78
C PHE A 62 -24.79 50.03 -14.01
N ASP A 63 -25.42 49.99 -15.19
CA ASP A 63 -26.34 48.90 -15.49
C ASP A 63 -25.63 47.56 -15.49
N LEU A 64 -24.38 47.52 -15.94
CA LEU A 64 -23.61 46.28 -15.92
C LEU A 64 -23.13 45.95 -14.51
N LEU A 65 -22.72 46.96 -13.74
CA LEU A 65 -22.28 46.69 -12.37
C LEU A 65 -23.42 46.20 -11.49
N ARG A 66 -24.66 46.58 -11.83
CA ARG A 66 -25.80 46.22 -10.97
C ARG A 66 -25.97 44.71 -10.83
N ASP A 67 -25.49 43.93 -11.79
CA ASP A 67 -25.67 42.48 -11.74
C ASP A 67 -24.52 41.77 -11.02
N PHE A 68 -23.43 42.46 -10.69
CA PHE A 68 -22.34 41.87 -9.92
C PHE A 68 -22.68 41.94 -8.43
N GLN A 69 -23.72 41.20 -8.04
CA GLN A 69 -24.18 41.20 -6.66
C GLN A 69 -24.01 39.84 -5.99
N ASP A 70 -24.60 38.78 -6.54
CA ASP A 70 -24.55 37.48 -5.88
C ASP A 70 -24.89 36.41 -6.91
N ASN A 71 -24.54 35.17 -6.55
CA ASN A 71 -24.91 33.96 -7.30
C ASN A 71 -24.76 34.15 -8.81
N LEU A 72 -23.57 34.52 -9.23
CA LEU A 72 -23.27 34.69 -10.65
C LEU A 72 -23.53 33.38 -11.39
N GLN A 73 -24.54 33.36 -12.25
CA GLN A 73 -24.86 32.14 -12.99
C GLN A 73 -23.95 31.92 -14.19
N ALA A 74 -23.21 32.95 -14.61
CA ALA A 74 -22.18 32.88 -15.63
C ALA A 74 -22.76 32.66 -17.02
N GLU A 75 -24.07 32.48 -17.11
CA GLU A 75 -24.77 32.41 -18.39
C GLU A 75 -25.65 33.62 -18.64
N LYS A 76 -26.35 34.10 -17.60
CA LYS A 76 -27.18 35.29 -17.78
C LYS A 76 -26.33 36.53 -17.97
N CYS A 77 -25.21 36.64 -17.25
CA CYS A 77 -24.40 37.86 -17.32
C CYS A 77 -23.77 38.03 -18.70
N VAL A 78 -23.23 36.95 -19.27
CA VAL A 78 -22.63 37.05 -20.59
C VAL A 78 -23.69 37.40 -21.63
N PHE A 79 -24.86 36.79 -21.53
CA PHE A 79 -25.95 37.13 -22.44
C PHE A 79 -26.32 38.60 -22.30
N ASN A 80 -26.35 39.10 -21.07
CA ASN A 80 -26.76 40.49 -20.86
C ASN A 80 -25.74 41.47 -21.41
N VAL A 81 -24.45 41.17 -21.29
CA VAL A 81 -23.44 42.09 -21.83
C VAL A 81 -23.44 42.01 -23.36
N MET A 82 -23.66 40.82 -23.93
CA MET A 82 -23.71 40.71 -25.38
C MET A 82 -24.92 41.43 -25.95
N LYS A 83 -26.04 41.42 -25.24
CA LYS A 83 -27.24 42.08 -25.76
C LYS A 83 -27.09 43.59 -25.85
N LYS A 84 -26.11 44.17 -25.17
CA LYS A 84 -25.80 45.59 -25.30
C LYS A 84 -24.62 45.86 -26.22
N LEU A 85 -23.64 44.96 -26.22
CA LEU A 85 -22.55 45.08 -27.18
C LEU A 85 -23.06 44.96 -28.62
N CYS A 86 -24.16 44.25 -28.83
CA CYS A 86 -24.76 44.21 -30.15
C CYS A 86 -25.28 45.58 -30.56
N PHE A 87 -25.89 46.31 -29.63
CA PHE A 87 -26.39 47.64 -29.95
C PHE A 87 -25.24 48.65 -30.14
N LEU A 88 -24.22 48.57 -29.31
CA LEU A 88 -23.12 49.55 -29.41
C LEU A 88 -22.37 49.39 -30.73
N LEU A 89 -22.11 48.16 -31.16
CA LEU A 89 -21.37 47.93 -32.39
C LEU A 89 -22.20 48.15 -33.64
N GLN A 90 -23.52 48.18 -33.53
CA GLN A 90 -24.43 48.26 -34.68
C GLN A 90 -24.27 47.06 -35.59
N ALA A 91 -24.36 45.87 -35.00
CA ALA A 91 -24.25 44.62 -35.73
C ALA A 91 -25.58 43.89 -35.74
N ASP A 92 -25.68 42.86 -36.57
CA ASP A 92 -26.93 42.11 -36.63
C ASP A 92 -26.92 40.87 -35.75
N ARG A 93 -25.82 40.11 -35.75
CA ARG A 93 -25.81 38.88 -34.96
C ARG A 93 -24.54 38.78 -34.16
N MET A 94 -24.61 38.07 -33.03
CA MET A 94 -23.45 37.77 -32.21
C MET A 94 -23.56 36.33 -31.73
N SER A 95 -22.41 35.76 -31.35
CA SER A 95 -22.37 34.36 -30.96
C SER A 95 -21.13 34.10 -30.11
N LEU A 96 -21.16 32.97 -29.39
CA LEU A 96 -20.12 32.61 -28.43
C LEU A 96 -19.78 31.13 -28.60
N PHE A 97 -18.52 30.85 -28.91
CA PHE A 97 -18.02 29.49 -29.02
C PHE A 97 -17.12 29.18 -27.83
N MET A 98 -17.22 27.95 -27.33
CA MET A 98 -16.47 27.51 -26.16
C MET A 98 -15.40 26.50 -26.58
N TYR A 99 -14.39 26.35 -25.73
CA TYR A 99 -13.18 25.63 -26.06
C TYR A 99 -13.10 24.35 -25.22
N ARG A 100 -12.78 23.24 -25.86
CA ARG A 100 -12.56 21.99 -25.14
C ARG A 100 -11.49 21.18 -25.85
N ALA A 101 -11.04 20.11 -25.20
CA ALA A 101 -10.03 19.23 -25.77
C ALA A 101 -10.42 17.77 -25.55
N ARG A 102 -10.38 16.97 -26.60
CA ARG A 102 -10.60 15.54 -26.49
C ARG A 102 -9.51 14.81 -27.25
N ASN A 103 -9.00 13.72 -26.66
CA ASN A 103 -7.94 12.91 -27.25
C ASN A 103 -6.67 13.71 -27.53
N GLY A 104 -6.46 14.81 -26.82
CA GLY A 104 -5.32 15.65 -27.10
C GLY A 104 -5.49 16.61 -28.25
N ILE A 105 -6.69 16.69 -28.83
CA ILE A 105 -6.99 17.53 -29.97
C ILE A 105 -8.06 18.54 -29.56
N ALA A 106 -7.84 19.81 -29.90
CA ALA A 106 -8.75 20.86 -29.49
C ALA A 106 -10.01 20.87 -30.35
N GLU A 107 -11.07 21.46 -29.79
CA GLU A 107 -12.35 21.60 -30.47
C GLU A 107 -13.03 22.87 -29.96
N LEU A 108 -13.91 23.42 -30.79
CA LEU A 108 -14.71 24.59 -30.45
C LEU A 108 -16.17 24.26 -30.64
N ALA A 109 -16.96 24.43 -29.59
CA ALA A 109 -18.39 24.12 -29.60
C ALA A 109 -19.19 25.36 -29.23
N THR A 110 -20.32 25.55 -29.91
CA THR A 110 -21.13 26.74 -29.72
C THR A 110 -21.93 26.65 -28.42
N ARG A 111 -22.13 27.80 -27.77
CA ARG A 111 -22.86 27.81 -26.50
C ARG A 111 -23.99 28.83 -26.52
N LEU A 112 -23.83 29.91 -27.27
CA LEU A 112 -24.88 30.89 -27.48
C LEU A 112 -24.90 31.27 -28.95
N PHE A 113 -26.08 31.23 -29.56
CA PHE A 113 -26.19 31.40 -31.00
C PHE A 113 -27.36 32.31 -31.34
N ASN A 114 -27.15 33.21 -32.29
CA ASN A 114 -28.18 34.14 -32.77
C ASN A 114 -28.71 35.02 -31.64
N VAL A 115 -27.78 35.67 -30.93
CA VAL A 115 -28.16 36.58 -29.85
C VAL A 115 -28.29 37.97 -30.46
N HIS A 116 -29.48 38.23 -31.01
CA HIS A 116 -29.72 39.54 -31.60
C HIS A 116 -30.34 40.48 -30.56
N LYS A 117 -30.57 41.71 -30.98
CA LYS A 117 -31.18 42.71 -30.10
C LYS A 117 -32.60 42.30 -29.72
N ASP A 118 -33.01 42.69 -28.52
CA ASP A 118 -34.34 42.42 -27.97
C ASP A 118 -34.74 40.96 -28.12
N ALA A 119 -33.88 40.07 -27.64
CA ALA A 119 -34.15 38.65 -27.59
C ALA A 119 -34.15 38.18 -26.15
N VAL A 120 -34.65 36.96 -25.93
CA VAL A 120 -34.80 36.41 -24.59
C VAL A 120 -33.82 35.24 -24.45
N LEU A 121 -33.54 34.90 -23.19
CA LEU A 121 -32.50 33.92 -22.90
C LEU A 121 -32.87 32.53 -23.41
N GLU A 122 -34.14 32.16 -23.31
CA GLU A 122 -34.53 30.77 -23.55
C GLU A 122 -34.49 30.38 -25.02
N GLU A 123 -34.47 31.32 -25.95
CA GLU A 123 -34.43 31.02 -27.36
C GLU A 123 -33.04 31.18 -27.95
N CYS A 124 -32.02 31.38 -27.12
CA CYS A 124 -30.65 31.54 -27.60
C CYS A 124 -29.66 30.67 -26.83
N LEU A 125 -30.14 29.74 -26.01
CA LEU A 125 -29.28 28.84 -25.27
C LEU A 125 -29.27 27.49 -25.96
N VAL A 126 -28.09 27.00 -26.29
CA VAL A 126 -27.94 25.79 -27.10
C VAL A 126 -27.88 24.58 -26.19
N ALA A 127 -28.77 23.62 -26.42
CA ALA A 127 -28.86 22.39 -25.66
C ALA A 127 -27.60 21.55 -25.89
N PRO A 128 -27.27 20.62 -24.99
CA PRO A 128 -26.03 19.85 -25.16
C PRO A 128 -26.00 18.99 -26.42
N ASP A 129 -27.14 18.58 -26.95
CA ASP A 129 -27.17 17.66 -28.09
C ASP A 129 -27.76 18.32 -29.33
N SER A 130 -27.52 19.62 -29.49
CA SER A 130 -27.85 20.32 -30.73
C SER A 130 -26.73 21.29 -31.08
N GLU A 131 -25.49 20.85 -30.91
CA GLU A 131 -24.33 21.73 -31.04
C GLU A 131 -23.73 21.66 -32.44
N ILE A 132 -22.72 22.48 -32.68
CA ILE A 132 -21.94 22.47 -33.90
C ILE A 132 -20.47 22.50 -33.50
N VAL A 133 -19.71 21.49 -33.91
CA VAL A 133 -18.34 21.28 -33.45
C VAL A 133 -17.39 21.55 -34.60
N PHE A 134 -16.41 22.43 -34.37
CA PHE A 134 -15.47 22.84 -35.39
C PHE A 134 -14.07 22.36 -35.05
N PRO A 135 -13.34 21.78 -35.99
CA PRO A 135 -11.90 21.54 -35.76
C PRO A 135 -11.15 22.86 -35.73
N LEU A 136 -9.92 22.78 -35.21
CA LEU A 136 -9.18 24.00 -34.88
C LEU A 136 -8.50 24.65 -36.08
N ASP A 137 -8.55 24.05 -37.27
CA ASP A 137 -7.88 24.61 -38.43
C ASP A 137 -8.82 25.14 -39.49
N MET A 138 -10.11 24.89 -39.39
CA MET A 138 -11.08 25.27 -40.42
C MET A 138 -11.86 26.49 -40.00
N GLY A 139 -11.97 27.46 -40.90
CA GLY A 139 -12.80 28.64 -40.67
C GLY A 139 -12.05 29.78 -40.03
N VAL A 140 -12.75 30.92 -39.93
CA VAL A 140 -12.17 32.08 -39.28
C VAL A 140 -12.00 31.84 -37.78
N VAL A 141 -12.91 31.05 -37.19
CA VAL A 141 -12.82 30.77 -35.76
C VAL A 141 -11.51 30.03 -35.45
N GLY A 142 -11.18 29.04 -36.28
CA GLY A 142 -9.93 28.33 -36.08
C GLY A 142 -8.72 29.23 -36.23
N HIS A 143 -8.75 30.14 -37.20
CA HIS A 143 -7.65 31.06 -37.40
C HIS A 143 -7.48 31.97 -36.19
N VAL A 144 -8.59 32.48 -35.65
CA VAL A 144 -8.53 33.31 -34.45
C VAL A 144 -7.96 32.54 -33.28
N ALA A 145 -8.40 31.28 -33.11
CA ALA A 145 -7.90 30.49 -31.99
C ALA A 145 -6.41 30.18 -32.14
N LEU A 146 -5.93 29.99 -33.36
CA LEU A 146 -4.52 29.70 -33.56
C LEU A 146 -3.65 30.93 -33.37
N SER A 147 -4.07 32.08 -33.90
CA SER A 147 -3.25 33.28 -33.87
C SER A 147 -3.37 34.06 -32.57
N LYS A 148 -4.52 33.98 -31.91
CA LYS A 148 -4.75 34.62 -30.60
C LYS A 148 -4.73 36.14 -30.70
N LYS A 149 -5.28 36.69 -31.79
CA LYS A 149 -5.39 38.13 -31.90
C LYS A 149 -6.66 38.47 -32.67
N ILE A 150 -7.23 39.64 -32.35
CA ILE A 150 -8.49 40.08 -32.96
C ILE A 150 -8.30 40.26 -34.46
N VAL A 151 -9.30 39.80 -35.23
CA VAL A 151 -9.28 39.91 -36.69
C VAL A 151 -10.62 40.43 -37.18
N ASN A 152 -10.62 40.95 -38.40
CA ASN A 152 -11.85 41.39 -39.04
C ASN A 152 -11.64 41.32 -40.55
N VAL A 153 -12.66 40.85 -41.27
CA VAL A 153 -12.58 40.69 -42.72
C VAL A 153 -13.57 41.65 -43.36
N PRO A 154 -13.11 42.61 -44.16
CA PRO A 154 -14.06 43.50 -44.88
C PRO A 154 -14.95 42.76 -45.85
N ASN A 155 -14.47 41.67 -46.45
CA ASN A 155 -15.26 40.93 -47.42
C ASN A 155 -14.89 39.46 -47.30
N THR A 156 -15.90 38.62 -47.10
CA THR A 156 -15.66 37.19 -46.88
C THR A 156 -15.23 36.49 -48.16
N GLU A 157 -15.89 36.79 -49.28
CA GLU A 157 -15.69 36.03 -50.50
C GLU A 157 -14.24 36.08 -50.96
N GLU A 158 -13.64 37.27 -50.96
CA GLU A 158 -12.24 37.39 -51.39
C GLU A 158 -11.28 36.76 -50.40
N ASP A 159 -11.60 36.78 -49.11
CA ASP A 159 -10.69 36.28 -48.11
C ASP A 159 -10.62 34.75 -48.13
N GLU A 160 -9.47 34.23 -47.71
CA GLU A 160 -9.19 32.80 -47.67
C GLU A 160 -9.67 32.20 -46.36
N HIS A 161 -9.73 30.86 -46.32
CA HIS A 161 -10.06 30.04 -45.16
C HIS A 161 -11.36 30.45 -44.48
N PHE A 162 -12.28 31.06 -45.23
CA PHE A 162 -13.63 31.31 -44.74
C PHE A 162 -14.49 30.10 -45.10
N CYS A 163 -14.98 29.39 -44.08
CA CYS A 163 -15.84 28.25 -44.33
C CYS A 163 -17.27 28.73 -44.63
N ASP A 164 -18.09 27.81 -45.12
CA ASP A 164 -19.48 28.13 -45.45
C ASP A 164 -20.43 27.02 -45.04
N PHE A 165 -20.07 26.27 -43.98
CA PHE A 165 -20.92 25.18 -43.53
C PHE A 165 -22.22 25.70 -42.89
N VAL A 166 -22.11 26.76 -42.08
CA VAL A 166 -23.26 27.23 -41.32
C VAL A 166 -24.25 27.96 -42.22
N ASP A 167 -23.78 28.55 -43.31
CA ASP A 167 -24.65 29.34 -44.18
C ASP A 167 -25.72 28.52 -44.87
N THR A 168 -25.60 27.19 -44.87
CA THR A 168 -26.64 26.32 -45.42
C THR A 168 -27.60 25.82 -44.36
N LEU A 169 -27.09 25.43 -43.19
CA LEU A 169 -27.96 25.01 -42.10
C LEU A 169 -28.87 26.15 -41.65
N THR A 170 -28.31 27.35 -41.50
CA THR A 170 -29.06 28.46 -40.91
C THR A 170 -29.48 29.50 -41.93
N GLU A 171 -29.27 29.26 -43.22
CA GLU A 171 -29.65 30.16 -44.32
C GLU A 171 -29.38 31.63 -43.98
N TYR A 172 -28.11 31.93 -43.79
CA TYR A 172 -27.66 33.30 -43.54
C TYR A 172 -26.50 33.60 -44.50
N GLN A 173 -26.25 34.89 -44.71
CA GLN A 173 -25.34 35.30 -45.78
C GLN A 173 -23.93 35.60 -45.31
N THR A 174 -23.75 36.18 -44.13
CA THR A 174 -22.44 36.36 -43.51
C THR A 174 -21.51 37.17 -44.41
N LYS A 175 -21.88 38.43 -44.62
CA LYS A 175 -21.09 39.31 -45.45
C LYS A 175 -19.88 39.91 -44.76
N ASN A 176 -19.90 40.04 -43.43
CA ASN A 176 -18.78 40.62 -42.69
C ASN A 176 -18.58 39.85 -41.40
N ILE A 177 -17.34 39.84 -40.90
CA ILE A 177 -17.00 39.11 -39.69
C ILE A 177 -15.94 39.89 -38.91
N LEU A 178 -16.11 39.94 -37.59
CA LEU A 178 -15.16 40.55 -36.67
C LEU A 178 -15.11 39.70 -35.41
N ALA A 179 -13.92 39.23 -35.04
CA ALA A 179 -13.80 38.28 -33.95
C ALA A 179 -12.59 38.60 -33.06
N SER A 180 -12.68 38.19 -31.80
CA SER A 180 -11.63 38.39 -30.82
C SER A 180 -11.70 37.29 -29.78
N PRO A 181 -10.56 36.82 -29.28
CA PRO A 181 -10.56 35.78 -28.24
C PRO A 181 -10.48 36.34 -26.84
N ILE A 182 -10.80 35.53 -25.83
CA ILE A 182 -10.59 35.90 -24.43
C ILE A 182 -9.68 34.85 -23.79
N MET A 183 -8.67 35.32 -23.05
CA MET A 183 -7.59 34.49 -22.57
C MET A 183 -7.60 34.43 -21.04
N ASN A 184 -7.09 33.32 -20.52
CA ASN A 184 -6.80 33.16 -19.10
C ASN A 184 -5.32 33.36 -18.80
N GLY A 185 -4.53 33.70 -19.79
CA GLY A 185 -3.09 33.79 -19.64
C GLY A 185 -2.43 32.55 -20.20
N LYS A 186 -1.92 32.65 -21.43
CA LYS A 186 -1.32 31.60 -22.23
C LYS A 186 -2.37 30.60 -22.75
N ASP A 187 -3.63 30.71 -22.32
CA ASP A 187 -4.68 29.79 -22.73
C ASP A 187 -5.89 30.57 -23.21
N VAL A 188 -6.59 30.01 -24.18
CA VAL A 188 -7.81 30.59 -24.73
C VAL A 188 -8.98 29.91 -24.03
N VAL A 189 -9.99 30.69 -23.64
CA VAL A 189 -11.12 30.11 -22.93
C VAL A 189 -12.44 30.22 -23.69
N ALA A 190 -12.57 31.12 -24.68
CA ALA A 190 -13.77 31.23 -25.49
C ALA A 190 -13.50 32.21 -26.63
N ILE A 191 -14.40 32.21 -27.61
CA ILE A 191 -14.32 33.13 -28.75
C ILE A 191 -15.70 33.77 -28.94
N ILE A 192 -15.71 35.07 -29.23
CA ILE A 192 -16.95 35.82 -29.43
C ILE A 192 -16.94 36.45 -30.82
N MET A 193 -17.98 36.26 -31.63
CA MET A 193 -17.96 36.72 -33.04
C MET A 193 -19.15 37.61 -33.33
N VAL A 194 -19.03 38.59 -34.23
CA VAL A 194 -20.16 39.47 -34.62
C VAL A 194 -20.37 39.43 -36.13
N VAL A 195 -21.58 39.18 -36.63
CA VAL A 195 -21.79 39.01 -38.09
C VAL A 195 -22.69 40.04 -38.76
N ASN A 196 -22.29 40.60 -39.89
CA ASN A 196 -23.08 41.60 -40.68
C ASN A 196 -22.95 42.99 -40.09
N LYS A 197 -23.39 44.02 -40.80
CA LYS A 197 -23.39 45.40 -40.21
C LYS A 197 -24.75 46.03 -40.51
N VAL A 198 -25.26 46.89 -39.63
CA VAL A 198 -26.65 47.39 -39.81
C VAL A 198 -26.80 48.27 -41.05
N ASP A 199 -25.86 49.16 -41.35
CA ASP A 199 -26.10 50.05 -42.50
C ASP A 199 -24.81 50.62 -43.06
N GLY A 200 -23.82 49.77 -43.29
CA GLY A 200 -22.54 50.26 -43.75
C GLY A 200 -21.76 49.20 -44.49
N PRO A 201 -20.63 49.59 -45.06
CA PRO A 201 -19.78 48.62 -45.76
C PRO A 201 -19.20 47.57 -44.83
N HIS A 202 -18.51 48.01 -43.78
CA HIS A 202 -17.76 47.11 -42.93
C HIS A 202 -17.47 47.80 -41.60
N PHE A 203 -16.97 47.01 -40.65
CA PHE A 203 -16.62 47.55 -39.35
C PHE A 203 -15.35 48.40 -39.45
N THR A 204 -15.40 49.58 -38.84
CA THR A 204 -14.25 50.49 -38.84
C THR A 204 -13.40 50.22 -37.60
N GLU A 205 -12.41 51.09 -37.35
CA GLU A 205 -11.52 50.92 -36.22
C GLU A 205 -12.18 51.34 -34.91
N ASN A 206 -13.07 52.33 -34.97
CA ASN A 206 -13.77 52.78 -33.76
C ASN A 206 -14.54 51.65 -33.11
N ASP A 207 -15.11 50.75 -33.92
CA ASP A 207 -15.79 49.59 -33.36
C ASP A 207 -14.81 48.65 -32.67
N GLU A 208 -13.59 48.52 -33.20
CA GLU A 208 -12.57 47.75 -32.50
C GLU A 208 -12.23 48.37 -31.15
N GLU A 209 -12.15 49.71 -31.10
CA GLU A 209 -11.92 50.37 -29.83
C GLU A 209 -13.05 50.11 -28.85
N ILE A 210 -14.30 50.19 -29.31
CA ILE A 210 -15.44 49.94 -28.44
C ILE A 210 -15.41 48.53 -27.90
N LEU A 211 -15.09 47.56 -28.76
CA LEU A 211 -15.05 46.17 -28.31
C LEU A 211 -13.95 45.95 -27.29
N LEU A 212 -12.74 46.47 -27.57
CA LEU A 212 -11.65 46.31 -26.61
C LEU A 212 -11.88 47.09 -25.33
N LYS A 213 -12.78 48.06 -25.32
CA LYS A 213 -13.10 48.75 -24.08
C LYS A 213 -14.14 47.99 -23.27
N TYR A 214 -15.19 47.48 -23.91
CA TYR A 214 -16.27 46.82 -23.18
C TYR A 214 -16.07 45.32 -23.02
N LEU A 215 -14.92 44.78 -23.43
CA LEU A 215 -14.66 43.37 -23.21
C LEU A 215 -14.08 43.08 -21.82
N ASN A 216 -13.76 44.11 -21.04
CA ASN A 216 -13.23 43.90 -19.70
C ASN A 216 -14.27 43.38 -18.74
N PHE A 217 -15.55 43.61 -19.00
CA PHE A 217 -16.61 43.07 -18.15
C PHE A 217 -16.93 41.61 -18.46
N ALA A 218 -16.39 41.06 -19.54
CA ALA A 218 -16.53 39.65 -19.85
C ALA A 218 -15.25 38.86 -19.62
N ASN A 219 -14.09 39.49 -19.77
CA ASN A 219 -12.85 38.82 -19.38
C ASN A 219 -12.85 38.45 -17.91
N LEU A 220 -13.64 39.15 -17.09
CA LEU A 220 -13.73 38.87 -15.67
C LEU A 220 -14.78 37.83 -15.35
N ILE A 221 -15.91 37.85 -16.05
CA ILE A 221 -16.95 36.85 -15.81
C ILE A 221 -16.50 35.48 -16.28
N MET A 222 -15.87 35.40 -17.45
CA MET A 222 -15.49 34.11 -17.98
C MET A 222 -14.32 33.48 -17.24
N LYS A 223 -13.49 34.27 -16.57
CA LYS A 223 -12.34 33.69 -15.88
C LYS A 223 -12.72 33.07 -14.54
N VAL A 224 -13.68 33.64 -13.82
CA VAL A 224 -14.08 33.03 -12.55
C VAL A 224 -14.98 31.82 -12.78
N PHE A 225 -15.58 31.69 -13.96
CA PHE A 225 -16.30 30.47 -14.30
C PHE A 225 -15.36 29.32 -14.64
N HIS A 226 -14.10 29.63 -14.94
CA HIS A 226 -13.11 28.62 -15.27
C HIS A 226 -12.40 28.08 -14.03
N LEU A 227 -12.14 28.95 -13.05
CA LEU A 227 -11.47 28.52 -11.83
C LEU A 227 -12.34 27.54 -11.03
N SER A 228 -13.64 27.82 -10.97
CA SER A 228 -14.53 26.96 -10.19
C SER A 228 -14.51 25.52 -10.71
N TYR A 229 -14.42 25.34 -12.02
CA TYR A 229 -14.35 24.01 -12.59
C TYR A 229 -13.09 23.26 -12.14
N LEU A 230 -11.95 23.95 -12.13
CA LEU A 230 -10.72 23.32 -11.69
C LEU A 230 -10.79 22.93 -10.22
N HIS A 231 -11.36 23.81 -9.38
CA HIS A 231 -11.55 23.46 -7.98
C HIS A 231 -12.45 22.24 -7.84
N ASN A 232 -13.54 22.21 -8.62
CA ASN A 232 -14.49 21.12 -8.58
C ASN A 232 -13.86 19.79 -8.95
N CYS A 233 -12.88 19.80 -9.85
CA CYS A 233 -12.22 18.54 -10.20
C CYS A 233 -11.12 18.14 -9.23
N GLU A 234 -10.36 19.10 -8.71
CA GLU A 234 -9.29 18.76 -7.78
C GLU A 234 -9.82 18.16 -6.49
N THR A 235 -10.95 18.69 -5.99
CA THR A 235 -11.51 18.14 -4.77
C THR A 235 -11.80 16.64 -4.91
N ARG A 236 -12.50 16.27 -5.97
CA ARG A 236 -12.84 14.87 -6.17
C ARG A 236 -11.61 14.02 -6.42
N ARG A 237 -10.60 14.56 -7.11
CA ARG A 237 -9.40 13.75 -7.32
C ARG A 237 -8.70 13.44 -6.01
N GLY A 238 -8.67 14.39 -5.07
CA GLY A 238 -8.13 14.07 -3.75
C GLY A 238 -8.97 13.05 -3.00
N GLN A 239 -10.29 13.24 -3.02
CA GLN A 239 -11.17 12.40 -2.21
C GLN A 239 -11.12 10.95 -2.64
N ILE A 240 -11.13 10.68 -3.95
CA ILE A 240 -11.21 9.27 -4.35
C ILE A 240 -9.94 8.53 -3.99
N LEU A 241 -8.78 9.19 -4.10
CA LEU A 241 -7.55 8.54 -3.69
C LEU A 241 -7.54 8.25 -2.19
N LEU A 242 -7.99 9.21 -1.38
CA LEU A 242 -8.00 8.96 0.07
C LEU A 242 -8.93 7.81 0.43
N TRP A 243 -10.15 7.81 -0.11
CA TRP A 243 -11.11 6.78 0.27
C TRP A 243 -10.73 5.40 -0.29
N SER A 244 -10.08 5.34 -1.44
CA SER A 244 -9.61 4.04 -1.92
C SER A 244 -8.43 3.53 -1.12
N GLY A 245 -7.56 4.43 -0.67
CA GLY A 245 -6.48 4.02 0.21
C GLY A 245 -6.98 3.53 1.55
N SER A 246 -8.15 4.02 1.98
CA SER A 246 -8.76 3.48 3.19
C SER A 246 -9.08 1.99 3.03
N LYS A 247 -9.58 1.59 1.87
CA LYS A 247 -10.10 0.25 1.68
C LYS A 247 -9.09 -0.75 1.11
N VAL A 248 -7.95 -0.28 0.58
CA VAL A 248 -6.95 -1.23 0.07
C VAL A 248 -5.91 -1.61 1.11
N PHE A 249 -5.94 -1.00 2.29
CA PHE A 249 -4.99 -1.31 3.36
C PHE A 249 -5.66 -1.97 4.55
N GLU A 250 -6.84 -2.55 4.36
CA GLU A 250 -7.59 -3.13 5.48
C GLU A 250 -7.22 -4.58 5.73
N GLU A 251 -7.00 -5.36 4.67
CA GLU A 251 -6.76 -6.78 4.81
C GLU A 251 -6.08 -7.27 3.54
N LEU A 252 -5.37 -8.38 3.65
CA LEU A 252 -4.83 -9.05 2.47
C LEU A 252 -5.87 -10.02 1.94
N THR A 253 -6.02 -10.05 0.61
CA THR A 253 -7.00 -10.90 -0.02
C THR A 253 -6.71 -10.96 -1.52
N ASP A 254 -7.52 -11.72 -2.23
CA ASP A 254 -7.33 -11.95 -3.66
C ASP A 254 -7.69 -10.70 -4.46
N ILE A 255 -7.38 -10.74 -5.76
CA ILE A 255 -7.55 -9.56 -6.59
C ILE A 255 -9.02 -9.24 -6.80
N GLU A 256 -9.87 -10.28 -6.92
CA GLU A 256 -11.27 -10.03 -7.22
C GLU A 256 -11.96 -9.26 -6.10
N ARG A 257 -11.67 -9.59 -4.85
CA ARG A 257 -12.30 -8.88 -3.73
C ARG A 257 -11.78 -7.46 -3.59
N GLN A 258 -10.49 -7.25 -3.83
CA GLN A 258 -9.92 -5.92 -3.65
C GLN A 258 -10.52 -4.91 -4.61
N PHE A 259 -10.66 -5.28 -5.88
CA PHE A 259 -11.29 -4.37 -6.84
C PHE A 259 -12.76 -4.15 -6.54
N HIS A 260 -13.44 -5.16 -6.01
CA HIS A 260 -14.87 -5.05 -5.72
C HIS A 260 -15.15 -4.34 -4.40
N LYS A 261 -14.12 -4.11 -3.58
CA LYS A 261 -14.27 -3.21 -2.43
C LYS A 261 -13.73 -1.82 -2.71
N ALA A 262 -12.84 -1.66 -3.67
CA ALA A 262 -12.33 -0.34 -3.99
C ALA A 262 -13.17 0.41 -5.01
N LEU A 263 -13.91 -0.29 -5.88
CA LEU A 263 -14.75 0.40 -6.84
C LEU A 263 -16.17 0.66 -6.32
N TYR A 264 -16.59 -0.03 -5.28
CA TYR A 264 -17.93 0.16 -4.75
C TYR A 264 -18.03 1.39 -3.86
N THR A 265 -16.92 1.84 -3.28
CA THR A 265 -16.94 2.95 -2.35
C THR A 265 -16.97 4.31 -3.04
N VAL A 266 -16.69 4.38 -4.34
CA VAL A 266 -16.56 5.66 -5.02
C VAL A 266 -17.63 5.83 -6.09
N ARG A 267 -18.82 5.26 -5.85
CA ARG A 267 -19.91 5.45 -6.80
C ARG A 267 -20.25 6.93 -6.97
N ALA A 268 -20.28 7.68 -5.88
CA ALA A 268 -20.79 9.05 -5.93
C ALA A 268 -19.84 9.99 -6.66
N PHE A 269 -18.53 9.83 -6.46
CA PHE A 269 -17.57 10.77 -7.03
C PHE A 269 -17.45 10.64 -8.54
N LEU A 270 -17.79 9.48 -9.10
CA LEU A 270 -17.78 9.28 -10.55
C LEU A 270 -19.25 9.29 -11.01
N ASN A 271 -19.75 10.46 -11.37
CA ASN A 271 -21.16 10.58 -11.73
C ASN A 271 -21.35 9.97 -13.10
N CYS A 272 -21.58 8.65 -13.13
CA CYS A 272 -21.80 7.91 -14.36
C CYS A 272 -22.94 6.94 -14.15
N ASP A 273 -23.62 6.57 -15.24
CA ASP A 273 -24.76 5.65 -15.12
C ASP A 273 -24.30 4.21 -14.91
N ARG A 274 -23.45 3.71 -15.81
CA ARG A 274 -22.95 2.34 -15.72
C ARG A 274 -21.45 2.34 -15.94
N TYR A 275 -20.76 1.41 -15.29
CA TYR A 275 -19.38 1.17 -15.64
C TYR A 275 -19.04 -0.29 -15.33
N SER A 276 -17.96 -0.77 -15.96
CA SER A 276 -17.66 -2.19 -15.97
C SER A 276 -16.14 -2.39 -15.96
N VAL A 277 -15.73 -3.53 -15.43
CA VAL A 277 -14.31 -3.91 -15.36
C VAL A 277 -14.17 -5.37 -15.75
N GLY A 278 -13.21 -5.67 -16.62
CA GLY A 278 -12.93 -7.03 -17.04
C GLY A 278 -11.49 -7.40 -16.75
N LEU A 279 -11.28 -8.64 -16.35
CA LEU A 279 -9.99 -9.14 -15.90
C LEU A 279 -9.46 -10.20 -16.85
N LEU A 280 -8.21 -10.03 -17.29
CA LEU A 280 -7.59 -10.97 -18.21
C LEU A 280 -6.97 -12.15 -17.47
N ASP A 281 -6.38 -13.07 -18.22
CA ASP A 281 -5.73 -14.24 -17.68
C ASP A 281 -4.22 -14.13 -17.89
N MET A 282 -3.44 -14.63 -16.93
CA MET A 282 -2.02 -14.37 -16.87
C MET A 282 -1.16 -15.62 -17.13
N THR A 283 -1.73 -16.67 -17.71
CA THR A 283 -1.00 -17.91 -17.95
C THR A 283 -0.23 -17.82 -19.27
N LYS A 284 1.08 -17.59 -19.16
CA LYS A 284 1.95 -17.50 -20.33
C LYS A 284 2.07 -18.81 -21.09
N GLN A 285 2.67 -19.82 -20.46
CA GLN A 285 3.02 -21.08 -21.13
C GLN A 285 2.32 -22.25 -20.46
N LYS A 286 1.71 -23.11 -21.27
CA LYS A 286 0.95 -24.24 -20.78
C LYS A 286 1.87 -25.44 -20.50
N GLU A 287 1.26 -26.51 -20.00
CA GLU A 287 1.99 -27.71 -19.62
C GLU A 287 2.43 -28.49 -20.86
N PHE A 288 3.10 -29.61 -20.64
CA PHE A 288 3.53 -30.43 -21.77
C PHE A 288 2.38 -31.24 -22.34
N PHE A 289 1.45 -31.70 -21.49
CA PHE A 289 0.39 -32.58 -21.96
C PHE A 289 -0.73 -31.84 -22.67
N ASP A 290 -0.66 -30.51 -22.78
CA ASP A 290 -1.63 -29.76 -23.58
C ASP A 290 -1.08 -29.34 -24.93
N VAL A 291 0.24 -29.17 -25.05
CA VAL A 291 0.83 -28.79 -26.32
C VAL A 291 0.81 -29.95 -27.30
N TRP A 292 1.00 -31.18 -26.81
CA TRP A 292 1.12 -32.35 -27.68
C TRP A 292 -0.02 -32.50 -28.69
N PRO A 293 -1.30 -32.36 -28.34
CA PRO A 293 -2.34 -32.55 -29.37
C PRO A 293 -2.21 -31.59 -30.54
N VAL A 294 -1.57 -30.44 -30.36
CA VAL A 294 -1.42 -29.50 -31.46
C VAL A 294 -0.31 -29.93 -32.40
N LEU A 295 0.85 -30.30 -31.85
CA LEU A 295 2.00 -30.67 -32.67
C LEU A 295 1.85 -32.02 -33.35
N MET A 296 0.73 -32.72 -33.16
CA MET A 296 0.54 -34.03 -33.76
C MET A 296 -0.61 -34.09 -34.76
N GLY A 297 -1.29 -32.97 -35.02
CA GLY A 297 -2.32 -32.95 -36.04
C GLY A 297 -3.74 -33.03 -35.52
N GLU A 298 -4.01 -32.37 -34.39
CA GLU A 298 -5.35 -32.26 -33.85
C GLU A 298 -5.51 -30.88 -33.23
N ALA A 299 -6.76 -30.40 -33.15
CA ALA A 299 -7.06 -29.12 -32.52
C ALA A 299 -6.21 -28.00 -33.10
N PRO A 300 -6.51 -27.52 -34.30
CA PRO A 300 -5.63 -26.56 -34.98
C PRO A 300 -5.32 -25.36 -34.11
N PRO A 301 -4.20 -24.69 -34.36
CA PRO A 301 -3.68 -23.71 -33.39
C PRO A 301 -4.58 -22.48 -33.28
N TYR A 302 -4.24 -21.66 -32.29
CA TYR A 302 -5.01 -20.46 -31.98
C TYR A 302 -4.91 -19.44 -33.10
N ALA A 303 -5.99 -18.69 -33.30
CA ALA A 303 -6.08 -17.73 -34.38
C ALA A 303 -6.44 -16.32 -33.93
N GLY A 304 -6.89 -16.13 -32.70
CA GLY A 304 -7.39 -14.85 -32.25
C GLY A 304 -6.31 -13.82 -32.01
N PRO A 305 -6.64 -12.78 -31.26
CA PRO A 305 -5.71 -11.66 -31.04
C PRO A 305 -4.70 -11.99 -29.94
N ARG A 306 -3.75 -11.08 -29.75
CA ARG A 306 -2.69 -11.27 -28.77
C ARG A 306 -2.31 -9.93 -28.17
N THR A 307 -2.00 -9.94 -26.87
CA THR A 307 -1.52 -8.75 -26.19
C THR A 307 -0.17 -8.33 -26.78
N PRO A 308 0.33 -7.14 -26.44
CA PRO A 308 1.58 -6.68 -27.06
C PRO A 308 2.83 -7.33 -26.48
N ASP A 309 2.66 -8.42 -25.73
CA ASP A 309 3.79 -9.23 -25.31
C ASP A 309 3.54 -10.72 -25.50
N GLY A 310 2.45 -11.09 -26.17
CA GLY A 310 2.17 -12.48 -26.47
C GLY A 310 1.34 -13.15 -25.39
N ARG A 311 0.09 -13.45 -25.69
CA ARG A 311 -0.84 -14.12 -24.80
C ARG A 311 -2.14 -14.29 -25.57
N GLU A 312 -3.09 -14.98 -24.94
CA GLU A 312 -4.44 -15.09 -25.48
C GLU A 312 -5.36 -14.16 -24.70
N ILE A 313 -6.17 -13.39 -25.43
CA ILE A 313 -7.08 -12.42 -24.80
C ILE A 313 -8.34 -13.19 -24.39
N ASN A 314 -8.42 -13.53 -23.11
CA ASN A 314 -9.55 -14.27 -22.57
C ASN A 314 -9.98 -13.63 -21.26
N PHE A 315 -11.26 -13.26 -21.16
CA PHE A 315 -11.82 -12.65 -19.97
C PHE A 315 -12.50 -13.74 -19.14
N TYR A 316 -11.97 -14.02 -17.95
CA TYR A 316 -12.59 -15.04 -17.12
C TYR A 316 -13.57 -14.47 -16.10
N LYS A 317 -13.42 -13.22 -15.69
CA LYS A 317 -14.38 -12.57 -14.80
C LYS A 317 -14.74 -11.19 -15.32
N VAL A 318 -15.99 -10.80 -15.07
CA VAL A 318 -16.49 -9.49 -15.45
C VAL A 318 -17.34 -8.94 -14.32
N ILE A 319 -17.05 -7.71 -13.89
CA ILE A 319 -17.82 -7.02 -12.87
C ILE A 319 -18.48 -5.81 -13.50
N ASP A 320 -19.78 -5.63 -13.25
CA ASP A 320 -20.52 -4.50 -13.80
C ASP A 320 -21.42 -3.89 -12.74
N TYR A 321 -21.55 -2.57 -12.79
CA TYR A 321 -22.35 -1.81 -11.85
C TYR A 321 -23.42 -1.03 -12.61
N ILE A 322 -24.65 -1.05 -12.11
CA ILE A 322 -25.75 -0.28 -12.67
C ILE A 322 -26.21 0.71 -11.62
N LEU A 323 -26.18 2.00 -11.95
CA LEU A 323 -26.42 3.04 -10.95
C LEU A 323 -27.44 4.08 -11.40
N HIS A 324 -28.30 3.75 -12.37
CA HIS A 324 -29.33 4.69 -12.78
C HIS A 324 -30.73 4.29 -12.29
N GLY A 325 -31.14 3.06 -12.59
CA GLY A 325 -32.44 2.59 -12.13
C GLY A 325 -32.43 2.17 -10.68
N LYS A 326 -31.65 1.14 -10.37
CA LYS A 326 -31.55 0.62 -9.02
C LYS A 326 -30.26 -0.19 -8.93
N GLU A 327 -29.53 -0.01 -7.83
CA GLU A 327 -28.22 -0.64 -7.68
C GLU A 327 -28.32 -2.14 -7.82
N ASP A 328 -27.60 -2.69 -8.80
CA ASP A 328 -27.59 -4.13 -9.07
C ASP A 328 -26.16 -4.54 -9.39
N ILE A 329 -25.41 -4.93 -8.37
CA ILE A 329 -24.04 -5.36 -8.54
C ILE A 329 -24.01 -6.85 -8.83
N LYS A 330 -23.31 -7.24 -9.90
CA LYS A 330 -23.27 -8.64 -10.30
C LYS A 330 -21.85 -9.03 -10.68
N VAL A 331 -21.58 -10.33 -10.61
CA VAL A 331 -20.32 -10.92 -11.03
C VAL A 331 -20.63 -12.11 -11.93
N ILE A 332 -20.05 -12.12 -13.13
CA ILE A 332 -20.33 -13.15 -14.11
C ILE A 332 -19.05 -13.89 -14.46
N PRO A 333 -18.87 -15.15 -14.04
CA PRO A 333 -17.68 -15.90 -14.44
C PRO A 333 -17.86 -16.55 -15.80
N ASN A 334 -16.77 -16.51 -16.59
CA ASN A 334 -16.76 -17.01 -17.96
C ASN A 334 -17.88 -16.40 -18.76
N PRO A 335 -17.81 -15.11 -19.09
CA PRO A 335 -18.93 -14.43 -19.73
C PRO A 335 -19.08 -14.86 -21.18
N PRO A 336 -20.31 -14.95 -21.68
CA PRO A 336 -20.53 -15.25 -23.09
C PRO A 336 -20.14 -14.06 -23.96
N PRO A 337 -19.84 -14.28 -25.24
CA PRO A 337 -19.43 -13.18 -26.11
C PRO A 337 -20.54 -12.24 -26.52
N ASP A 338 -21.73 -12.34 -25.91
CA ASP A 338 -22.83 -11.42 -26.21
C ASP A 338 -23.25 -10.65 -24.96
N HIS A 339 -22.38 -10.57 -23.96
CA HIS A 339 -22.65 -9.73 -22.80
C HIS A 339 -22.68 -8.26 -23.22
N TRP A 340 -23.50 -7.48 -22.53
CA TRP A 340 -23.80 -6.13 -23.03
C TRP A 340 -22.58 -5.23 -23.06
N ALA A 341 -21.49 -5.61 -22.41
CA ALA A 341 -20.26 -4.82 -22.47
C ALA A 341 -19.31 -5.28 -23.56
N LEU A 342 -19.29 -6.58 -23.87
CA LEU A 342 -18.30 -7.15 -24.77
C LEU A 342 -18.74 -7.17 -26.23
N VAL A 343 -20.00 -6.85 -26.53
CA VAL A 343 -20.48 -6.95 -27.90
C VAL A 343 -19.83 -5.91 -28.78
N SER A 344 -19.66 -4.69 -28.27
CA SER A 344 -19.20 -3.58 -29.10
C SER A 344 -17.80 -3.79 -29.66
N GLY A 345 -17.01 -4.67 -29.06
N GLY A 345 -17.01 -4.67 -29.06
CA GLY A 345 -15.67 -4.92 -29.54
CA GLY A 345 -15.67 -4.92 -29.54
C GLY A 345 -14.63 -3.92 -29.10
C GLY A 345 -14.63 -3.92 -29.10
N LEU A 346 -14.98 -2.99 -28.19
CA LEU A 346 -14.03 -2.00 -27.72
C LEU A 346 -13.06 -2.57 -26.67
N PRO A 347 -13.53 -3.28 -25.63
CA PRO A 347 -12.59 -3.81 -24.64
C PRO A 347 -11.65 -4.88 -25.18
N THR A 348 -11.95 -5.48 -26.33
CA THR A 348 -11.00 -6.41 -26.94
C THR A 348 -10.12 -5.73 -27.97
N TYR A 349 -10.33 -4.43 -28.22
CA TYR A 349 -9.42 -3.64 -29.03
C TYR A 349 -8.47 -2.82 -28.17
N VAL A 350 -8.89 -2.43 -26.98
CA VAL A 350 -7.99 -1.72 -26.08
C VAL A 350 -6.86 -2.64 -25.61
N ALA A 351 -7.18 -3.91 -25.38
CA ALA A 351 -6.19 -4.83 -24.84
C ALA A 351 -5.01 -5.04 -25.78
N GLN A 352 -5.23 -4.94 -27.09
CA GLN A 352 -4.14 -5.13 -28.04
C GLN A 352 -3.26 -3.89 -28.13
N ASN A 353 -3.86 -2.75 -28.50
CA ASN A 353 -3.09 -1.54 -28.73
C ASN A 353 -2.67 -0.87 -27.42
N GLY A 354 -3.52 -0.93 -26.41
CA GLY A 354 -3.23 -0.23 -25.16
C GLY A 354 -3.35 1.27 -25.25
N LEU A 355 -4.40 1.78 -25.89
CA LEU A 355 -4.62 3.21 -26.09
C LEU A 355 -5.87 3.67 -25.37
N ILE A 356 -5.80 4.83 -24.72
CA ILE A 356 -6.99 5.45 -24.15
C ILE A 356 -7.90 5.90 -25.29
N CYS A 357 -9.15 5.43 -25.28
CA CYS A 357 -10.09 5.69 -26.36
C CYS A 357 -11.28 6.49 -25.87
N ASN A 358 -11.59 7.58 -26.57
CA ASN A 358 -12.75 8.41 -26.25
C ASN A 358 -13.69 8.60 -27.44
N ILE A 359 -14.95 8.21 -27.26
CA ILE A 359 -15.95 8.26 -28.31
C ILE A 359 -17.04 9.27 -27.93
N MET A 360 -17.46 10.08 -28.89
CA MET A 360 -18.36 11.19 -28.60
C MET A 360 -19.82 10.90 -28.95
N ASN A 361 -20.09 10.25 -30.09
CA ASN A 361 -21.47 9.95 -30.49
C ASN A 361 -21.51 8.50 -30.96
N ALA A 362 -21.80 7.59 -30.03
CA ALA A 362 -21.72 6.16 -30.32
C ALA A 362 -22.68 5.69 -31.40
N PRO A 363 -23.97 6.06 -31.41
CA PRO A 363 -24.87 5.53 -32.44
C PRO A 363 -24.53 5.99 -33.85
N SER A 364 -23.53 6.85 -34.00
CA SER A 364 -23.09 7.31 -35.31
C SER A 364 -21.67 6.88 -35.65
N GLU A 365 -21.02 6.11 -34.81
CA GLU A 365 -19.70 5.59 -35.12
C GLU A 365 -19.81 4.39 -36.05
N ASP A 366 -18.81 4.23 -36.92
CA ASP A 366 -18.81 3.17 -37.91
C ASP A 366 -17.86 2.03 -37.60
N PHE A 367 -16.78 2.31 -36.87
CA PHE A 367 -15.73 1.31 -36.70
C PHE A 367 -16.09 0.22 -35.69
N PHE A 368 -16.94 0.53 -34.70
CA PHE A 368 -17.15 -0.37 -33.58
C PHE A 368 -18.54 -0.99 -33.51
N ALA A 369 -19.55 -0.38 -34.12
CA ALA A 369 -20.88 -0.97 -34.24
C ALA A 369 -21.50 -1.26 -32.86
N PHE A 370 -21.78 -0.18 -32.14
CA PHE A 370 -22.51 -0.27 -30.89
C PHE A 370 -23.97 -0.61 -31.17
N GLN A 371 -24.79 -0.62 -30.11
CA GLN A 371 -26.22 -0.84 -30.25
C GLN A 371 -26.93 0.46 -30.60
N LYS A 372 -28.06 0.34 -31.29
CA LYS A 372 -28.84 1.50 -31.71
C LYS A 372 -30.27 1.44 -31.18
N GLU A 373 -30.50 0.66 -30.13
CA GLU A 373 -31.82 0.49 -29.55
C GLU A 373 -31.68 0.49 -28.04
N PRO A 374 -32.75 0.85 -27.31
CA PRO A 374 -32.67 0.83 -25.85
C PRO A 374 -32.37 -0.56 -25.30
N LEU A 375 -31.57 -0.59 -24.24
CA LEU A 375 -31.14 -1.82 -23.59
C LEU A 375 -31.92 -2.10 -22.31
N ASP A 376 -33.02 -1.41 -22.10
CA ASP A 376 -33.75 -1.47 -20.84
C ASP A 376 -35.24 -1.28 -21.13
N GLU A 377 -36.07 -1.68 -20.17
CA GLU A 377 -37.49 -1.39 -20.27
C GLU A 377 -37.74 0.11 -20.42
N SER A 378 -37.12 0.91 -19.54
CA SER A 378 -37.06 2.34 -19.78
C SER A 378 -36.08 2.63 -20.91
N GLY A 379 -36.22 3.81 -21.51
CA GLY A 379 -35.38 4.14 -22.65
C GLY A 379 -34.02 4.64 -22.21
N TRP A 380 -33.02 3.76 -22.28
CA TRP A 380 -31.64 4.10 -21.94
C TRP A 380 -30.75 3.57 -23.04
N MET A 381 -30.03 4.48 -23.71
CA MET A 381 -29.18 4.13 -24.84
C MET A 381 -27.80 4.73 -24.67
N ILE A 382 -26.81 4.07 -25.26
CA ILE A 382 -25.42 4.49 -25.12
C ILE A 382 -25.17 5.75 -25.94
N LYS A 383 -24.51 6.73 -25.33
CA LYS A 383 -24.20 7.94 -26.06
C LYS A 383 -22.72 8.30 -25.96
N ASN A 384 -22.10 8.14 -24.80
CA ASN A 384 -20.67 8.34 -24.64
C ASN A 384 -19.95 7.16 -24.00
N VAL A 385 -18.70 6.94 -24.40
CA VAL A 385 -17.90 5.83 -23.91
C VAL A 385 -16.48 6.32 -23.67
N LEU A 386 -15.84 5.78 -22.64
CA LEU A 386 -14.43 6.03 -22.40
C LEU A 386 -13.82 4.78 -21.79
N SER A 387 -12.66 4.36 -22.29
CA SER A 387 -12.03 3.12 -21.87
C SER A 387 -10.52 3.32 -21.73
N MET A 388 -9.91 2.54 -20.85
CA MET A 388 -8.48 2.65 -20.59
C MET A 388 -7.98 1.37 -19.97
N PRO A 389 -6.71 1.02 -20.16
CA PRO A 389 -6.17 -0.22 -19.61
C PRO A 389 -5.54 -0.04 -18.23
N ILE A 390 -5.22 -1.16 -17.61
CA ILE A 390 -4.58 -1.22 -16.29
C ILE A 390 -3.27 -1.98 -16.42
N VAL A 391 -2.18 -1.39 -15.94
CA VAL A 391 -0.86 -2.00 -16.02
C VAL A 391 -0.35 -2.26 -14.60
N ASN A 392 0.63 -3.16 -14.50
CA ASN A 392 1.02 -3.75 -13.22
C ASN A 392 2.53 -3.66 -12.99
N LYS A 393 3.11 -2.47 -13.17
CA LYS A 393 4.49 -2.16 -12.82
C LYS A 393 5.52 -2.85 -13.70
N LYS A 394 5.10 -3.68 -14.66
CA LYS A 394 6.03 -4.27 -15.61
C LYS A 394 5.51 -4.16 -17.03
N GLU A 395 4.69 -3.14 -17.30
CA GLU A 395 4.12 -2.91 -18.62
C GLU A 395 3.40 -4.15 -19.15
N GLU A 396 2.59 -4.76 -18.29
CA GLU A 396 1.73 -5.86 -18.68
C GLU A 396 0.30 -5.53 -18.34
N ILE A 397 -0.60 -5.72 -19.29
CA ILE A 397 -2.00 -5.36 -19.12
C ILE A 397 -2.68 -6.43 -18.28
N VAL A 398 -3.43 -5.98 -17.27
CA VAL A 398 -4.11 -6.90 -16.36
C VAL A 398 -5.63 -6.77 -16.39
N GLY A 399 -6.17 -5.72 -16.98
CA GLY A 399 -7.61 -5.57 -17.06
C GLY A 399 -8.00 -4.39 -17.91
N VAL A 400 -9.31 -4.24 -18.11
CA VAL A 400 -9.86 -3.14 -18.91
C VAL A 400 -11.07 -2.57 -18.18
N ALA A 401 -11.14 -1.24 -18.11
CA ALA A 401 -12.24 -0.54 -17.44
C ALA A 401 -12.98 0.34 -18.43
N THR A 402 -14.30 0.41 -18.28
CA THR A 402 -15.14 1.17 -19.21
C THR A 402 -16.20 1.93 -18.45
N PHE A 403 -16.49 3.16 -18.89
CA PHE A 403 -17.46 4.04 -18.27
C PHE A 403 -18.43 4.57 -19.32
N TYR A 404 -19.71 4.65 -18.99
CA TYR A 404 -20.75 5.04 -19.93
C TYR A 404 -21.57 6.22 -19.40
N ASN A 405 -21.98 7.11 -20.30
CA ASN A 405 -23.09 8.02 -20.06
C ASN A 405 -22.94 8.94 -18.86
N ARG A 406 -22.03 9.90 -18.93
CA ARG A 406 -21.91 10.91 -17.89
C ARG A 406 -23.27 11.54 -17.58
N LYS A 407 -23.45 11.95 -16.32
CA LYS A 407 -24.77 12.29 -15.80
C LYS A 407 -25.18 13.74 -16.04
N ASP A 408 -24.51 14.46 -16.92
CA ASP A 408 -24.92 15.81 -17.26
C ASP A 408 -25.37 15.96 -18.70
N GLY A 409 -25.22 14.93 -19.52
CA GLY A 409 -25.57 15.02 -20.92
C GLY A 409 -24.45 15.49 -21.82
N LYS A 410 -23.30 15.86 -21.25
CA LYS A 410 -22.18 16.38 -22.01
C LYS A 410 -21.05 15.36 -22.08
N PRO A 411 -20.24 15.39 -23.13
CA PRO A 411 -19.21 14.37 -23.32
C PRO A 411 -18.02 14.55 -22.39
N PHE A 412 -17.23 13.48 -22.29
CA PHE A 412 -16.02 13.51 -21.48
C PHE A 412 -14.99 14.47 -22.08
N ASP A 413 -14.22 15.12 -21.21
CA ASP A 413 -13.16 16.00 -21.67
C ASP A 413 -11.90 15.82 -20.85
N GLU A 414 -10.97 16.76 -20.95
CA GLU A 414 -9.65 16.61 -20.31
C GLU A 414 -9.78 16.40 -18.81
N MET A 415 -10.55 17.24 -18.14
CA MET A 415 -10.67 17.18 -16.69
C MET A 415 -11.37 15.94 -16.19
N ASP A 416 -12.03 15.18 -17.07
CA ASP A 416 -12.56 13.87 -16.71
C ASP A 416 -11.72 12.75 -17.27
N GLU A 417 -10.70 13.05 -18.07
CA GLU A 417 -9.72 12.04 -18.42
C GLU A 417 -8.66 11.90 -17.33
N THR A 418 -8.19 13.03 -16.78
CA THR A 418 -7.12 12.95 -15.80
C THR A 418 -7.58 12.23 -14.52
N LEU A 419 -8.81 12.49 -14.08
CA LEU A 419 -9.32 11.87 -12.87
C LEU A 419 -9.35 10.35 -12.98
N MET A 420 -9.96 9.84 -14.04
CA MET A 420 -10.06 8.40 -14.24
C MET A 420 -8.76 7.78 -14.70
N GLU A 421 -7.79 8.58 -15.17
CA GLU A 421 -6.46 8.03 -15.39
C GLU A 421 -5.70 7.85 -14.09
N SER A 422 -5.86 8.79 -13.16
CA SER A 422 -5.23 8.63 -11.85
C SER A 422 -5.83 7.47 -11.08
N LEU A 423 -7.15 7.29 -11.17
CA LEU A 423 -7.78 6.15 -10.50
C LEU A 423 -7.19 4.83 -10.97
N THR A 424 -7.07 4.65 -12.29
CA THR A 424 -6.56 3.39 -12.81
C THR A 424 -5.07 3.24 -12.55
N GLN A 425 -4.32 4.34 -12.52
CA GLN A 425 -2.92 4.23 -12.11
C GLN A 425 -2.80 3.69 -10.69
N PHE A 426 -3.61 4.21 -9.77
CA PHE A 426 -3.56 3.71 -8.40
C PHE A 426 -3.95 2.25 -8.33
N LEU A 427 -5.03 1.88 -9.03
CA LEU A 427 -5.45 0.48 -9.01
C LEU A 427 -4.40 -0.44 -9.62
N GLY A 428 -3.69 0.02 -10.65
CA GLY A 428 -2.63 -0.79 -11.21
C GLY A 428 -1.45 -0.95 -10.28
N TRP A 429 -1.09 0.11 -9.55
CA TRP A 429 0.00 -0.02 -8.60
C TRP A 429 -0.37 -0.92 -7.43
N SER A 430 -1.65 -0.98 -7.07
CA SER A 430 -2.05 -1.69 -5.86
C SER A 430 -2.18 -3.20 -6.04
N VAL A 431 -1.65 -3.79 -7.13
CA VAL A 431 -1.73 -5.23 -7.30
C VAL A 431 -0.57 -5.96 -6.63
N LEU A 432 0.29 -5.24 -5.91
CA LEU A 432 1.36 -5.90 -5.17
C LEU A 432 0.80 -6.76 -4.05
N ASN A 433 -0.27 -6.32 -3.38
CA ASN A 433 -0.80 -7.06 -2.25
C ASN A 433 -1.34 -8.43 -2.63
N PRO A 434 -2.19 -8.59 -3.65
CA PRO A 434 -2.74 -9.92 -3.94
C PRO A 434 -1.70 -10.97 -4.28
N ASP A 435 -0.53 -10.60 -4.79
CA ASP A 435 0.50 -11.60 -5.08
C ASP A 435 1.13 -12.14 -3.80
N THR A 436 1.45 -11.25 -2.87
CA THR A 436 2.01 -11.67 -1.59
C THR A 436 1.06 -12.61 -0.85
N TYR A 437 -0.24 -12.49 -1.07
CA TYR A 437 -1.18 -13.44 -0.49
C TYR A 437 -0.90 -14.85 -1.00
N GLU A 438 -0.69 -15.02 -2.30
CA GLU A 438 -0.36 -16.33 -2.84
C GLU A 438 0.98 -16.82 -2.34
N LEU A 439 1.97 -15.92 -2.25
CA LEU A 439 3.28 -16.34 -1.77
C LEU A 439 3.21 -16.83 -0.33
N MET A 440 2.45 -16.14 0.52
CA MET A 440 2.25 -16.59 1.89
C MET A 440 1.55 -17.94 1.93
N ASN A 441 0.47 -18.09 1.16
CA ASN A 441 -0.29 -19.33 1.21
C ASN A 441 0.44 -20.50 0.57
N LYS A 442 1.55 -20.26 -0.12
CA LYS A 442 2.42 -21.34 -0.54
C LYS A 442 3.56 -21.62 0.44
N LEU A 443 4.17 -20.57 1.00
CA LEU A 443 5.24 -20.78 1.98
C LEU A 443 4.73 -21.53 3.19
N GLU A 444 3.53 -21.19 3.67
CA GLU A 444 3.02 -21.85 4.86
C GLU A 444 2.81 -23.35 4.62
N ASN A 445 2.23 -23.71 3.48
CA ASN A 445 2.01 -25.12 3.19
C ASN A 445 3.31 -25.87 2.98
N ARG A 446 4.28 -25.27 2.31
CA ARG A 446 5.56 -25.94 2.13
C ARG A 446 6.25 -26.16 3.48
N LYS A 447 6.17 -25.18 4.37
CA LYS A 447 6.71 -25.36 5.72
C LYS A 447 6.01 -26.50 6.45
N ASP A 448 4.69 -26.58 6.32
CA ASP A 448 3.96 -27.66 7.00
C ASP A 448 4.38 -29.03 6.48
N ILE A 449 4.54 -29.17 5.17
CA ILE A 449 4.96 -30.46 4.60
C ILE A 449 6.35 -30.84 5.10
N PHE A 450 7.28 -29.89 5.05
CA PHE A 450 8.65 -30.24 5.48
C PHE A 450 8.76 -30.43 6.98
N GLN A 451 7.87 -29.83 7.78
CA GLN A 451 7.88 -30.11 9.21
C GLN A 451 7.20 -31.41 9.56
N ASP A 452 6.27 -31.88 8.72
CA ASP A 452 5.69 -33.19 8.95
C ASP A 452 6.59 -34.31 8.42
N MET A 453 7.55 -33.98 7.55
CA MET A 453 8.47 -35.02 7.12
C MET A 453 9.46 -35.41 8.21
N VAL A 454 9.85 -34.47 9.10
CA VAL A 454 10.79 -34.82 10.15
C VAL A 454 10.15 -35.61 11.28
N LYS A 455 8.82 -35.57 11.41
CA LYS A 455 8.20 -36.27 12.52
C LYS A 455 8.14 -37.77 12.29
N TYR A 456 8.26 -38.22 11.06
CA TYR A 456 8.31 -39.65 10.80
C TYR A 456 9.66 -40.26 11.14
N HIS A 457 10.74 -39.48 11.10
CA HIS A 457 12.07 -40.02 11.31
C HIS A 457 12.50 -40.04 12.77
N VAL A 458 11.85 -39.26 13.63
CA VAL A 458 12.24 -39.19 15.04
C VAL A 458 11.11 -39.71 15.92
N LYS A 459 10.35 -40.67 15.42
CA LYS A 459 9.24 -41.25 16.17
C LYS A 459 9.37 -42.76 16.15
N CYS A 460 8.85 -43.40 17.20
CA CYS A 460 8.95 -44.84 17.36
C CYS A 460 7.69 -45.40 16.69
N ASP A 461 7.93 -46.18 15.65
CA ASP A 461 6.78 -46.73 14.88
C ASP A 461 6.21 -47.95 15.56
N ASN A 462 5.21 -48.59 14.96
CA ASN A 462 4.62 -49.78 15.57
C ASN A 462 5.51 -50.95 15.94
N GLU A 463 6.44 -51.31 15.07
CA GLU A 463 7.51 -52.20 15.48
C GLU A 463 8.61 -51.37 16.14
N GLU A 464 9.53 -52.08 16.80
CA GLU A 464 10.63 -51.54 17.61
C GLU A 464 10.10 -51.01 18.94
N ILE A 465 8.78 -50.93 19.12
CA ILE A 465 8.21 -50.77 20.46
C ILE A 465 7.93 -52.13 21.09
N GLN A 466 8.05 -53.21 20.32
CA GLN A 466 7.94 -54.56 20.84
C GLN A 466 9.24 -55.03 21.49
N THR A 467 10.23 -54.15 21.60
CA THR A 467 11.46 -54.47 22.30
C THR A 467 11.40 -54.06 23.78
N ILE A 468 10.33 -53.41 24.20
CA ILE A 468 10.11 -53.10 25.60
C ILE A 468 8.77 -53.66 26.04
N LEU A 469 7.70 -53.21 25.41
CA LEU A 469 6.37 -53.78 25.64
C LEU A 469 6.21 -55.02 24.77
N LYS A 470 6.31 -56.19 25.38
CA LYS A 470 6.19 -57.44 24.66
C LYS A 470 4.77 -57.99 24.80
N THR A 471 3.84 -57.36 24.07
CA THR A 471 2.44 -57.75 24.19
C THR A 471 2.07 -58.89 23.25
N ARG A 472 2.75 -59.02 22.11
CA ARG A 472 2.36 -60.06 21.15
C ARG A 472 2.58 -61.45 21.72
N GLU A 473 3.72 -61.69 22.35
CA GLU A 473 4.05 -63.04 22.80
C GLU A 473 3.27 -63.45 24.04
N VAL A 474 2.99 -62.52 24.95
CA VAL A 474 2.32 -62.89 26.20
C VAL A 474 0.80 -62.83 26.06
N TYR A 475 0.28 -61.90 25.28
CA TYR A 475 -1.16 -61.72 25.13
C TYR A 475 -1.68 -62.00 23.73
N GLY A 476 -0.91 -61.68 22.70
CA GLY A 476 -1.37 -61.87 21.34
C GLY A 476 -2.22 -60.75 20.78
N LYS A 477 -2.11 -59.54 21.33
CA LYS A 477 -2.85 -58.39 20.83
C LYS A 477 -1.95 -57.16 20.85
N GLU A 478 -2.31 -56.19 20.04
CA GLU A 478 -1.50 -54.99 19.87
C GLU A 478 -1.60 -54.07 21.08
N PRO A 479 -0.57 -53.25 21.32
CA PRO A 479 -0.56 -52.44 22.55
C PRO A 479 -1.77 -51.54 22.73
N TRP A 480 -2.28 -50.95 21.65
CA TRP A 480 -3.40 -50.02 21.79
C TRP A 480 -4.71 -50.71 22.11
N GLU A 481 -4.76 -52.04 22.11
CA GLU A 481 -5.95 -52.77 22.47
C GLU A 481 -6.00 -53.20 23.93
N CYS A 482 -4.88 -53.09 24.65
CA CYS A 482 -4.83 -53.50 26.04
C CYS A 482 -5.45 -52.44 26.94
N GLU A 483 -5.62 -52.79 28.22
CA GLU A 483 -6.18 -51.90 29.21
C GLU A 483 -5.04 -51.26 30.02
N GLU A 484 -5.42 -50.41 30.98
CA GLU A 484 -4.42 -49.85 31.89
C GLU A 484 -3.76 -50.96 32.69
N GLU A 485 -4.50 -52.03 32.98
CA GLU A 485 -3.92 -53.20 33.60
C GLU A 485 -3.39 -54.15 32.53
N GLU A 486 -2.56 -55.10 32.97
CA GLU A 486 -1.79 -56.03 32.15
C GLU A 486 -0.66 -55.30 31.44
N LEU A 487 -0.71 -53.98 31.42
CA LEU A 487 0.36 -53.18 30.82
C LEU A 487 1.37 -52.79 31.87
N ALA A 488 0.91 -52.26 33.00
CA ALA A 488 1.77 -52.17 34.17
C ALA A 488 2.31 -53.54 34.54
N GLU A 489 1.48 -54.58 34.42
CA GLU A 489 1.93 -55.93 34.73
C GLU A 489 3.01 -56.39 33.76
N ILE A 490 2.83 -56.13 32.46
CA ILE A 490 3.82 -56.62 31.49
C ILE A 490 5.13 -55.86 31.62
N LEU A 491 5.08 -54.58 31.98
CA LEU A 491 6.33 -53.84 32.13
C LEU A 491 6.91 -53.92 33.55
N GLN A 492 6.21 -54.57 34.49
CA GLN A 492 6.75 -54.70 35.83
C GLN A 492 8.04 -55.52 35.82
N GLY A 493 8.07 -56.61 35.06
CA GLY A 493 9.24 -57.46 35.00
C GLY A 493 10.32 -57.03 34.04
N GLU A 494 10.07 -56.00 33.23
CA GLU A 494 11.02 -55.55 32.24
C GLU A 494 12.01 -54.54 32.81
N LEU A 495 11.51 -53.56 33.56
CA LEU A 495 12.33 -52.45 34.01
C LEU A 495 13.36 -52.93 35.04
N PRO A 496 14.52 -52.28 35.10
CA PRO A 496 15.52 -52.65 36.10
C PRO A 496 15.10 -52.30 37.51
N ASP A 497 15.96 -52.59 38.49
CA ASP A 497 15.69 -52.29 39.89
C ASP A 497 16.55 -51.13 40.34
N ALA A 498 15.95 -50.20 41.08
CA ALA A 498 16.62 -48.97 41.47
C ALA A 498 17.77 -49.19 42.45
N ASP A 499 17.89 -50.38 43.03
CA ASP A 499 18.94 -50.64 44.01
C ASP A 499 20.19 -51.22 43.36
N LYS A 500 20.02 -52.19 42.45
CA LYS A 500 21.16 -52.88 41.87
C LYS A 500 22.07 -51.93 41.09
N TYR A 501 21.48 -51.02 40.32
CA TYR A 501 22.23 -50.10 39.47
C TYR A 501 22.56 -48.78 40.16
N GLU A 502 22.17 -48.62 41.43
CA GLU A 502 22.35 -47.38 42.19
C GLU A 502 22.00 -46.15 41.36
N ILE A 503 20.72 -46.08 40.99
CA ILE A 503 20.24 -44.99 40.15
C ILE A 503 20.31 -43.66 40.88
N ASN A 504 20.20 -43.66 42.21
CA ASN A 504 20.09 -42.41 42.94
C ASN A 504 21.32 -42.14 43.80
N LYS A 505 22.51 -42.35 43.24
CA LYS A 505 23.76 -42.03 43.88
C LYS A 505 24.52 -41.02 43.03
N PHE A 506 25.58 -40.46 43.59
CA PHE A 506 26.36 -39.43 42.93
C PHE A 506 27.53 -39.98 42.11
N HIS A 507 27.75 -41.29 42.12
CA HIS A 507 28.88 -41.88 41.41
C HIS A 507 28.45 -42.80 40.29
N PHE A 508 27.21 -42.71 39.83
CA PHE A 508 26.72 -43.56 38.75
C PHE A 508 27.56 -43.36 37.49
N SER A 509 27.99 -44.46 36.88
CA SER A 509 28.75 -44.45 35.64
C SER A 509 28.07 -45.35 34.63
N ASP A 510 27.92 -44.86 33.40
CA ASP A 510 27.17 -45.58 32.37
C ASP A 510 28.06 -46.10 31.25
N LEU A 511 29.38 -46.15 31.46
CA LEU A 511 30.25 -46.65 30.40
C LEU A 511 29.95 -48.08 29.99
N PRO A 512 29.79 -49.05 30.91
CA PRO A 512 29.44 -50.42 30.49
C PRO A 512 27.93 -50.64 30.41
N LEU A 513 27.25 -49.88 29.55
CA LEU A 513 25.82 -50.04 29.37
C LEU A 513 25.45 -49.77 27.92
N THR A 514 24.50 -50.53 27.40
CA THR A 514 23.98 -50.33 26.07
C THR A 514 22.91 -49.24 26.07
N GLU A 515 22.69 -48.65 24.89
CA GLU A 515 21.75 -47.55 24.78
C GLU A 515 20.33 -47.97 25.11
N LEU A 516 19.99 -49.24 24.91
CA LEU A 516 18.64 -49.69 25.19
C LEU A 516 18.36 -49.72 26.69
N GLU A 517 19.37 -49.99 27.52
CA GLU A 517 19.16 -50.01 28.96
C GLU A 517 18.86 -48.63 29.51
N LEU A 518 19.51 -47.60 28.96
CA LEU A 518 19.30 -46.24 29.46
C LEU A 518 17.84 -45.82 29.30
N VAL A 519 17.19 -46.27 28.23
CA VAL A 519 15.77 -45.96 28.05
C VAL A 519 14.95 -46.59 29.17
N LYS A 520 15.24 -47.84 29.52
CA LYS A 520 14.49 -48.52 30.57
C LYS A 520 14.85 -48.03 31.97
N CYS A 521 15.96 -47.30 32.13
CA CYS A 521 16.20 -46.63 33.40
C CYS A 521 15.48 -45.29 33.46
N GLY A 522 15.47 -44.57 32.35
CA GLY A 522 14.71 -43.33 32.29
C GLY A 522 13.22 -43.56 32.52
N ILE A 523 12.69 -44.68 32.04
CA ILE A 523 11.30 -45.00 32.31
C ILE A 523 11.11 -45.26 33.81
N GLN A 524 12.07 -45.94 34.44
CA GLN A 524 11.95 -46.24 35.87
C GLN A 524 11.96 -44.97 36.71
N MET A 525 12.74 -43.98 36.30
CA MET A 525 12.83 -42.74 37.07
C MET A 525 11.45 -42.11 37.31
N TYR A 526 10.55 -42.19 36.33
CA TYR A 526 9.21 -41.65 36.52
C TYR A 526 8.42 -42.44 37.54
N TYR A 527 8.60 -43.76 37.60
CA TYR A 527 7.90 -44.56 38.59
C TYR A 527 8.43 -44.30 39.99
N GLU A 528 9.71 -44.00 40.12
CA GLU A 528 10.28 -43.76 41.44
C GLU A 528 9.67 -42.53 42.10
N LEU A 529 9.41 -41.48 41.33
CA LEU A 529 8.88 -40.24 41.88
C LEU A 529 7.41 -40.33 42.26
N LYS A 530 6.73 -41.43 41.95
CA LYS A 530 5.29 -41.58 42.20
C LYS A 530 4.49 -40.51 41.49
N VAL A 531 4.78 -40.30 40.22
CA VAL A 531 4.08 -39.29 39.42
C VAL A 531 3.11 -39.92 38.42
N VAL A 532 3.31 -41.19 38.05
CA VAL A 532 2.48 -41.80 37.01
C VAL A 532 1.03 -41.89 37.45
N ASP A 533 0.80 -42.34 38.69
CA ASP A 533 -0.57 -42.57 39.14
C ASP A 533 -1.27 -41.27 39.52
N LYS A 534 -0.54 -40.32 40.10
CA LYS A 534 -1.18 -39.10 40.60
C LYS A 534 -1.79 -38.29 39.48
N PHE A 535 -1.11 -38.19 38.33
CA PHE A 535 -1.60 -37.41 37.20
C PHE A 535 -2.21 -38.26 36.09
N HIS A 536 -2.26 -39.58 36.27
CA HIS A 536 -2.96 -40.47 35.35
C HIS A 536 -2.41 -40.40 33.92
N ILE A 537 -1.08 -40.40 33.79
CA ILE A 537 -0.48 -40.43 32.47
C ILE A 537 -0.60 -41.84 31.91
N PRO A 538 -0.75 -42.01 30.61
CA PRO A 538 -0.81 -43.36 30.04
C PRO A 538 0.57 -43.99 29.95
N GLN A 539 0.60 -45.26 29.58
CA GLN A 539 1.85 -46.01 29.52
C GLN A 539 2.50 -45.95 28.14
N GLU A 540 1.73 -46.28 27.10
CA GLU A 540 2.24 -46.25 25.74
C GLU A 540 2.84 -44.90 25.40
N ALA A 541 2.16 -43.82 25.80
CA ALA A 541 2.68 -42.48 25.52
C ALA A 541 4.03 -42.27 26.20
N LEU A 542 4.17 -42.73 27.43
CA LEU A 542 5.43 -42.56 28.14
C LEU A 542 6.57 -43.32 27.46
N VAL A 543 6.32 -44.57 27.11
CA VAL A 543 7.37 -45.38 26.49
C VAL A 543 7.75 -44.82 25.12
N ARG A 544 6.76 -44.44 24.33
CA ARG A 544 7.05 -43.85 23.03
C ARG A 544 7.81 -42.55 23.18
N PHE A 545 7.47 -41.74 24.18
CA PHE A 545 8.18 -40.48 24.40
C PHE A 545 9.65 -40.73 24.70
N MET A 546 9.94 -41.70 25.58
CA MET A 546 11.33 -41.98 25.90
C MET A 546 12.09 -42.51 24.70
N TYR A 547 11.50 -43.41 23.93
CA TYR A 547 12.22 -43.92 22.77
C TYR A 547 12.39 -42.87 21.68
N SER A 548 11.42 -41.97 21.52
CA SER A 548 11.55 -40.89 20.57
C SER A 548 12.66 -39.92 20.96
N LEU A 549 12.74 -39.57 22.25
CA LEU A 549 13.86 -38.75 22.69
C LEU A 549 15.18 -39.47 22.48
N SER A 550 15.19 -40.79 22.63
CA SER A 550 16.42 -41.53 22.35
C SER A 550 16.83 -41.37 20.89
N LYS A 551 15.87 -41.45 19.98
CA LYS A 551 16.18 -41.32 18.55
C LYS A 551 16.39 -39.89 18.09
N GLY A 552 16.04 -38.89 18.92
CA GLY A 552 16.10 -37.51 18.47
C GLY A 552 17.46 -36.86 18.50
N TYR A 553 18.39 -37.37 19.32
CA TYR A 553 19.74 -36.85 19.35
C TYR A 553 20.52 -37.31 18.12
N ARG A 554 21.57 -36.56 17.80
CA ARG A 554 22.42 -36.91 16.69
C ARG A 554 23.48 -37.92 17.15
N ARG A 555 24.48 -38.18 16.31
CA ARG A 555 25.53 -39.14 16.61
C ARG A 555 26.91 -38.49 16.59
N ILE A 556 27.00 -37.23 17.02
CA ILE A 556 28.27 -36.54 17.13
C ILE A 556 29.01 -37.09 18.34
N THR A 557 30.28 -36.70 18.49
CA THR A 557 31.15 -37.37 19.46
C THR A 557 30.67 -37.18 20.90
N TYR A 558 30.34 -35.95 21.29
CA TYR A 558 30.06 -35.66 22.69
C TYR A 558 28.59 -35.46 23.00
N HIS A 559 27.91 -34.56 22.29
CA HIS A 559 26.53 -34.20 22.63
C HIS A 559 25.53 -35.20 22.06
N ASN A 560 25.70 -36.46 22.42
CA ASN A 560 24.76 -37.51 22.04
C ASN A 560 23.88 -37.89 23.22
N TRP A 561 23.10 -38.97 23.04
CA TRP A 561 22.16 -39.41 24.07
C TRP A 561 22.88 -39.75 25.38
N ARG A 562 24.15 -40.14 25.31
CA ARG A 562 24.90 -40.42 26.52
C ARG A 562 25.05 -39.18 27.39
N HIS A 563 25.10 -37.99 26.80
CA HIS A 563 25.11 -36.76 27.55
C HIS A 563 23.72 -36.31 27.95
N GLY A 564 22.68 -36.86 27.33
CA GLY A 564 21.33 -36.49 27.69
C GLY A 564 20.79 -37.33 28.83
N PHE A 565 21.42 -38.48 29.07
CA PHE A 565 21.02 -39.29 30.21
C PHE A 565 21.70 -38.85 31.51
N ASN A 566 22.98 -38.50 31.43
CA ASN A 566 23.74 -38.16 32.63
C ASN A 566 23.31 -36.83 33.22
N VAL A 567 22.70 -35.94 32.43
CA VAL A 567 22.24 -34.67 32.96
C VAL A 567 20.83 -34.75 33.52
N GLY A 568 20.14 -35.87 33.32
CA GLY A 568 18.85 -36.07 33.93
C GLY A 568 18.99 -36.91 35.18
N GLN A 569 19.91 -37.88 35.14
CA GLN A 569 20.15 -38.68 36.33
C GLN A 569 20.69 -37.84 37.47
N THR A 570 21.55 -36.87 37.18
CA THR A 570 22.08 -36.01 38.24
C THR A 570 20.98 -35.18 38.88
N MET A 571 20.03 -34.69 38.08
CA MET A 571 18.93 -33.92 38.67
C MET A 571 17.99 -34.80 39.48
N PHE A 572 17.76 -36.04 39.05
CA PHE A 572 16.99 -36.96 39.87
C PHE A 572 17.70 -37.21 41.21
N SER A 573 19.02 -37.39 41.16
CA SER A 573 19.78 -37.60 42.38
C SER A 573 19.72 -36.38 43.30
N LEU A 574 19.75 -35.18 42.73
CA LEU A 574 19.63 -33.98 43.57
C LEU A 574 18.23 -33.89 44.19
N LEU A 575 17.19 -34.20 43.42
CA LEU A 575 15.84 -34.08 43.94
C LEU A 575 15.49 -35.16 44.95
N VAL A 576 16.21 -36.28 44.99
CA VAL A 576 15.87 -37.38 45.88
C VAL A 576 16.89 -37.55 47.00
N THR A 577 18.19 -37.50 46.67
CA THR A 577 19.21 -37.72 47.69
C THR A 577 19.67 -36.43 48.36
N GLY A 578 19.70 -35.32 47.62
CA GLY A 578 20.04 -34.05 48.23
C GLY A 578 18.89 -33.39 48.96
N LYS A 579 17.71 -33.99 48.93
CA LYS A 579 16.54 -33.53 49.67
C LYS A 579 16.17 -32.09 49.30
N LEU A 580 16.15 -31.81 48.01
CA LEU A 580 15.64 -30.54 47.52
C LEU A 580 14.18 -30.61 47.11
N LYS A 581 13.53 -31.76 47.30
CA LYS A 581 12.13 -31.90 46.90
C LYS A 581 11.18 -31.19 47.83
N ARG A 582 11.64 -30.76 49.01
CA ARG A 582 10.75 -30.14 49.98
C ARG A 582 10.17 -28.83 49.45
N TYR A 583 10.97 -28.06 48.73
CA TYR A 583 10.52 -26.76 48.26
C TYR A 583 9.53 -26.85 47.10
N PHE A 584 9.50 -27.96 46.37
CA PHE A 584 8.75 -28.05 45.13
C PHE A 584 7.60 -29.04 45.25
N THR A 585 6.49 -28.72 44.61
CA THR A 585 5.38 -29.65 44.49
C THR A 585 5.71 -30.72 43.47
N ASP A 586 4.79 -31.69 43.31
CA ASP A 586 5.05 -32.80 42.40
C ASP A 586 5.04 -32.36 40.94
N LEU A 587 4.16 -31.42 40.60
CA LEU A 587 4.08 -30.95 39.21
C LEU A 587 5.40 -30.35 38.75
N GLU A 588 6.00 -29.50 39.58
CA GLU A 588 7.26 -28.89 39.21
C GLU A 588 8.39 -29.91 39.15
N ALA A 589 8.36 -30.92 40.03
CA ALA A 589 9.35 -31.99 39.95
C ALA A 589 9.25 -32.72 38.62
N LEU A 590 8.03 -33.06 38.20
CA LEU A 590 7.83 -33.73 36.93
C LEU A 590 8.33 -32.86 35.78
N ALA A 591 7.99 -31.56 35.80
CA ALA A 591 8.41 -30.69 34.72
C ALA A 591 9.94 -30.58 34.64
N MET A 592 10.60 -30.45 35.79
CA MET A 592 12.06 -30.34 35.78
C MET A 592 12.71 -31.63 35.28
N VAL A 593 12.23 -32.78 35.74
CA VAL A 593 12.83 -34.04 35.31
C VAL A 593 12.65 -34.23 33.81
N THR A 594 11.47 -33.87 33.29
CA THR A 594 11.24 -34.07 31.85
C THR A 594 11.81 -32.95 31.00
N ALA A 595 12.29 -31.86 31.60
CA ALA A 595 12.98 -30.82 30.84
C ALA A 595 14.49 -30.89 31.00
N ALA A 596 14.99 -31.78 31.84
CA ALA A 596 16.42 -32.01 31.89
C ALA A 596 16.90 -32.98 30.81
N PHE A 597 16.02 -33.87 30.34
CA PHE A 597 16.42 -34.84 29.32
C PHE A 597 16.62 -34.17 27.96
N CYS A 598 15.72 -33.28 27.57
CA CYS A 598 15.75 -32.66 26.25
C CYS A 598 16.37 -31.27 26.27
N HIS A 599 17.38 -31.05 27.11
CA HIS A 599 17.98 -29.73 27.20
C HIS A 599 18.89 -29.43 26.02
N ASP A 600 19.62 -30.43 25.52
CA ASP A 600 20.49 -30.29 24.35
C ASP A 600 20.02 -31.33 23.33
N ILE A 601 19.01 -30.99 22.54
CA ILE A 601 18.42 -31.91 21.58
C ILE A 601 18.63 -31.34 20.18
N ASP A 602 19.05 -32.19 19.25
CA ASP A 602 19.34 -31.79 17.88
C ASP A 602 20.47 -30.75 17.84
N HIS A 603 21.53 -31.03 18.59
CA HIS A 603 22.67 -30.15 18.67
C HIS A 603 23.59 -30.42 17.49
N ARG A 604 23.84 -29.40 16.67
CA ARG A 604 24.67 -29.59 15.48
C ARG A 604 26.11 -29.93 15.85
N GLY A 605 26.67 -29.24 16.85
CA GLY A 605 28.03 -29.49 17.27
C GLY A 605 28.92 -28.27 17.24
N THR A 606 28.31 -27.08 17.24
CA THR A 606 29.04 -25.82 17.18
C THR A 606 28.39 -24.82 18.13
N ASN A 607 29.21 -23.98 18.75
CA ASN A 607 28.72 -23.05 19.76
C ASN A 607 28.01 -21.88 19.09
N ASN A 608 27.69 -20.85 19.88
CA ASN A 608 26.86 -19.74 19.42
C ASN A 608 27.61 -18.73 18.57
N LEU A 609 28.94 -18.76 18.55
CA LEU A 609 29.68 -17.80 17.73
C LEU A 609 29.71 -18.24 16.26
N TYR A 610 29.98 -19.52 16.03
CA TYR A 610 29.98 -20.04 14.67
C TYR A 610 28.63 -19.89 14.00
N GLN A 611 27.55 -19.79 14.77
CA GLN A 611 26.24 -19.56 14.18
C GLN A 611 26.08 -18.13 13.69
N MET A 612 26.72 -17.17 14.36
CA MET A 612 26.65 -15.78 13.92
C MET A 612 27.65 -15.48 12.80
N LYS A 613 28.81 -16.14 12.81
CA LYS A 613 29.82 -15.85 11.79
C LYS A 613 29.35 -16.27 10.41
N SER A 614 28.83 -17.48 10.27
CA SER A 614 28.45 -18.00 8.97
C SER A 614 27.07 -17.58 8.51
N GLN A 615 26.32 -16.84 9.33
CA GLN A 615 24.97 -16.40 9.01
C GLN A 615 24.06 -17.58 8.69
N ASN A 616 24.08 -18.58 9.58
CA ASN A 616 23.16 -19.69 9.49
C ASN A 616 21.73 -19.19 9.72
N PRO A 617 20.73 -19.87 9.15
CA PRO A 617 19.34 -19.43 9.36
C PRO A 617 18.92 -19.39 10.83
N LEU A 618 19.59 -20.13 11.71
CA LEU A 618 19.30 -20.00 13.14
C LEU A 618 19.61 -18.60 13.64
N ALA A 619 20.68 -17.99 13.13
CA ALA A 619 21.12 -16.69 13.63
C ALA A 619 20.20 -15.56 13.25
N LYS A 620 19.27 -15.76 12.33
CA LYS A 620 18.35 -14.71 11.91
C LYS A 620 17.00 -14.81 12.57
N LEU A 621 16.50 -16.02 12.81
CA LEU A 621 15.18 -16.17 13.42
C LEU A 621 15.20 -15.77 14.88
N HIS A 622 16.24 -16.16 15.62
CA HIS A 622 16.43 -15.76 17.00
C HIS A 622 17.51 -14.69 17.09
N GLY A 623 17.54 -13.99 18.21
CA GLY A 623 18.49 -12.90 18.33
C GLY A 623 19.54 -13.05 19.41
N SER A 624 19.19 -13.70 20.52
CA SER A 624 20.11 -13.92 21.62
C SER A 624 19.94 -15.33 22.15
N SER A 625 21.05 -15.95 22.53
CA SER A 625 21.06 -17.35 22.97
C SER A 625 20.41 -18.24 21.91
N ILE A 626 21.10 -18.30 20.77
CA ILE A 626 20.49 -18.81 19.54
C ILE A 626 20.08 -20.26 19.70
N LEU A 627 20.95 -21.08 20.28
CA LEU A 627 20.71 -22.53 20.29
C LEU A 627 19.70 -22.97 21.33
N GLU A 628 19.63 -22.29 22.47
CA GLU A 628 18.70 -22.71 23.52
C GLU A 628 17.25 -22.57 23.07
N ARG A 629 16.94 -21.48 22.37
CA ARG A 629 15.58 -21.30 21.89
C ARG A 629 15.21 -22.36 20.85
N HIS A 630 16.17 -22.78 20.03
CA HIS A 630 15.92 -23.87 19.11
C HIS A 630 15.63 -25.17 19.84
N HIS A 631 16.43 -25.48 20.86
CA HIS A 631 16.20 -26.69 21.65
C HIS A 631 14.80 -26.67 22.25
N LEU A 632 14.42 -25.54 22.84
CA LEU A 632 13.12 -25.42 23.48
C LEU A 632 11.98 -25.58 22.47
N GLU A 633 12.10 -24.92 21.32
CA GLU A 633 11.04 -24.99 20.32
C GLU A 633 10.87 -26.42 19.81
N PHE A 634 11.98 -27.11 19.52
CA PHE A 634 11.85 -28.48 19.03
C PHE A 634 11.26 -29.40 20.10
N GLY A 635 11.67 -29.23 21.36
CA GLY A 635 11.11 -30.05 22.41
C GLY A 635 9.61 -29.86 22.55
N LYS A 636 9.16 -28.61 22.56
CA LYS A 636 7.73 -28.36 22.70
C LYS A 636 6.96 -28.82 21.47
N THR A 637 7.56 -28.77 20.27
CA THR A 637 6.91 -29.34 19.11
C THR A 637 6.72 -30.84 19.27
N LEU A 638 7.73 -31.53 19.78
CA LEU A 638 7.59 -32.96 20.04
C LEU A 638 6.48 -33.23 21.05
N LEU A 639 6.39 -32.41 22.10
CA LEU A 639 5.42 -32.67 23.17
C LEU A 639 3.97 -32.45 22.76
N ARG A 640 3.70 -31.85 21.60
CA ARG A 640 2.34 -31.49 21.22
C ARG A 640 1.71 -32.50 20.25
N ASP A 641 2.25 -33.70 20.17
CA ASP A 641 1.71 -34.72 19.29
C ASP A 641 0.99 -35.78 20.10
N GLU A 642 -0.23 -36.09 19.70
CA GLU A 642 -0.94 -37.21 20.32
C GLU A 642 -0.19 -38.50 20.04
N SER A 643 -0.27 -39.43 20.99
CA SER A 643 0.50 -40.66 21.10
C SER A 643 1.92 -40.37 21.55
N LEU A 644 2.29 -39.11 21.76
CA LEU A 644 3.54 -38.74 22.40
C LEU A 644 3.35 -37.71 23.50
N ASN A 645 2.12 -37.31 23.79
CA ASN A 645 1.84 -36.26 24.75
C ASN A 645 1.55 -36.90 26.10
N ILE A 646 2.41 -36.63 27.09
CA ILE A 646 2.22 -37.15 28.43
C ILE A 646 1.49 -36.15 29.32
N PHE A 647 0.91 -35.11 28.75
CA PHE A 647 0.13 -34.13 29.50
C PHE A 647 -1.33 -34.15 29.06
N GLN A 648 -1.86 -35.35 28.81
CA GLN A 648 -3.23 -35.48 28.33
C GLN A 648 -4.27 -35.25 29.42
N ASN A 649 -3.92 -35.48 30.69
CA ASN A 649 -4.89 -35.49 31.77
C ASN A 649 -4.63 -34.38 32.77
N LEU A 650 -4.34 -33.19 32.27
CA LEU A 650 -4.16 -32.00 33.09
C LEU A 650 -5.13 -30.92 32.63
N ASN A 651 -5.66 -30.16 33.58
CA ASN A 651 -6.51 -29.04 33.24
C ASN A 651 -5.67 -27.89 32.71
N ARG A 652 -6.33 -26.79 32.34
CA ARG A 652 -5.62 -25.71 31.66
C ARG A 652 -4.58 -25.07 32.57
N ARG A 653 -4.92 -24.82 33.83
CA ARG A 653 -4.00 -24.13 34.73
C ARG A 653 -2.72 -24.93 34.94
N GLN A 654 -2.86 -26.21 35.25
CA GLN A 654 -1.69 -27.04 35.50
C GLN A 654 -0.81 -27.15 34.26
N HIS A 655 -1.43 -27.33 33.09
CA HIS A 655 -0.67 -27.43 31.85
C HIS A 655 0.11 -26.14 31.59
N GLU A 656 -0.54 -24.99 31.78
CA GLU A 656 0.16 -23.73 31.57
C GLU A 656 1.31 -23.56 32.54
N HIS A 657 1.11 -23.94 33.80
CA HIS A 657 2.18 -23.80 34.79
C HIS A 657 3.36 -24.70 34.44
N ALA A 658 3.09 -25.94 34.04
CA ALA A 658 4.17 -26.84 33.67
C ALA A 658 4.94 -26.32 32.47
N ILE A 659 4.24 -25.80 31.46
CA ILE A 659 4.93 -25.27 30.30
C ILE A 659 5.80 -24.08 30.67
N HIS A 660 5.29 -23.19 31.53
CA HIS A 660 6.07 -22.03 31.95
C HIS A 660 7.33 -22.46 32.70
N MET A 661 7.22 -23.44 33.59
CA MET A 661 8.39 -23.91 34.33
C MET A 661 9.42 -24.53 33.40
N MET A 662 8.96 -25.36 32.44
CA MET A 662 9.89 -25.95 31.49
C MET A 662 10.59 -24.89 30.66
N ASP A 663 9.84 -23.86 30.23
CA ASP A 663 10.42 -22.77 29.47
C ASP A 663 11.51 -22.06 30.26
N ILE A 664 11.24 -21.77 31.53
CA ILE A 664 12.26 -21.10 32.33
C ILE A 664 13.48 -22.00 32.54
N ALA A 665 13.27 -23.29 32.68
CA ALA A 665 14.37 -24.20 32.96
C ALA A 665 15.30 -24.33 31.76
N ILE A 666 14.75 -24.53 30.56
CA ILE A 666 15.60 -24.88 29.42
C ILE A 666 16.51 -23.72 29.02
N ILE A 667 16.02 -22.47 29.08
CA ILE A 667 16.83 -21.33 28.61
C ILE A 667 17.84 -20.88 29.64
N ALA A 668 17.89 -21.49 30.81
CA ALA A 668 18.79 -21.05 31.87
C ALA A 668 20.11 -21.80 31.86
N THR A 669 20.32 -22.71 30.91
CA THR A 669 21.55 -23.49 30.82
C THR A 669 22.58 -22.83 29.93
N ASP A 670 22.46 -21.53 29.67
CA ASP A 670 23.39 -20.79 28.83
C ASP A 670 24.38 -20.04 29.72
N LEU A 671 25.68 -20.20 29.45
CA LEU A 671 26.69 -19.64 30.34
C LEU A 671 26.66 -18.12 30.36
N ALA A 672 26.18 -17.49 29.30
CA ALA A 672 26.15 -16.03 29.28
C ALA A 672 25.09 -15.44 30.20
N LEU A 673 24.15 -16.25 30.68
CA LEU A 673 23.15 -15.79 31.63
C LEU A 673 23.43 -16.26 33.05
N TYR A 674 24.54 -16.97 33.25
CA TYR A 674 24.94 -17.42 34.57
C TYR A 674 25.90 -16.42 35.24
N PHE A 675 26.74 -15.76 34.45
CA PHE A 675 27.68 -14.80 35.02
C PHE A 675 27.01 -13.57 35.57
N LYS A 676 25.79 -13.26 35.15
CA LYS A 676 25.09 -12.08 35.61
C LYS A 676 24.05 -12.36 36.69
N LYS A 677 23.70 -13.62 36.92
CA LYS A 677 22.70 -13.94 37.93
C LYS A 677 23.31 -14.75 39.06
N ARG A 678 24.50 -14.35 39.51
CA ARG A 678 25.22 -15.05 40.57
C ARG A 678 25.05 -14.40 41.94
N THR A 679 25.09 -13.07 42.01
CA THR A 679 24.99 -12.39 43.30
C THR A 679 23.61 -12.58 43.93
N MET A 680 22.56 -12.67 43.12
CA MET A 680 21.24 -12.90 43.68
C MET A 680 21.18 -14.24 44.42
N PHE A 681 21.74 -15.29 43.81
CA PHE A 681 21.80 -16.58 44.49
C PHE A 681 22.69 -16.50 45.72
N GLN A 682 23.82 -15.79 45.62
CA GLN A 682 24.71 -15.68 46.77
C GLN A 682 24.05 -14.95 47.93
N LYS A 683 23.07 -14.09 47.65
CA LYS A 683 22.34 -13.42 48.71
C LYS A 683 21.20 -14.26 49.25
N ILE A 684 20.53 -15.02 48.38
CA ILE A 684 19.49 -15.94 48.86
C ILE A 684 20.09 -16.98 49.78
N VAL A 685 21.29 -17.45 49.49
CA VAL A 685 21.94 -18.42 50.38
C VAL A 685 22.25 -17.78 51.72
N ASP A 686 22.76 -16.54 51.71
CA ASP A 686 23.17 -15.91 52.95
C ASP A 686 21.98 -15.54 53.84
N GLN A 687 20.86 -15.15 53.24
CA GLN A 687 19.71 -14.77 54.07
C GLN A 687 19.04 -15.98 54.72
N SER A 688 19.42 -17.20 54.33
CA SER A 688 18.82 -18.39 54.93
C SER A 688 19.33 -18.66 56.34
N LYS A 689 20.49 -18.12 56.69
CA LYS A 689 21.05 -18.36 58.02
C LYS A 689 20.33 -17.57 59.11
N THR A 690 19.73 -16.43 58.76
CA THR A 690 19.09 -15.59 59.76
C THR A 690 17.83 -16.21 60.34
N TYR A 691 17.28 -17.24 59.71
CA TYR A 691 16.19 -18.02 60.32
C TYR A 691 16.79 -19.13 61.20
N GLU A 692 17.63 -18.69 62.13
CA GLU A 692 18.48 -19.61 62.87
C GLU A 692 17.65 -20.56 63.72
N THR A 693 18.29 -21.68 64.10
CA THR A 693 17.69 -22.70 64.94
C THR A 693 16.34 -23.16 64.39
N GLN A 694 16.18 -23.07 63.07
CA GLN A 694 14.92 -23.42 62.44
C GLN A 694 15.23 -24.10 61.10
N GLN A 695 14.91 -25.38 61.01
CA GLN A 695 14.84 -26.06 59.72
C GLN A 695 13.45 -25.94 59.11
N GLU A 696 12.57 -25.15 59.73
CA GLU A 696 11.21 -24.96 59.27
C GLU A 696 11.01 -23.61 58.60
N TRP A 697 12.08 -22.95 58.16
CA TRP A 697 11.89 -21.80 57.28
C TRP A 697 11.33 -22.25 55.94
N THR A 698 11.97 -23.26 55.34
CA THR A 698 11.47 -23.98 54.17
C THR A 698 10.90 -23.03 53.13
N GLN A 699 11.74 -22.10 52.67
CA GLN A 699 11.34 -21.08 51.69
C GLN A 699 10.09 -20.34 52.13
N TYR A 700 10.10 -19.90 53.39
CA TYR A 700 8.96 -19.24 54.01
C TYR A 700 7.70 -20.10 53.89
N MET A 701 7.89 -21.42 54.08
CA MET A 701 6.84 -22.40 53.83
C MET A 701 6.39 -22.37 52.37
N MET A 702 7.37 -22.31 51.46
CA MET A 702 7.21 -22.48 50.01
C MET A 702 6.12 -21.58 49.44
N LEU A 703 6.04 -20.34 49.94
CA LEU A 703 5.10 -19.37 49.41
C LEU A 703 5.75 -18.36 48.48
N ASP A 704 7.05 -18.10 48.65
CA ASP A 704 7.76 -17.23 47.72
C ASP A 704 7.84 -17.89 46.35
N GLN A 705 7.93 -17.07 45.31
CA GLN A 705 7.95 -17.58 43.95
C GLN A 705 9.17 -17.17 43.15
N THR A 706 9.73 -15.97 43.38
CA THR A 706 10.95 -15.60 42.67
C THR A 706 12.13 -16.47 43.11
N ARG A 707 12.22 -16.75 44.41
CA ARG A 707 13.35 -17.52 44.91
C ARG A 707 13.28 -18.97 44.45
N LYS A 708 12.08 -19.54 44.37
CA LYS A 708 11.92 -20.88 43.81
C LYS A 708 12.19 -20.92 42.32
N GLU A 709 12.26 -19.78 41.65
CA GLU A 709 12.64 -19.74 40.25
C GLU A 709 14.07 -19.26 40.04
N ILE A 710 14.76 -18.86 41.10
CA ILE A 710 16.19 -18.61 41.03
C ILE A 710 17.00 -19.81 41.49
N VAL A 711 16.46 -20.63 42.40
CA VAL A 711 17.17 -21.85 42.78
C VAL A 711 17.19 -22.86 41.63
N MET A 712 16.09 -22.91 40.86
CA MET A 712 15.99 -23.90 39.78
C MET A 712 17.03 -23.66 38.70
N ALA A 713 17.26 -22.41 38.32
CA ALA A 713 18.26 -22.12 37.30
C ALA A 713 19.65 -22.59 37.73
N MET A 714 20.00 -22.33 38.98
CA MET A 714 21.30 -22.78 39.48
C MET A 714 21.37 -24.30 39.54
N MET A 715 20.26 -24.96 39.89
CA MET A 715 20.25 -26.42 39.85
C MET A 715 20.51 -26.92 38.44
N MET A 716 19.91 -26.29 37.44
CA MET A 716 20.13 -26.73 36.06
C MET A 716 21.57 -26.50 35.63
N THR A 717 22.14 -25.34 35.97
CA THR A 717 23.51 -25.09 35.54
C THR A 717 24.54 -25.83 36.39
N ALA A 718 24.13 -26.46 37.49
CA ALA A 718 25.01 -27.38 38.18
C ALA A 718 24.86 -28.81 37.71
N CYS A 719 23.67 -29.18 37.24
CA CYS A 719 23.49 -30.49 36.62
C CYS A 719 24.21 -30.57 35.28
N ASP A 720 24.21 -29.47 34.52
CA ASP A 720 24.79 -29.51 33.18
C ASP A 720 26.28 -29.82 33.20
N LEU A 721 27.01 -29.25 34.16
CA LEU A 721 28.46 -29.42 34.25
C LEU A 721 28.88 -30.54 35.18
N SER A 722 27.97 -31.47 35.49
CA SER A 722 28.23 -32.46 36.52
C SER A 722 29.37 -33.41 36.16
N ALA A 723 29.78 -33.45 34.89
CA ALA A 723 30.79 -34.41 34.48
C ALA A 723 32.13 -34.17 35.18
N ILE A 724 32.40 -32.93 35.58
CA ILE A 724 33.68 -32.61 36.19
C ILE A 724 33.81 -33.18 37.60
N THR A 725 32.71 -33.58 38.23
CA THR A 725 32.72 -34.07 39.61
C THR A 725 32.68 -35.59 39.70
N LYS A 726 33.14 -36.28 38.67
CA LYS A 726 33.16 -37.73 38.64
C LYS A 726 34.51 -38.24 39.12
N PRO A 727 34.61 -39.53 39.42
CA PRO A 727 35.93 -40.10 39.74
C PRO A 727 36.90 -39.93 38.57
N TRP A 728 38.20 -39.99 38.90
CA TRP A 728 39.22 -39.63 37.93
C TRP A 728 39.20 -40.54 36.70
N GLU A 729 38.90 -41.82 36.89
CA GLU A 729 38.95 -42.78 35.81
C GLU A 729 37.87 -42.55 34.75
N VAL A 730 36.89 -41.69 35.02
CA VAL A 730 35.89 -41.31 34.04
C VAL A 730 36.19 -39.94 33.45
N GLN A 731 36.64 -39.01 34.28
CA GLN A 731 36.99 -37.67 33.81
C GLN A 731 38.12 -37.73 32.79
N SER A 732 39.10 -38.62 33.03
CA SER A 732 40.21 -38.74 32.10
C SER A 732 39.73 -39.10 30.70
N LYS A 733 38.74 -39.99 30.59
CA LYS A 733 38.20 -40.35 29.29
C LYS A 733 37.27 -39.29 28.72
N VAL A 734 36.52 -38.59 29.57
CA VAL A 734 35.55 -37.61 29.06
C VAL A 734 36.25 -36.37 28.50
N ALA A 735 37.41 -36.00 29.07
CA ALA A 735 38.08 -34.78 28.62
C ALA A 735 38.45 -34.83 27.15
N LEU A 736 38.95 -35.97 26.68
CA LEU A 736 39.34 -36.09 25.28
C LEU A 736 38.12 -35.96 24.36
N LEU A 737 37.00 -36.58 24.74
CA LEU A 737 35.78 -36.45 23.95
C LEU A 737 35.35 -34.99 23.87
N VAL A 738 35.44 -34.27 24.98
CA VAL A 738 35.00 -32.87 24.93
C VAL A 738 35.98 -32.01 24.15
N ALA A 739 37.26 -32.40 24.08
CA ALA A 739 38.21 -31.62 23.28
C ALA A 739 38.06 -31.89 21.79
N ALA A 740 37.61 -33.10 21.43
CA ALA A 740 37.52 -33.46 20.02
C ALA A 740 36.60 -32.53 19.25
N GLU A 741 35.48 -32.13 19.87
CA GLU A 741 34.53 -31.26 19.17
C GLU A 741 35.15 -29.89 18.87
N PHE A 742 35.87 -29.31 19.84
CA PHE A 742 36.54 -28.04 19.58
C PHE A 742 37.56 -28.20 18.46
N TRP A 743 38.33 -29.29 18.49
CA TRP A 743 39.31 -29.52 17.44
C TRP A 743 38.63 -29.62 16.07
N GLU A 744 37.46 -30.26 16.02
CA GLU A 744 36.76 -30.41 14.75
C GLU A 744 36.19 -29.09 14.26
N GLN A 745 35.67 -28.25 15.16
CA GLN A 745 35.16 -26.95 14.74
C GLN A 745 36.28 -26.05 14.24
N GLY A 746 37.48 -26.20 14.80
CA GLY A 746 38.60 -25.40 14.33
C GLY A 746 38.86 -25.58 12.84
N ASP A 747 38.83 -26.82 12.36
CA ASP A 747 39.10 -27.08 10.95
C ASP A 747 38.04 -26.42 10.06
N LEU A 748 36.77 -26.56 10.42
CA LEU A 748 35.71 -25.96 9.62
C LEU A 748 35.86 -24.44 9.55
N GLU A 749 36.12 -23.80 10.69
CA GLU A 749 36.26 -22.36 10.63
C GLU A 749 37.56 -21.91 10.02
N ARG A 750 38.56 -22.79 9.93
CA ARG A 750 39.80 -22.47 9.23
C ARG A 750 39.61 -22.54 7.73
N THR A 751 38.88 -23.54 7.24
CA THR A 751 38.75 -23.72 5.79
C THR A 751 37.63 -22.86 5.20
N VAL A 752 36.42 -22.94 5.76
CA VAL A 752 35.29 -22.26 5.14
C VAL A 752 35.45 -20.74 5.21
N LEU A 753 35.87 -20.21 6.36
CA LEU A 753 35.94 -18.78 6.55
C LEU A 753 37.34 -18.20 6.39
N GLN A 754 38.36 -19.05 6.31
CA GLN A 754 39.76 -18.62 6.23
C GLN A 754 40.10 -17.67 7.39
N GLN A 755 39.99 -18.20 8.60
CA GLN A 755 40.30 -17.44 9.81
C GLN A 755 41.15 -18.31 10.73
N ASN A 756 42.03 -17.65 11.47
CA ASN A 756 42.93 -18.37 12.37
C ASN A 756 42.21 -18.69 13.67
N PRO A 757 42.20 -19.95 14.10
CA PRO A 757 41.40 -20.34 15.26
C PRO A 757 42.05 -19.89 16.58
N ILE A 758 41.24 -19.97 17.63
CA ILE A 758 41.64 -19.68 19.00
C ILE A 758 42.54 -20.81 19.48
N PRO A 759 43.53 -20.54 20.33
CA PRO A 759 44.48 -21.60 20.73
C PRO A 759 43.84 -22.83 21.34
N MET A 760 42.64 -22.74 21.89
CA MET A 760 41.99 -23.92 22.47
C MET A 760 41.36 -24.81 21.42
N MET A 761 41.34 -24.40 20.15
CA MET A 761 40.65 -25.14 19.10
C MET A 761 41.58 -25.85 18.14
N ASP A 762 42.70 -25.26 17.76
CA ASP A 762 43.61 -25.88 16.82
C ASP A 762 44.35 -27.04 17.46
N ARG A 763 44.52 -28.13 16.70
CA ARG A 763 45.17 -29.32 17.23
C ARG A 763 46.62 -29.08 17.63
N ASN A 764 47.26 -28.05 17.08
CA ASN A 764 48.69 -27.87 17.27
C ASN A 764 49.08 -27.64 18.72
N LYS A 765 48.17 -27.13 19.55
CA LYS A 765 48.44 -27.08 20.99
C LYS A 765 47.90 -28.32 21.70
N ALA A 766 48.17 -29.50 21.15
CA ALA A 766 47.60 -30.72 21.72
C ALA A 766 48.14 -31.00 23.12
N ASP A 767 49.32 -30.49 23.43
CA ASP A 767 49.92 -30.70 24.73
C ASP A 767 49.55 -29.62 25.73
N GLU A 768 48.82 -28.59 25.32
CA GLU A 768 48.43 -27.53 26.24
C GLU A 768 47.08 -27.79 26.88
N LEU A 769 46.51 -28.98 26.70
CA LEU A 769 45.18 -29.27 27.23
C LEU A 769 45.10 -29.17 28.75
N PRO A 770 45.97 -29.81 29.54
CA PRO A 770 45.79 -29.75 31.00
C PRO A 770 45.75 -28.34 31.56
N LYS A 771 46.60 -27.45 31.08
CA LYS A 771 46.63 -26.09 31.62
C LYS A 771 45.27 -25.43 31.54
N LEU A 772 44.65 -25.45 30.35
CA LEU A 772 43.33 -24.86 30.20
C LEU A 772 42.33 -25.51 31.13
N GLN A 773 42.48 -26.82 31.37
CA GLN A 773 41.53 -27.51 32.22
C GLN A 773 41.63 -27.11 33.68
N VAL A 774 42.69 -26.41 34.09
CA VAL A 774 42.71 -25.86 35.45
C VAL A 774 42.29 -24.40 35.47
N GLY A 775 42.11 -23.77 34.30
CA GLY A 775 41.53 -22.45 34.27
C GLY A 775 40.03 -22.54 34.42
N PHE A 776 39.43 -23.39 33.59
CA PHE A 776 37.98 -23.58 33.61
C PHE A 776 37.48 -23.89 35.02
N ILE A 777 38.11 -24.87 35.67
CA ILE A 777 37.70 -25.25 37.03
C ILE A 777 37.79 -24.05 37.96
N ASP A 778 38.84 -23.23 37.81
CA ASP A 778 38.98 -22.08 38.70
C ASP A 778 37.99 -20.99 38.36
N PHE A 779 37.58 -20.89 37.09
CA PHE A 779 36.80 -19.74 36.67
C PHE A 779 35.30 -19.98 36.82
N VAL A 780 34.79 -21.03 36.21
CA VAL A 780 33.35 -21.18 36.00
C VAL A 780 32.71 -22.08 37.05
N CYS A 781 33.29 -23.27 37.28
CA CYS A 781 32.58 -24.34 37.98
C CYS A 781 33.13 -24.62 39.37
N THR A 782 33.76 -23.64 40.02
CA THR A 782 34.12 -23.81 41.42
C THR A 782 33.20 -23.07 42.37
N PHE A 783 32.51 -22.04 41.88
CA PHE A 783 31.60 -21.28 42.74
C PHE A 783 30.38 -22.11 43.11
N VAL A 784 29.72 -22.70 42.11
CA VAL A 784 28.41 -23.29 42.32
C VAL A 784 28.46 -24.38 43.39
N TYR A 785 29.36 -25.35 43.21
CA TYR A 785 29.43 -26.47 44.14
C TYR A 785 29.87 -26.02 45.51
N LYS A 786 30.48 -24.84 45.64
CA LYS A 786 30.75 -24.32 46.97
C LYS A 786 29.46 -23.86 47.64
N GLU A 787 28.66 -23.06 46.94
CA GLU A 787 27.53 -22.42 47.59
C GLU A 787 26.48 -23.44 48.00
N PHE A 788 26.15 -24.36 47.09
CA PHE A 788 25.23 -25.43 47.44
C PHE A 788 25.70 -26.17 48.68
N SER A 789 27.02 -26.32 48.84
CA SER A 789 27.53 -27.06 49.99
C SER A 789 27.14 -26.39 51.31
N ARG A 790 26.95 -25.07 51.29
CA ARG A 790 26.43 -24.40 52.47
C ARG A 790 24.90 -24.45 52.51
N PHE A 791 24.25 -24.38 51.35
CA PHE A 791 22.78 -24.37 51.32
C PHE A 791 22.22 -25.67 51.88
N HIS A 792 22.80 -26.80 51.49
CA HIS A 792 22.52 -28.09 52.09
C HIS A 792 23.83 -28.82 52.30
N GLU A 793 23.84 -29.71 53.28
CA GLU A 793 25.06 -30.43 53.62
C GLU A 793 25.15 -31.80 52.94
N GLU A 794 24.01 -32.41 52.64
CA GLU A 794 24.01 -33.77 52.10
C GLU A 794 24.61 -33.88 50.72
N ILE A 795 24.83 -32.76 50.03
CA ILE A 795 25.44 -32.79 48.71
C ILE A 795 26.90 -32.39 48.82
N THR A 796 27.46 -32.56 50.02
CA THR A 796 28.90 -32.37 50.19
C THR A 796 29.75 -33.27 49.31
N PRO A 797 29.45 -34.58 49.13
CA PRO A 797 30.36 -35.45 48.37
C PRO A 797 30.69 -34.96 46.96
N MET A 798 29.88 -34.09 46.39
CA MET A 798 30.24 -33.51 45.11
C MET A 798 31.36 -32.48 45.26
N LEU A 799 31.29 -31.64 46.29
CA LEU A 799 32.29 -30.59 46.47
C LEU A 799 33.68 -31.19 46.61
N ASP A 800 33.80 -32.33 47.31
CA ASP A 800 35.09 -32.99 47.40
C ASP A 800 35.58 -33.42 46.02
N GLY A 801 34.69 -34.02 45.21
CA GLY A 801 35.05 -34.54 43.91
C GLY A 801 35.90 -33.59 43.11
N ILE A 802 35.36 -32.41 42.82
CA ILE A 802 36.08 -31.42 42.01
C ILE A 802 37.48 -31.22 42.56
N THR A 803 37.59 -30.98 43.88
CA THR A 803 38.88 -30.70 44.47
C THR A 803 39.89 -31.76 44.08
N ASN A 804 39.53 -33.03 44.28
CA ASN A 804 40.45 -34.10 43.95
C ASN A 804 40.89 -34.00 42.50
N ASN A 805 39.92 -33.93 41.58
CA ASN A 805 40.25 -33.83 40.17
C ASN A 805 41.21 -32.70 39.92
N ARG A 806 40.93 -31.52 40.50
CA ARG A 806 41.77 -30.37 40.24
C ARG A 806 43.23 -30.71 40.50
N LYS A 807 43.49 -31.27 41.68
CA LYS A 807 44.87 -31.55 42.06
C LYS A 807 45.57 -32.33 40.96
N GLU A 808 44.94 -33.41 40.49
CA GLU A 808 45.59 -34.26 39.50
C GLU A 808 45.95 -33.44 38.27
N TRP A 809 44.98 -32.71 37.72
CA TRP A 809 45.26 -31.91 36.53
C TRP A 809 46.46 -31.02 36.76
N LYS A 810 46.47 -30.34 37.91
CA LYS A 810 47.56 -29.41 38.20
C LYS A 810 48.90 -30.12 38.05
N ALA A 811 49.05 -31.25 38.73
CA ALA A 811 50.32 -31.97 38.71
C ALA A 811 50.74 -32.23 37.27
N LEU A 812 49.82 -32.76 36.47
CA LEU A 812 50.16 -33.12 35.10
C LEU A 812 50.70 -31.91 34.36
N ALA A 813 50.01 -30.76 34.49
CA ALA A 813 50.44 -29.58 33.76
C ALA A 813 51.88 -29.25 34.10
N ASP A 814 52.23 -29.27 35.39
CA ASP A 814 53.58 -28.88 35.78
C ASP A 814 54.61 -29.75 35.09
N GLU A 815 54.35 -31.06 35.00
CA GLU A 815 55.29 -31.94 34.33
C GLU A 815 55.58 -31.44 32.93
N TYR A 816 54.52 -31.18 32.15
CA TYR A 816 54.70 -30.69 30.80
C TYR A 816 55.57 -29.45 30.78
N GLU A 817 55.33 -28.53 31.72
CA GLU A 817 56.11 -27.31 31.76
C GLU A 817 57.60 -27.62 31.83
N THR A 818 57.99 -28.54 32.71
CA THR A 818 59.40 -28.86 32.85
C THR A 818 59.95 -29.37 31.52
N LYS A 819 59.19 -30.21 30.82
CA LYS A 819 59.65 -30.72 29.53
C LYS A 819 59.90 -29.57 28.57
N MET A 820 59.01 -28.57 28.56
CA MET A 820 59.24 -27.42 27.71
C MET A 820 60.34 -26.53 28.26
N LYS A 821 60.49 -26.48 29.58
CA LYS A 821 61.50 -25.60 30.17
C LYS A 821 62.91 -26.12 29.91
N GLY A 822 63.10 -27.45 30.00
CA GLY A 822 64.43 -28.00 29.87
C GLY A 822 65.01 -27.85 28.47
N LEU A 823 64.21 -28.15 27.44
CA LEU A 823 64.75 -28.22 26.09
C LEU A 823 65.19 -26.85 25.58
N GLU A 824 64.44 -25.81 25.92
CA GLU A 824 64.73 -24.48 25.37
C GLU A 824 66.06 -23.95 25.88
N GLU A 825 66.38 -24.18 27.15
CA GLU A 825 67.58 -23.59 27.74
C GLU A 825 68.85 -24.22 27.16
N GLU A 826 68.91 -25.55 27.11
CA GLU A 826 70.11 -26.22 26.62
C GLU A 826 70.34 -25.96 25.14
N LYS A 827 69.27 -25.90 24.36
CA LYS A 827 69.37 -25.63 22.94
C LYS A 827 69.81 -24.20 22.69
N ALA B 19 -17.97 84.98 4.81
CA ALA B 19 -17.98 83.58 4.41
C ALA B 19 -18.40 82.67 5.58
N ASP B 20 -19.58 82.07 5.45
CA ASP B 20 -20.11 81.18 6.48
C ASP B 20 -21.18 80.31 5.85
N GLN B 21 -21.59 79.28 6.59
CA GLN B 21 -22.59 78.33 6.11
C GLN B 21 -23.93 78.63 6.77
N TYR B 22 -24.89 79.07 5.97
CA TYR B 22 -26.27 79.27 6.39
C TYR B 22 -27.08 78.15 5.74
N PHE B 23 -27.45 77.14 6.53
CA PHE B 23 -28.14 75.97 6.00
C PHE B 23 -29.53 76.34 5.49
N GLY B 24 -30.32 77.02 6.32
CA GLY B 24 -31.69 77.36 5.96
C GLY B 24 -32.47 76.17 5.42
N ARG B 25 -33.22 76.41 4.37
CA ARG B 25 -33.84 75.33 3.61
C ARG B 25 -33.76 75.56 2.10
N LYS B 26 -33.10 76.61 1.65
CA LYS B 26 -33.01 76.96 0.23
C LYS B 26 -32.07 75.98 -0.47
N LEU B 27 -32.65 75.03 -1.19
CA LEU B 27 -31.88 74.11 -2.02
C LEU B 27 -32.13 74.30 -3.50
N SER B 28 -32.91 75.31 -3.89
CA SER B 28 -33.20 75.52 -5.30
C SER B 28 -31.98 75.85 -6.16
N PRO B 29 -30.88 76.47 -5.65
CA PRO B 29 -29.71 76.65 -6.51
C PRO B 29 -28.98 75.35 -6.81
N GLU B 30 -29.73 74.35 -7.28
CA GLU B 30 -29.18 73.10 -7.80
C GLU B 30 -29.90 72.73 -9.09
N ASP B 31 -30.33 73.75 -9.84
CA ASP B 31 -31.07 73.60 -11.08
C ASP B 31 -30.09 73.48 -12.26
N VAL B 32 -30.62 73.61 -13.48
CA VAL B 32 -29.78 73.54 -14.67
C VAL B 32 -28.84 74.73 -14.69
N ALA B 33 -27.55 74.46 -14.90
CA ALA B 33 -26.53 75.49 -14.91
C ALA B 33 -26.21 75.92 -16.34
N ASN B 34 -25.95 77.21 -16.51
CA ASN B 34 -25.56 77.73 -17.81
C ASN B 34 -24.13 77.31 -18.15
N ALA B 35 -23.70 77.66 -19.35
CA ALA B 35 -22.32 77.39 -19.76
C ALA B 35 -21.37 78.07 -18.79
N CYS B 36 -20.63 77.26 -18.02
CA CYS B 36 -19.81 77.75 -16.93
C CYS B 36 -18.48 77.01 -16.92
N GLU B 37 -17.61 77.43 -16.00
CA GLU B 37 -16.28 76.85 -15.85
C GLU B 37 -16.39 75.48 -15.17
N ASP B 38 -15.23 74.79 -15.11
CA ASP B 38 -15.10 73.46 -14.52
C ASP B 38 -16.23 72.52 -14.97
N GLY B 39 -16.55 72.58 -16.26
CA GLY B 39 -17.53 71.72 -16.87
C GLY B 39 -16.95 70.94 -18.02
N CYS B 40 -15.72 70.45 -17.84
CA CYS B 40 -14.98 69.83 -18.93
C CYS B 40 -15.72 68.69 -19.64
N PRO B 41 -16.39 67.76 -18.95
CA PRO B 41 -17.08 66.69 -19.68
C PRO B 41 -18.16 67.24 -20.59
N GLU B 42 -18.37 66.54 -21.70
CA GLU B 42 -19.27 66.99 -22.76
C GLU B 42 -20.66 66.39 -22.53
N GLY B 43 -21.63 67.25 -22.26
CA GLY B 43 -23.00 66.82 -22.03
C GLY B 43 -23.48 66.96 -20.61
N CYS B 44 -22.66 67.45 -19.69
CA CYS B 44 -23.07 67.62 -18.32
C CYS B 44 -23.82 68.93 -18.18
N THR B 45 -25.04 68.87 -17.61
CA THR B 45 -25.86 70.05 -17.43
C THR B 45 -26.31 70.25 -15.99
N SER B 46 -25.78 69.47 -15.05
CA SER B 46 -26.17 69.60 -13.65
C SER B 46 -25.08 69.01 -12.77
N PHE B 47 -25.13 69.37 -11.48
CA PHE B 47 -24.20 68.79 -10.52
C PHE B 47 -24.39 67.28 -10.41
N ARG B 48 -25.63 66.82 -10.49
CA ARG B 48 -25.90 65.39 -10.43
C ARG B 48 -25.18 64.64 -11.54
N GLU B 49 -25.18 65.21 -12.76
CA GLU B 49 -24.50 64.56 -13.87
C GLU B 49 -23.00 64.45 -13.60
N LEU B 50 -22.41 65.51 -13.04
CA LEU B 50 -20.98 65.49 -12.74
C LEU B 50 -20.65 64.45 -11.68
N CYS B 51 -21.42 64.41 -10.60
CA CYS B 51 -21.15 63.45 -9.54
C CYS B 51 -21.52 62.03 -9.94
N GLN B 52 -22.27 61.87 -11.03
CA GLN B 52 -22.53 60.54 -11.56
C GLN B 52 -21.38 60.09 -12.47
N VAL B 53 -20.94 60.96 -13.37
CA VAL B 53 -19.90 60.58 -14.32
C VAL B 53 -18.57 60.35 -13.60
N GLU B 54 -18.26 61.17 -12.60
CA GLU B 54 -17.01 60.97 -11.86
C GLU B 54 -16.99 59.62 -11.17
N GLU B 55 -18.09 59.24 -10.52
CA GLU B 55 -18.16 57.96 -9.86
C GLU B 55 -18.09 56.81 -10.86
N SER B 56 -18.75 56.95 -12.01
CA SER B 56 -18.70 55.90 -13.01
C SER B 56 -17.28 55.68 -13.51
N ALA B 57 -16.55 56.76 -13.77
CA ALA B 57 -15.16 56.62 -14.19
C ALA B 57 -14.30 55.98 -13.12
N ALA B 58 -14.47 56.43 -11.87
CA ALA B 58 -13.71 55.85 -10.76
C ALA B 58 -14.00 54.37 -10.60
N LEU B 59 -15.23 53.95 -10.89
CA LEU B 59 -15.58 52.54 -10.78
C LEU B 59 -15.05 51.72 -11.96
N PHE B 60 -15.00 52.29 -13.16
CA PHE B 60 -14.42 51.57 -14.28
C PHE B 60 -12.92 51.35 -14.06
N GLU B 61 -12.24 52.38 -13.56
CA GLU B 61 -10.95 52.13 -12.95
C GLU B 61 -11.18 51.29 -11.69
N LEU B 62 -10.19 50.46 -11.35
CA LEU B 62 -10.26 49.46 -10.29
C LEU B 62 -11.09 48.25 -10.73
N VAL B 63 -11.83 48.33 -11.84
CA VAL B 63 -12.24 47.15 -12.58
C VAL B 63 -11.23 46.86 -13.68
N GLN B 64 -10.54 47.88 -14.18
CA GLN B 64 -9.42 47.64 -15.08
C GLN B 64 -8.21 47.01 -14.38
N ASP B 65 -8.23 46.88 -13.04
CA ASP B 65 -7.10 46.35 -12.31
C ASP B 65 -7.25 44.90 -11.89
N MET B 66 -8.41 44.29 -12.06
CA MET B 66 -8.61 42.87 -11.79
C MET B 66 -8.45 42.01 -13.04
N GLN B 67 -7.83 42.56 -14.09
CA GLN B 67 -7.71 41.83 -15.35
C GLN B 67 -6.86 40.57 -15.18
N GLU B 68 -5.76 40.67 -14.45
CA GLU B 68 -4.89 39.52 -14.23
C GLU B 68 -4.27 39.62 -12.85
N ASN B 69 -4.02 38.46 -12.23
CA ASN B 69 -3.28 38.38 -10.98
C ASN B 69 -3.97 39.22 -9.89
N VAL B 70 -5.16 38.76 -9.49
CA VAL B 70 -6.02 39.46 -8.55
C VAL B 70 -5.22 40.00 -7.38
N ASN B 71 -5.34 41.30 -7.14
CA ASN B 71 -4.56 42.01 -6.12
C ASN B 71 -5.48 42.29 -4.95
N MET B 72 -5.47 41.40 -3.96
CA MET B 72 -6.35 41.56 -2.81
C MET B 72 -6.02 42.83 -2.03
N GLU B 73 -4.73 43.11 -1.84
CA GLU B 73 -4.35 44.24 -1.02
C GLU B 73 -4.67 45.57 -1.71
N ARG B 74 -4.32 45.70 -2.99
CA ARG B 74 -4.35 47.01 -3.61
C ARG B 74 -5.79 47.50 -3.85
N VAL B 75 -6.65 46.66 -4.41
CA VAL B 75 -7.98 47.14 -4.79
C VAL B 75 -8.82 47.47 -3.55
N VAL B 76 -8.70 46.67 -2.49
CA VAL B 76 -9.44 46.97 -1.27
C VAL B 76 -8.95 48.28 -0.68
N PHE B 77 -7.66 48.58 -0.81
CA PHE B 77 -7.13 49.85 -0.32
C PHE B 77 -7.79 51.03 -1.04
N LYS B 78 -7.95 50.91 -2.36
CA LYS B 78 -8.56 52.01 -3.11
C LYS B 78 -10.07 52.08 -2.88
N ILE B 79 -10.71 50.97 -2.53
CA ILE B 79 -12.11 51.05 -2.14
C ILE B 79 -12.24 51.76 -0.79
N LEU B 80 -11.36 51.44 0.16
CA LEU B 80 -11.45 52.05 1.48
C LEU B 80 -11.11 53.53 1.44
N ARG B 81 -10.17 53.94 0.60
CA ARG B 81 -9.86 55.37 0.50
C ARG B 81 -11.06 56.17 0.03
N ARG B 82 -11.95 55.57 -0.78
CA ARG B 82 -13.15 56.28 -1.21
C ARG B 82 -14.24 56.19 -0.16
N LEU B 83 -14.42 55.01 0.45
CA LEU B 83 -15.45 54.84 1.46
C LEU B 83 -15.19 55.67 2.70
N CYS B 84 -13.94 56.01 2.96
CA CYS B 84 -13.65 56.91 4.08
C CYS B 84 -14.03 58.35 3.76
N SER B 85 -13.94 58.75 2.49
CA SER B 85 -14.34 60.10 2.11
C SER B 85 -15.85 60.25 2.01
N ILE B 86 -16.55 59.21 1.56
CA ILE B 86 -18.00 59.32 1.37
C ILE B 86 -18.71 59.50 2.70
N LEU B 87 -18.28 58.78 3.74
CA LEU B 87 -18.98 58.77 5.01
C LEU B 87 -18.54 59.87 5.96
N HIS B 88 -17.53 60.67 5.60
CA HIS B 88 -16.97 61.74 6.48
C HIS B 88 -16.31 61.14 7.71
N ALA B 89 -15.94 59.88 7.68
CA ALA B 89 -15.27 59.20 8.80
C ALA B 89 -13.78 59.57 8.85
N ASP B 90 -13.07 59.23 9.92
CA ASP B 90 -11.66 59.63 10.07
C ASP B 90 -10.69 58.44 9.91
N ARG B 91 -11.16 57.21 9.93
CA ARG B 91 -10.24 56.07 9.86
C ARG B 91 -11.00 54.86 9.36
N CYS B 92 -10.33 53.82 8.87
CA CYS B 92 -11.02 52.57 8.46
C CYS B 92 -10.10 51.38 8.68
N SER B 93 -10.56 50.13 8.55
CA SER B 93 -9.65 49.01 8.85
C SER B 93 -10.08 47.74 8.13
N LEU B 94 -9.44 46.60 8.38
CA LEU B 94 -9.77 45.33 7.76
C LEU B 94 -9.15 44.22 8.59
N PHE B 95 -9.96 43.26 9.01
CA PHE B 95 -9.53 42.14 9.83
C PHE B 95 -9.78 40.84 9.09
N MET B 96 -8.81 39.94 9.11
CA MET B 96 -8.93 38.63 8.47
C MET B 96 -9.23 37.56 9.50
N TYR B 97 -9.81 36.46 9.02
CA TYR B 97 -10.36 35.41 9.87
C TYR B 97 -9.58 34.12 9.64
N ARG B 98 -9.20 33.45 10.72
CA ARG B 98 -8.51 32.17 10.58
C ARG B 98 -8.72 31.32 11.81
N GLN B 99 -8.47 30.02 11.67
CA GLN B 99 -8.69 29.04 12.72
C GLN B 99 -7.41 28.28 13.03
N ARG B 100 -7.03 28.25 14.32
CA ARG B 100 -5.90 27.46 14.78
C ARG B 100 -6.38 26.46 15.83
N ASN B 101 -6.05 25.18 15.60
CA ASN B 101 -6.41 24.06 16.46
C ASN B 101 -7.82 24.18 17.02
N GLY B 102 -8.78 24.46 16.14
CA GLY B 102 -10.19 24.38 16.45
C GLY B 102 -10.83 25.68 16.87
N VAL B 103 -10.05 26.65 17.30
CA VAL B 103 -10.57 27.93 17.75
C VAL B 103 -10.38 28.95 16.65
N ALA B 104 -11.27 29.94 16.59
CA ALA B 104 -11.24 30.97 15.57
C ALA B 104 -10.66 32.26 16.13
N GLU B 105 -10.16 33.10 15.23
CA GLU B 105 -9.55 34.36 15.65
C GLU B 105 -9.48 35.30 14.44
N LEU B 106 -9.19 36.57 14.74
CA LEU B 106 -9.22 37.64 13.75
C LEU B 106 -7.92 38.44 13.84
N ALA B 107 -7.09 38.33 12.81
CA ALA B 107 -5.83 39.06 12.74
C ALA B 107 -6.06 40.44 12.12
N THR B 108 -4.97 41.12 11.77
CA THR B 108 -5.02 42.46 11.19
C THR B 108 -4.28 42.46 9.88
N ARG B 109 -4.84 43.15 8.88
CA ARG B 109 -4.21 43.19 7.56
C ARG B 109 -4.10 44.61 7.02
N LEU B 110 -5.00 45.50 7.45
CA LEU B 110 -4.94 46.91 7.06
C LEU B 110 -5.38 47.74 8.25
N PHE B 111 -4.57 48.73 8.61
CA PHE B 111 -4.80 49.50 9.82
C PHE B 111 -4.64 50.99 9.53
N SER B 112 -5.59 51.78 10.03
CA SER B 112 -5.51 53.24 10.00
C SER B 112 -5.43 53.80 8.58
N VAL B 113 -6.27 53.28 7.69
CA VAL B 113 -6.37 53.85 6.35
C VAL B 113 -7.15 55.14 6.41
N GLN B 114 -6.60 56.20 5.83
CA GLN B 114 -7.24 57.51 5.81
C GLN B 114 -7.07 58.11 4.42
N PRO B 115 -7.88 59.11 4.06
CA PRO B 115 -8.06 59.43 2.63
C PRO B 115 -6.80 59.74 1.86
N ASP B 116 -5.76 60.29 2.48
CA ASP B 116 -4.59 60.73 1.73
C ASP B 116 -3.35 59.88 2.00
N SER B 117 -3.51 58.69 2.57
CA SER B 117 -2.36 57.84 2.86
C SER B 117 -1.94 57.07 1.62
N VAL B 118 -0.84 56.32 1.75
CA VAL B 118 -0.33 55.49 0.67
C VAL B 118 -0.34 54.03 1.11
N LEU B 119 0.02 53.12 0.21
CA LEU B 119 -0.04 51.70 0.52
C LEU B 119 1.09 51.27 1.45
N GLU B 120 2.22 51.97 1.43
CA GLU B 120 3.38 51.54 2.21
C GLU B 120 3.21 51.81 3.70
N ASP B 121 2.39 52.79 4.07
CA ASP B 121 2.21 53.16 5.47
C ASP B 121 0.94 52.60 6.09
N CYS B 122 0.30 51.64 5.43
CA CYS B 122 -0.93 51.06 5.97
C CYS B 122 -0.99 49.54 5.84
N LEU B 123 0.08 48.90 5.40
CA LEU B 123 0.11 47.45 5.24
C LEU B 123 0.86 46.84 6.41
N VAL B 124 0.24 45.87 7.08
CA VAL B 124 0.76 45.29 8.31
C VAL B 124 1.48 44.00 7.97
N PRO B 125 2.78 43.89 8.24
CA PRO B 125 3.49 42.63 8.00
C PRO B 125 3.06 41.57 9.01
N PRO B 126 3.46 40.31 8.80
CA PRO B 126 3.01 39.24 9.71
C PRO B 126 3.55 39.36 11.13
N ASP B 127 4.56 40.18 11.38
CA ASP B 127 5.16 40.26 12.71
C ASP B 127 4.51 41.31 13.60
N SER B 128 4.00 42.39 13.03
CA SER B 128 3.38 43.45 13.82
C SER B 128 1.86 43.32 13.82
N GLU B 129 1.37 42.20 14.33
CA GLU B 129 -0.05 41.88 14.27
C GLU B 129 -0.69 42.05 15.63
N ILE B 130 -2.02 42.06 15.63
CA ILE B 130 -2.84 42.03 16.84
C ILE B 130 -3.95 41.02 16.62
N VAL B 131 -4.06 40.03 17.50
CA VAL B 131 -4.99 38.92 17.32
C VAL B 131 -6.06 38.98 18.40
N PHE B 132 -7.32 38.98 17.98
CA PHE B 132 -8.46 39.05 18.89
C PHE B 132 -9.21 37.73 18.88
N PRO B 133 -9.32 37.01 19.99
CA PRO B 133 -10.30 35.93 20.06
C PRO B 133 -11.70 36.50 19.99
N LEU B 134 -12.63 35.72 19.44
CA LEU B 134 -13.93 36.25 19.07
C LEU B 134 -14.94 36.22 20.21
N ASP B 135 -14.47 36.22 21.46
CA ASP B 135 -15.34 36.50 22.60
C ASP B 135 -14.94 37.79 23.30
N ILE B 136 -14.16 38.64 22.62
CA ILE B 136 -13.67 39.90 23.17
C ILE B 136 -13.89 40.99 22.14
N GLY B 137 -14.61 42.04 22.52
CA GLY B 137 -14.69 43.24 21.72
C GLY B 137 -15.84 43.23 20.71
N VAL B 138 -16.05 44.41 20.14
CA VAL B 138 -17.10 44.58 19.14
C VAL B 138 -16.79 43.75 17.91
N VAL B 139 -15.51 43.62 17.56
CA VAL B 139 -15.12 42.82 16.40
C VAL B 139 -15.52 41.37 16.61
N GLY B 140 -15.22 40.82 17.79
CA GLY B 140 -15.64 39.46 18.08
C GLY B 140 -17.14 39.31 18.09
N HIS B 141 -17.85 40.29 18.67
CA HIS B 141 -19.31 40.22 18.70
C HIS B 141 -19.89 40.19 17.30
N VAL B 142 -19.36 41.02 16.39
CA VAL B 142 -19.85 41.06 15.02
C VAL B 142 -19.54 39.74 14.32
N ALA B 143 -18.31 39.26 14.43
CA ALA B 143 -17.95 38.04 13.74
C ALA B 143 -18.67 36.82 14.30
N GLN B 144 -19.22 36.92 15.51
CA GLN B 144 -19.98 35.80 16.05
C GLN B 144 -21.47 35.87 15.71
N THR B 145 -22.07 37.06 15.80
CA THR B 145 -23.50 37.18 15.50
C THR B 145 -23.80 37.18 14.01
N LYS B 146 -22.83 37.59 13.18
CA LYS B 146 -22.98 37.64 11.72
C LYS B 146 -24.00 38.68 11.29
N LYS B 147 -23.99 39.85 11.92
CA LYS B 147 -24.89 40.93 11.56
C LYS B 147 -24.18 42.27 11.72
N MET B 148 -24.75 43.29 11.09
CA MET B 148 -24.19 44.63 11.19
C MET B 148 -24.33 45.16 12.62
N VAL B 149 -23.41 46.04 13.01
CA VAL B 149 -23.43 46.65 14.33
C VAL B 149 -23.15 48.14 14.19
N ASN B 150 -23.95 48.95 14.88
CA ASN B 150 -23.79 50.40 14.92
C ASN B 150 -23.83 50.84 16.37
N VAL B 151 -22.74 51.47 16.82
CA VAL B 151 -22.59 51.87 18.21
C VAL B 151 -22.42 53.39 18.24
N GLN B 152 -23.41 54.08 18.81
CA GLN B 152 -23.37 55.53 18.89
C GLN B 152 -22.35 55.99 19.93
N ASP B 153 -22.25 55.30 21.05
CA ASP B 153 -21.28 55.65 22.07
C ASP B 153 -20.75 54.37 22.71
N VAL B 154 -19.45 54.34 22.98
CA VAL B 154 -18.81 53.14 23.50
C VAL B 154 -18.77 53.10 25.02
N MET B 155 -19.14 54.19 25.69
CA MET B 155 -19.13 54.21 27.15
C MET B 155 -20.19 53.29 27.74
N GLU B 156 -21.16 52.85 26.95
CA GLU B 156 -22.25 52.02 27.45
C GLU B 156 -22.21 50.58 26.96
N CYS B 157 -21.61 50.31 25.81
CA CYS B 157 -21.65 48.96 25.26
C CYS B 157 -20.89 48.00 26.16
N PRO B 158 -21.50 46.89 26.57
CA PRO B 158 -20.74 45.91 27.37
C PRO B 158 -19.52 45.36 26.65
N HIS B 159 -19.63 45.15 25.34
CA HIS B 159 -18.52 44.62 24.54
C HIS B 159 -17.67 45.79 24.07
N PHE B 160 -16.48 45.93 24.66
CA PHE B 160 -15.54 46.95 24.24
C PHE B 160 -14.20 46.66 24.88
N SER B 161 -13.13 47.04 24.18
CA SER B 161 -11.78 46.82 24.70
C SER B 161 -10.95 48.07 24.44
N SER B 162 -10.20 48.48 25.46
CA SER B 162 -9.25 49.58 25.33
C SER B 162 -7.84 49.08 25.09
N PHE B 163 -7.68 47.79 24.82
CA PHE B 163 -6.35 47.24 24.58
C PHE B 163 -5.71 47.86 23.36
N ALA B 164 -6.47 48.04 22.28
CA ALA B 164 -5.94 48.64 21.07
C ALA B 164 -5.82 50.15 21.16
N ASP B 165 -6.32 50.77 22.23
CA ASP B 165 -6.19 52.22 22.39
C ASP B 165 -4.96 52.61 23.20
N GLU B 166 -4.42 51.70 24.02
CA GLU B 166 -3.20 52.02 24.75
C GLU B 166 -1.97 51.92 23.86
N LEU B 167 -1.96 50.95 22.94
CA LEU B 167 -0.81 50.78 22.06
C LEU B 167 -0.68 51.93 21.06
N THR B 168 -1.81 52.36 20.49
CA THR B 168 -1.78 53.34 19.41
C THR B 168 -2.01 54.78 19.88
N ASP B 169 -2.36 54.98 21.14
CA ASP B 169 -2.61 56.31 21.69
C ASP B 169 -3.73 57.02 20.91
N TYR B 170 -4.92 56.45 21.00
CA TYR B 170 -6.06 56.94 20.25
C TYR B 170 -7.34 56.65 21.02
N VAL B 171 -8.35 57.50 20.81
CA VAL B 171 -9.62 57.42 21.52
C VAL B 171 -10.74 57.27 20.51
N THR B 172 -11.58 56.26 20.70
CA THR B 172 -12.69 55.96 19.79
C THR B 172 -14.01 56.28 20.48
N ARG B 173 -14.94 56.86 19.71
CA ARG B 173 -16.24 57.24 20.23
C ARG B 173 -17.40 56.53 19.57
N ASN B 174 -17.45 56.49 18.23
CA ASN B 174 -18.53 55.85 17.50
C ASN B 174 -17.96 54.73 16.64
N ILE B 175 -18.76 53.71 16.37
CA ILE B 175 -18.30 52.56 15.61
C ILE B 175 -19.40 52.08 14.67
N LEU B 176 -18.99 51.63 13.49
CA LEU B 176 -19.92 51.04 12.52
C LEU B 176 -19.19 49.89 11.83
N ALA B 177 -19.71 48.68 11.95
CA ALA B 177 -19.00 47.52 11.43
C ALA B 177 -19.97 46.50 10.86
N THR B 178 -19.45 45.67 9.96
CA THR B 178 -20.25 44.64 9.31
C THR B 178 -19.32 43.50 8.91
N PRO B 179 -19.83 42.28 8.79
CA PRO B 179 -18.99 41.19 8.29
C PRO B 179 -19.07 41.05 6.78
N ILE B 180 -18.32 40.10 6.23
CA ILE B 180 -18.36 39.79 4.81
C ILE B 180 -18.45 38.28 4.68
N MET B 181 -19.46 37.81 3.94
CA MET B 181 -19.88 36.42 4.00
C MET B 181 -19.68 35.73 2.66
N ASN B 182 -19.12 34.53 2.71
CA ASN B 182 -19.09 33.60 1.58
C ASN B 182 -19.95 32.41 1.97
N GLY B 183 -21.16 32.35 1.40
CA GLY B 183 -22.08 31.29 1.76
C GLY B 183 -22.52 31.41 3.21
N LYS B 184 -22.06 30.49 4.05
CA LYS B 184 -22.34 30.54 5.48
C LYS B 184 -21.09 30.83 6.31
N ASP B 185 -20.00 31.28 5.67
CA ASP B 185 -18.74 31.51 6.36
C ASP B 185 -18.38 32.98 6.35
N VAL B 186 -17.60 33.40 7.33
CA VAL B 186 -17.09 34.76 7.41
C VAL B 186 -15.72 34.80 6.77
N VAL B 187 -15.38 35.94 6.15
CA VAL B 187 -14.09 36.07 5.50
C VAL B 187 -13.33 37.29 6.04
N ALA B 188 -14.04 38.30 6.51
CA ALA B 188 -13.39 39.52 6.97
C ALA B 188 -14.37 40.38 7.73
N VAL B 189 -13.87 41.47 8.31
CA VAL B 189 -14.65 42.45 9.06
C VAL B 189 -14.09 43.83 8.76
N ILE B 190 -14.97 44.82 8.59
CA ILE B 190 -14.57 46.16 8.20
C ILE B 190 -15.14 47.15 9.21
N MET B 191 -14.37 48.19 9.53
CA MET B 191 -14.76 49.16 10.55
C MET B 191 -14.65 50.59 10.01
N ALA B 192 -15.45 51.48 10.59
CA ALA B 192 -15.57 52.86 10.11
C ALA B 192 -15.53 53.85 11.28
N VAL B 193 -14.53 53.67 12.16
CA VAL B 193 -14.43 54.43 13.40
C VAL B 193 -14.54 55.94 13.18
N ASN B 194 -15.05 56.64 14.20
CA ASN B 194 -14.79 58.07 14.42
C ASN B 194 -15.33 59.08 13.39
N LYS B 195 -16.63 59.36 13.45
CA LYS B 195 -17.30 60.29 12.55
C LYS B 195 -17.09 61.73 13.02
N LEU B 196 -16.98 62.66 12.06
CA LEU B 196 -16.35 63.96 12.28
C LEU B 196 -17.31 65.12 12.54
N ASP B 197 -18.57 65.03 12.12
CA ASP B 197 -19.41 66.22 12.24
C ASP B 197 -20.61 66.02 13.14
N GLY B 198 -21.41 65.00 12.86
CA GLY B 198 -22.57 64.71 13.68
C GLY B 198 -22.15 64.08 14.99
N PRO B 199 -23.09 64.00 15.94
CA PRO B 199 -22.82 63.24 17.16
C PRO B 199 -22.54 61.77 16.88
N CYS B 200 -23.19 61.19 15.88
CA CYS B 200 -23.01 59.78 15.55
C CYS B 200 -23.41 59.55 14.11
N PHE B 201 -23.18 58.33 13.64
CA PHE B 201 -23.56 57.98 12.27
C PHE B 201 -25.07 57.97 12.14
N THR B 202 -25.58 58.64 11.11
CA THR B 202 -27.00 58.67 10.86
C THR B 202 -27.48 57.29 10.38
N SER B 203 -28.78 57.17 10.14
CA SER B 203 -29.35 55.93 9.65
C SER B 203 -29.30 55.81 8.14
N GLU B 204 -29.06 56.90 7.42
CA GLU B 204 -29.00 56.84 5.96
C GLU B 204 -27.66 56.35 5.45
N ASP B 205 -26.62 56.33 6.29
CA ASP B 205 -25.33 55.80 5.85
C ASP B 205 -25.29 54.29 5.85
N GLU B 206 -26.14 53.64 6.66
CA GLU B 206 -26.11 52.19 6.77
C GLU B 206 -26.51 51.48 5.49
N ASP B 207 -27.15 52.18 4.54
CA ASP B 207 -27.45 51.57 3.25
C ASP B 207 -26.39 51.87 2.21
N VAL B 208 -25.78 53.06 2.27
CA VAL B 208 -24.62 53.35 1.43
C VAL B 208 -23.51 52.35 1.71
N PHE B 209 -23.30 52.03 3.00
CA PHE B 209 -22.27 51.08 3.38
C PHE B 209 -22.47 49.75 2.68
N LEU B 210 -23.67 49.17 2.82
CA LEU B 210 -23.94 47.86 2.26
C LEU B 210 -23.93 47.88 0.73
N LYS B 211 -24.53 48.92 0.12
CA LYS B 211 -24.60 48.95 -1.32
C LYS B 211 -23.27 49.28 -1.98
N TYR B 212 -22.32 49.86 -1.23
CA TYR B 212 -21.01 50.14 -1.79
C TYR B 212 -20.00 49.03 -1.50
N LEU B 213 -20.21 48.22 -0.47
CA LEU B 213 -19.31 47.09 -0.25
C LEU B 213 -19.63 45.89 -1.11
N ASN B 214 -20.68 45.97 -1.92
CA ASN B 214 -21.03 44.86 -2.80
C ASN B 214 -19.95 44.57 -3.83
N PHE B 215 -19.11 45.54 -4.15
CA PHE B 215 -18.06 45.27 -5.12
C PHE B 215 -16.82 44.67 -4.46
N GLY B 216 -16.47 45.13 -3.26
CA GLY B 216 -15.38 44.52 -2.53
C GLY B 216 -15.68 43.11 -2.06
N THR B 217 -16.97 42.80 -1.85
CA THR B 217 -17.35 41.44 -1.50
C THR B 217 -16.93 40.46 -2.60
N LEU B 218 -17.13 40.85 -3.86
CA LEU B 218 -16.76 39.97 -4.97
C LEU B 218 -15.27 39.71 -4.98
N ASN B 219 -14.46 40.75 -4.78
CA ASN B 219 -13.02 40.57 -4.81
C ASN B 219 -12.54 39.68 -3.66
N LEU B 220 -13.09 39.88 -2.46
CA LEU B 220 -12.66 39.04 -1.35
C LEU B 220 -13.11 37.60 -1.53
N LYS B 221 -14.29 37.38 -2.12
CA LYS B 221 -14.73 36.02 -2.39
C LYS B 221 -13.83 35.36 -3.44
N ILE B 222 -13.41 36.12 -4.47
CA ILE B 222 -12.49 35.57 -5.46
C ILE B 222 -11.18 35.18 -4.80
N TYR B 223 -10.66 36.04 -3.93
CA TYR B 223 -9.40 35.72 -3.24
C TYR B 223 -9.54 34.46 -2.41
N HIS B 224 -10.63 34.34 -1.64
CA HIS B 224 -10.83 33.16 -0.82
C HIS B 224 -10.96 31.91 -1.67
N LEU B 225 -11.64 31.99 -2.80
CA LEU B 225 -11.77 30.83 -3.68
C LEU B 225 -10.42 30.43 -4.27
N SER B 226 -9.63 31.42 -4.71
CA SER B 226 -8.32 31.11 -5.27
C SER B 226 -7.43 30.44 -4.24
N TYR B 227 -7.53 30.87 -2.98
CA TYR B 227 -6.71 30.23 -1.94
C TYR B 227 -7.09 28.78 -1.72
N LEU B 228 -8.37 28.43 -1.85
CA LEU B 228 -8.78 27.04 -1.65
C LEU B 228 -8.38 26.15 -2.81
N HIS B 229 -8.27 26.71 -4.02
CA HIS B 229 -7.76 25.93 -5.14
C HIS B 229 -6.29 25.62 -4.96
N ASN B 230 -5.57 26.47 -4.24
CA ASN B 230 -4.13 26.29 -4.05
C ASN B 230 -3.83 25.12 -3.13
N CYS B 231 -4.63 24.94 -2.07
CA CYS B 231 -4.34 23.93 -1.06
C CYS B 231 -4.99 22.59 -1.32
N GLU B 232 -5.73 22.44 -2.42
CA GLU B 232 -6.27 21.14 -2.80
C GLU B 232 -5.56 20.54 -3.99
N THR B 233 -4.87 21.34 -4.80
CA THR B 233 -4.00 20.79 -5.82
C THR B 233 -2.87 19.99 -5.20
N ARG B 234 -2.29 20.50 -4.12
CA ARG B 234 -1.15 19.86 -3.50
C ARG B 234 -1.52 18.62 -2.69
N ARG B 235 -2.78 18.47 -2.29
CA ARG B 235 -3.13 17.28 -1.54
C ARG B 235 -3.25 16.05 -2.43
N GLY B 236 -3.63 16.21 -3.70
CA GLY B 236 -3.60 15.07 -4.61
C GLY B 236 -2.19 14.60 -4.90
N GLN B 237 -1.27 15.54 -5.09
CA GLN B 237 0.09 15.19 -5.51
C GLN B 237 0.83 14.41 -4.43
N VAL B 238 0.70 14.83 -3.17
CA VAL B 238 1.42 14.13 -2.11
C VAL B 238 0.92 12.70 -1.98
N LEU B 239 -0.39 12.49 -2.06
CA LEU B 239 -0.93 11.14 -1.97
C LEU B 239 -0.46 10.28 -3.14
N LEU B 240 -0.51 10.83 -4.36
CA LEU B 240 -0.12 10.04 -5.52
C LEU B 240 1.36 9.67 -5.46
N TRP B 241 2.22 10.63 -5.14
CA TRP B 241 3.65 10.37 -5.12
C TRP B 241 4.12 9.67 -3.85
N SER B 242 3.25 9.49 -2.86
CA SER B 242 3.58 8.60 -1.77
C SER B 242 3.16 7.18 -2.07
N ALA B 243 1.99 6.99 -2.69
CA ALA B 243 1.60 5.65 -3.10
C ALA B 243 2.60 5.08 -4.12
N ASN B 244 3.11 5.94 -4.99
CA ASN B 244 4.07 5.48 -6.00
C ASN B 244 5.29 4.84 -5.38
N LYS B 245 5.81 5.41 -4.29
CA LYS B 245 6.99 4.87 -3.63
C LYS B 245 6.67 3.97 -2.45
N VAL B 246 5.40 3.77 -2.13
CA VAL B 246 5.05 2.77 -1.15
C VAL B 246 4.76 1.42 -1.79
N PHE B 247 4.20 1.41 -3.01
CA PHE B 247 3.88 0.16 -3.69
C PHE B 247 4.99 -0.32 -4.61
N GLU B 248 6.25 -0.06 -4.26
CA GLU B 248 7.36 -0.54 -5.09
C GLU B 248 7.88 -1.90 -4.65
N GLU B 249 7.89 -2.19 -3.35
CA GLU B 249 8.41 -3.44 -2.82
C GLU B 249 8.11 -3.48 -1.33
N LEU B 250 8.24 -4.68 -0.75
CA LEU B 250 8.11 -4.82 0.68
C LEU B 250 9.42 -4.45 1.37
N THR B 251 9.32 -3.71 2.47
CA THR B 251 10.50 -3.22 3.16
C THR B 251 10.15 -2.97 4.61
N ASP B 252 11.18 -2.79 5.43
CA ASP B 252 10.99 -2.47 6.84
C ASP B 252 10.60 -1.02 7.01
N ILE B 253 10.21 -0.66 8.23
CA ILE B 253 9.60 0.65 8.47
C ILE B 253 10.62 1.76 8.28
N GLU B 254 11.88 1.53 8.64
CA GLU B 254 12.87 2.59 8.59
C GLU B 254 13.11 3.11 7.17
N ARG B 255 12.85 2.30 6.15
CA ARG B 255 13.10 2.71 4.78
C ARG B 255 11.88 3.30 4.08
N GLN B 256 10.68 2.86 4.45
CA GLN B 256 9.48 3.47 3.87
C GLN B 256 9.36 4.94 4.28
N PHE B 257 9.55 5.23 5.57
CA PHE B 257 9.41 6.60 6.03
C PHE B 257 10.56 7.48 5.58
N HIS B 258 11.61 6.90 4.99
CA HIS B 258 12.68 7.69 4.43
C HIS B 258 12.56 7.87 2.93
N LYS B 259 11.95 6.91 2.23
CA LYS B 259 11.68 7.10 0.81
C LYS B 259 10.47 8.00 0.58
N ALA B 260 9.45 7.92 1.43
CA ALA B 260 8.22 8.66 1.19
C ALA B 260 8.26 10.09 1.72
N PHE B 261 8.96 10.33 2.83
CA PHE B 261 9.08 11.69 3.36
C PHE B 261 10.07 12.54 2.58
N TYR B 262 10.86 11.95 1.69
CA TYR B 262 11.90 12.69 1.00
C TYR B 262 11.49 13.15 -0.39
N THR B 263 10.55 12.48 -1.03
CA THR B 263 10.19 12.78 -2.41
C THR B 263 9.03 13.77 -2.51
N VAL B 264 8.52 14.27 -1.39
CA VAL B 264 7.44 15.26 -1.42
C VAL B 264 7.89 16.50 -0.66
N ARG B 265 9.19 16.73 -0.62
CA ARG B 265 9.73 17.84 0.15
C ARG B 265 9.46 19.19 -0.48
N ALA B 266 8.98 19.22 -1.72
CA ALA B 266 8.69 20.49 -2.38
C ALA B 266 7.27 20.99 -2.14
N TYR B 267 6.32 20.07 -1.98
CA TYR B 267 4.94 20.49 -1.74
C TYR B 267 4.76 21.00 -0.31
N LEU B 268 5.36 20.34 0.66
CA LEU B 268 5.41 20.87 2.01
C LEU B 268 6.35 22.06 2.03
N ASN B 269 5.82 23.25 2.32
CA ASN B 269 6.60 24.47 2.27
C ASN B 269 7.16 24.74 3.67
N CYS B 270 8.23 24.03 4.01
CA CYS B 270 8.84 24.14 5.33
C CYS B 270 10.33 24.34 5.19
N ASP B 271 11.00 24.53 6.33
CA ASP B 271 12.46 24.67 6.37
C ASP B 271 13.15 23.51 7.06
N ARG B 272 12.52 22.91 8.07
CA ARG B 272 13.07 21.75 8.75
C ARG B 272 11.91 20.88 9.20
N TYR B 273 12.07 19.57 9.09
CA TYR B 273 11.12 18.70 9.75
C TYR B 273 11.83 17.41 10.17
N SER B 274 11.22 16.72 11.12
CA SER B 274 11.86 15.61 11.79
C SER B 274 10.84 14.53 12.07
N VAL B 275 11.31 13.28 12.12
CA VAL B 275 10.47 12.12 12.38
C VAL B 275 11.13 11.28 13.45
N GLY B 276 10.36 10.83 14.43
CA GLY B 276 10.88 9.98 15.49
C GLY B 276 10.06 8.72 15.64
N LEU B 277 10.76 7.60 15.80
CA LEU B 277 10.18 6.28 15.86
C LEU B 277 10.20 5.73 17.28
N LEU B 278 9.20 4.93 17.62
CA LEU B 278 9.03 4.40 18.96
C LEU B 278 9.25 2.90 18.99
N ASP B 279 9.70 2.42 20.15
CA ASP B 279 9.86 0.99 20.37
C ASP B 279 8.48 0.32 20.51
N MET B 280 8.41 -0.94 20.09
CA MET B 280 7.13 -1.64 19.99
C MET B 280 7.09 -2.93 20.80
N THR B 281 7.93 -3.07 21.83
CA THR B 281 7.93 -4.25 22.68
C THR B 281 7.23 -3.94 23.99
N LYS B 282 6.27 -4.80 24.37
CA LYS B 282 5.43 -4.56 25.53
C LYS B 282 5.94 -5.29 26.77
N GLU B 283 6.06 -6.61 26.69
CA GLU B 283 6.41 -7.45 27.84
C GLU B 283 7.90 -7.77 27.81
N LYS B 284 8.53 -7.67 28.98
CA LYS B 284 9.96 -7.96 29.11
C LYS B 284 10.17 -9.45 29.39
N GLU B 285 11.42 -9.83 29.58
CA GLU B 285 11.80 -11.22 29.80
C GLU B 285 11.96 -11.51 31.28
N PHE B 286 11.96 -12.81 31.61
CA PHE B 286 12.02 -13.21 33.01
C PHE B 286 13.32 -12.77 33.67
N PHE B 287 14.43 -12.83 32.94
CA PHE B 287 15.70 -12.48 33.55
C PHE B 287 15.90 -10.99 33.72
N ASP B 288 14.95 -10.16 33.28
CA ASP B 288 15.00 -8.73 33.54
C ASP B 288 14.06 -8.28 34.65
N VAL B 289 12.96 -9.00 34.89
CA VAL B 289 12.07 -8.63 35.97
C VAL B 289 12.59 -9.08 37.33
N TRP B 290 13.55 -10.01 37.35
CA TRP B 290 14.09 -10.46 38.63
C TRP B 290 14.77 -9.36 39.43
N PRO B 291 15.67 -8.55 38.85
CA PRO B 291 16.33 -7.53 39.69
C PRO B 291 15.38 -6.57 40.36
N VAL B 292 14.29 -6.20 39.69
CA VAL B 292 13.33 -5.28 40.29
C VAL B 292 12.68 -5.91 41.51
N LEU B 293 12.24 -7.16 41.38
CA LEU B 293 11.55 -7.83 42.47
C LEU B 293 12.47 -8.20 43.62
N MET B 294 13.78 -8.03 43.47
CA MET B 294 14.74 -8.41 44.51
C MET B 294 15.47 -7.20 45.08
N GLY B 295 14.93 -6.00 44.88
CA GLY B 295 15.53 -4.82 45.46
C GLY B 295 16.82 -4.36 44.81
N GLU B 296 17.19 -4.93 43.66
CA GLU B 296 18.42 -4.53 43.00
C GLU B 296 18.29 -3.20 42.26
N ALA B 297 17.12 -2.91 41.72
CA ALA B 297 16.93 -1.68 40.94
C ALA B 297 15.64 -0.97 41.34
N GLN B 298 15.27 0.05 40.59
CA GLN B 298 14.05 0.81 40.82
C GLN B 298 13.08 0.64 39.66
N ALA B 299 11.79 0.70 39.97
CA ALA B 299 10.79 0.59 38.93
C ALA B 299 10.78 1.85 38.05
N TYR B 300 10.23 1.69 36.86
CA TYR B 300 10.16 2.81 35.92
C TYR B 300 9.22 3.88 36.44
N SER B 301 9.53 5.14 36.11
CA SER B 301 8.75 6.26 36.61
C SER B 301 8.47 7.33 35.56
N GLY B 302 8.82 7.11 34.30
CA GLY B 302 8.64 8.10 33.28
C GLY B 302 7.24 8.12 32.70
N PRO B 303 7.07 8.78 31.56
CA PRO B 303 5.76 8.81 30.90
C PRO B 303 5.43 7.47 30.28
N ARG B 304 4.14 7.27 30.00
CA ARG B 304 3.68 6.03 29.42
C ARG B 304 2.69 6.29 28.29
N THR B 305 2.88 5.57 27.19
CA THR B 305 1.96 5.61 26.07
C THR B 305 0.59 5.11 26.51
N PRO B 306 -0.50 5.64 25.95
CA PRO B 306 -1.84 5.24 26.41
C PRO B 306 -2.12 3.74 26.45
N ASP B 307 -1.25 2.89 25.90
CA ASP B 307 -1.44 1.45 26.02
C ASP B 307 -0.39 0.78 26.90
N GLY B 308 0.38 1.55 27.68
CA GLY B 308 1.23 1.02 28.72
C GLY B 308 2.71 0.98 28.40
N ARG B 309 3.10 1.11 27.12
CA ARG B 309 4.50 0.99 26.77
C ARG B 309 5.29 2.18 27.30
N GLU B 310 6.61 2.00 27.36
CA GLU B 310 7.51 3.08 27.75
C GLU B 310 7.91 3.88 26.53
N ILE B 311 8.15 5.17 26.74
CA ILE B 311 8.42 6.11 25.66
C ILE B 311 9.92 6.29 25.56
N LEU B 312 10.53 5.62 24.58
CA LEU B 312 11.92 5.87 24.24
C LEU B 312 12.09 5.81 22.73
N PHE B 313 12.71 6.83 22.16
CA PHE B 313 12.95 6.89 20.73
C PHE B 313 14.27 6.21 20.41
N TYR B 314 14.28 5.35 19.39
CA TYR B 314 15.50 4.66 19.01
C TYR B 314 16.02 5.09 17.63
N LYS B 315 15.33 5.96 16.93
CA LYS B 315 15.85 6.53 15.68
C LYS B 315 15.24 7.90 15.47
N VAL B 316 16.00 8.79 14.82
CA VAL B 316 15.55 10.13 14.52
C VAL B 316 16.07 10.51 13.15
N ILE B 317 15.18 10.67 12.18
CA ILE B 317 15.51 11.14 10.85
C ILE B 317 15.15 12.61 10.78
N ASP B 318 16.09 13.46 10.41
CA ASP B 318 15.84 14.88 10.31
C ASP B 318 16.31 15.42 8.96
N TYR B 319 15.59 16.43 8.47
CA TYR B 319 15.86 17.04 7.19
C TYR B 319 16.11 18.53 7.38
N ILE B 320 17.09 19.07 6.65
CA ILE B 320 17.34 20.50 6.59
C ILE B 320 17.15 20.95 5.15
N LEU B 321 16.35 21.99 4.94
CA LEU B 321 15.98 22.37 3.59
C LEU B 321 16.30 23.83 3.25
N HIS B 322 17.02 24.54 4.11
CA HIS B 322 17.48 25.88 3.78
C HIS B 322 19.00 25.84 3.63
N GLY B 323 19.49 26.26 2.47
CA GLY B 323 20.91 26.18 2.17
C GLY B 323 21.35 24.83 1.64
N LYS B 324 21.43 23.84 2.52
CA LYS B 324 21.94 22.51 2.17
C LYS B 324 20.88 21.45 2.41
N GLU B 325 20.92 20.38 1.62
CA GLU B 325 19.96 19.30 1.80
C GLU B 325 20.25 18.52 3.07
N ASP B 326 21.50 18.10 3.26
CA ASP B 326 22.02 17.60 4.54
C ASP B 326 21.06 16.64 5.23
N ILE B 327 20.67 15.57 4.53
CA ILE B 327 19.87 14.53 5.15
C ILE B 327 20.73 13.77 6.14
N LYS B 328 20.10 13.29 7.22
CA LYS B 328 20.85 12.64 8.29
C LYS B 328 20.00 11.54 8.91
N VAL B 329 20.69 10.57 9.52
CA VAL B 329 20.06 9.53 10.32
C VAL B 329 20.88 9.35 11.58
N ILE B 330 20.20 9.11 12.70
CA ILE B 330 20.89 8.93 13.98
C ILE B 330 20.51 7.59 14.57
N PRO B 331 21.48 6.76 14.95
CA PRO B 331 21.15 5.41 15.43
C PRO B 331 20.56 5.39 16.82
N SER B 332 20.94 6.33 17.67
CA SER B 332 20.38 6.45 19.01
C SER B 332 20.49 7.90 19.47
N PRO B 333 19.38 8.62 19.53
CA PRO B 333 19.45 10.06 19.80
C PRO B 333 19.97 10.31 21.20
N PRO B 334 20.79 11.35 21.37
CA PRO B 334 21.25 11.71 22.72
C PRO B 334 20.12 12.24 23.58
N ALA B 335 20.43 12.62 24.82
CA ALA B 335 19.41 13.18 25.69
C ALA B 335 19.02 14.59 25.28
N ASP B 336 19.87 15.30 24.55
CA ASP B 336 19.58 16.66 24.10
C ASP B 336 19.91 16.78 22.62
N HIS B 337 18.94 16.47 21.78
CA HIS B 337 18.98 16.72 20.35
C HIS B 337 18.19 17.99 20.07
N TRP B 338 18.48 18.62 18.94
CA TRP B 338 17.79 19.89 18.67
C TRP B 338 16.30 19.71 18.43
N ALA B 339 15.79 18.48 18.40
CA ALA B 339 14.37 18.20 18.27
C ALA B 339 13.75 17.74 19.58
N LEU B 340 14.37 16.77 20.26
CA LEU B 340 13.81 16.22 21.49
C LEU B 340 14.02 17.11 22.70
N ALA B 341 14.84 18.16 22.59
CA ALA B 341 15.18 18.95 23.76
C ALA B 341 13.99 19.77 24.26
N SER B 342 13.14 20.23 23.34
CA SER B 342 12.04 21.09 23.75
C SER B 342 11.04 20.36 24.63
N GLY B 343 10.78 19.10 24.34
CA GLY B 343 9.82 18.32 25.10
C GLY B 343 8.47 18.15 24.44
N LEU B 344 8.23 18.81 23.31
CA LEU B 344 6.99 18.60 22.58
C LEU B 344 6.84 17.18 22.04
N PRO B 345 7.86 16.58 21.41
CA PRO B 345 7.67 15.22 20.88
C PRO B 345 7.37 14.18 21.92
N THR B 346 7.71 14.41 23.19
CA THR B 346 7.36 13.45 24.23
C THR B 346 6.08 13.81 24.96
N TYR B 347 5.60 15.04 24.85
CA TYR B 347 4.27 15.37 25.33
C TYR B 347 3.20 14.91 24.36
N VAL B 348 3.50 14.89 23.06
CA VAL B 348 2.53 14.41 22.09
C VAL B 348 2.29 12.91 22.25
N ALA B 349 3.33 12.17 22.62
CA ALA B 349 3.19 10.71 22.71
C ALA B 349 2.37 10.28 23.92
N GLU B 350 2.39 11.06 25.02
CA GLU B 350 1.61 10.69 26.19
C GLU B 350 0.12 10.69 25.91
N SER B 351 -0.35 11.72 25.20
CA SER B 351 -1.76 11.81 24.80
C SER B 351 -1.79 12.32 23.36
N GLY B 352 -2.43 11.57 22.47
CA GLY B 352 -2.42 11.95 21.08
C GLY B 352 -3.16 13.24 20.83
N PHE B 353 -2.41 14.31 20.58
CA PHE B 353 -2.96 15.64 20.34
C PHE B 353 -2.26 16.25 19.15
N ILE B 354 -3.01 17.02 18.36
CA ILE B 354 -2.43 17.87 17.33
C ILE B 354 -2.17 19.23 17.94
N CYS B 355 -0.90 19.62 18.00
CA CYS B 355 -0.49 20.85 18.68
C CYS B 355 -0.05 21.89 17.67
N ASN B 356 -0.27 23.16 18.02
CA ASN B 356 0.00 24.27 17.09
C ASN B 356 0.38 25.48 17.92
N ILE B 357 1.66 25.80 17.96
CA ILE B 357 2.17 26.94 18.70
C ILE B 357 2.43 28.07 17.71
N MET B 358 2.11 29.30 18.11
CA MET B 358 2.20 30.46 17.24
C MET B 358 3.40 31.35 17.46
N ASN B 359 3.78 31.61 18.71
CA ASN B 359 4.94 32.43 19.03
C ASN B 359 5.80 31.59 19.96
N ALA B 360 6.72 30.83 19.38
CA ALA B 360 7.51 29.88 20.16
C ALA B 360 8.44 30.56 21.16
N PRO B 361 9.21 31.60 20.82
CA PRO B 361 10.15 32.17 21.80
C PRO B 361 9.47 32.80 23.00
N ALA B 362 8.17 33.05 22.97
CA ALA B 362 7.49 33.68 24.09
C ALA B 362 6.44 32.76 24.68
N ASP B 363 6.79 31.48 24.85
CA ASP B 363 5.90 30.50 25.46
C ASP B 363 6.50 30.03 26.78
N GLU B 364 5.66 29.46 27.63
CA GLU B 364 6.06 29.10 28.98
C GLU B 364 5.97 27.62 29.30
N MET B 365 5.01 26.89 28.73
CA MET B 365 4.87 25.48 29.06
C MET B 365 6.08 24.68 28.62
N PHE B 366 6.55 24.93 27.40
CA PHE B 366 7.73 24.27 26.87
C PHE B 366 8.91 25.24 26.96
N ASN B 367 10.06 24.84 26.39
CA ASN B 367 11.26 25.67 26.45
C ASN B 367 11.98 25.61 25.10
N PHE B 368 11.64 26.57 24.23
CA PHE B 368 12.38 26.79 22.99
C PHE B 368 13.36 27.92 23.27
N GLN B 369 14.56 27.55 23.71
CA GLN B 369 15.54 28.56 24.09
C GLN B 369 15.92 29.41 22.88
N GLU B 370 16.09 30.71 23.12
CA GLU B 370 16.37 31.63 22.03
C GLU B 370 17.87 31.65 21.74
N GLY B 371 18.23 32.30 20.64
CA GLY B 371 19.58 32.25 20.14
C GLY B 371 19.70 31.23 19.03
N PRO B 372 20.33 31.61 17.93
CA PRO B 372 20.37 30.74 16.75
C PRO B 372 21.03 29.40 17.05
N LEU B 373 20.43 28.34 16.51
CA LEU B 373 21.02 27.00 16.59
C LEU B 373 22.14 26.82 15.57
N ASP B 374 22.10 27.57 14.47
CA ASP B 374 23.03 27.43 13.38
C ASP B 374 23.75 28.75 13.14
N ASP B 375 24.91 28.65 12.48
CA ASP B 375 25.73 29.84 12.24
C ASP B 375 24.97 30.86 11.41
N SER B 376 24.23 30.41 10.39
CA SER B 376 23.50 31.32 9.53
C SER B 376 22.43 32.10 10.28
N GLY B 377 21.98 31.60 11.43
CA GLY B 377 20.95 32.28 12.20
C GLY B 377 19.59 31.65 12.00
N TRP B 378 19.17 30.83 12.96
CA TRP B 378 17.93 30.08 12.82
C TRP B 378 17.18 30.15 14.15
N ILE B 379 16.01 30.78 14.15
CA ILE B 379 15.17 30.88 15.33
C ILE B 379 13.83 30.23 15.01
N VAL B 380 13.40 29.28 15.84
CA VAL B 380 12.09 28.68 15.66
C VAL B 380 11.03 29.69 16.01
N LYS B 381 9.96 29.74 15.21
CA LYS B 381 8.88 30.69 15.48
C LYS B 381 7.51 30.02 15.43
N ASN B 382 7.36 28.98 14.62
CA ASN B 382 6.09 28.28 14.49
C ASN B 382 6.34 26.78 14.45
N VAL B 383 5.51 26.01 15.15
CA VAL B 383 5.73 24.58 15.29
C VAL B 383 4.40 23.85 15.13
N LEU B 384 4.44 22.70 14.46
CA LEU B 384 3.30 21.81 14.34
C LEU B 384 3.78 20.38 14.48
N SER B 385 3.05 19.57 15.24
CA SER B 385 3.45 18.18 15.45
C SER B 385 2.23 17.32 15.70
N MET B 386 2.25 16.10 15.17
CA MET B 386 1.10 15.21 15.21
C MET B 386 1.58 13.78 15.27
N PRO B 387 0.79 12.87 15.81
CA PRO B 387 1.20 11.47 15.94
C PRO B 387 0.83 10.64 14.71
N ILE B 388 1.39 9.44 14.66
CA ILE B 388 1.15 8.48 13.59
C ILE B 388 0.52 7.24 14.21
N VAL B 389 -0.65 6.85 13.71
CA VAL B 389 -1.42 5.74 14.25
C VAL B 389 -1.61 4.71 13.15
N ASN B 390 -1.67 3.44 13.53
CA ASN B 390 -1.55 2.33 12.59
C ASN B 390 -2.81 1.46 12.55
N LYS B 391 -3.99 2.08 12.56
CA LYS B 391 -5.26 1.39 12.32
C LYS B 391 -5.60 0.43 13.46
N LYS B 392 -4.70 0.28 14.43
CA LYS B 392 -4.96 -0.46 15.65
C LYS B 392 -4.97 0.44 16.87
N GLU B 393 -4.92 1.76 16.67
CA GLU B 393 -4.93 2.75 17.74
C GLU B 393 -3.70 2.63 18.64
N GLU B 394 -2.54 2.39 18.04
CA GLU B 394 -1.27 2.36 18.74
C GLU B 394 -0.32 3.34 18.08
N ILE B 395 0.26 4.24 18.88
CA ILE B 395 1.18 5.23 18.35
C ILE B 395 2.45 4.54 17.87
N VAL B 396 2.94 4.96 16.70
CA VAL B 396 4.14 4.39 16.12
C VAL B 396 5.26 5.41 15.95
N GLY B 397 4.97 6.70 15.91
CA GLY B 397 5.99 7.71 15.75
C GLY B 397 5.37 9.08 15.86
N VAL B 398 6.23 10.09 15.83
CA VAL B 398 5.78 11.47 15.93
C VAL B 398 6.59 12.32 14.95
N ALA B 399 5.90 13.19 14.21
CA ALA B 399 6.50 14.03 13.17
C ALA B 399 6.32 15.49 13.53
N THR B 400 7.34 16.31 13.25
CA THR B 400 7.35 17.71 13.62
C THR B 400 7.81 18.56 12.44
N PHE B 401 7.05 19.61 12.12
CA PHE B 401 7.37 20.56 11.06
C PHE B 401 7.64 21.92 11.70
N TYR B 402 8.72 22.58 11.29
CA TYR B 402 9.32 23.60 12.14
C TYR B 402 9.24 25.04 11.63
N ASN B 403 8.94 25.30 10.37
CA ASN B 403 8.85 26.69 9.95
C ASN B 403 8.31 26.78 8.54
N ARG B 404 7.45 27.77 8.29
CA ARG B 404 6.96 28.01 6.94
C ARG B 404 7.85 29.03 6.22
N LYS B 405 7.78 29.01 4.89
CA LYS B 405 8.62 29.87 4.08
C LYS B 405 8.01 31.23 3.77
N ASP B 406 6.68 31.34 3.77
CA ASP B 406 6.06 32.64 3.55
C ASP B 406 6.36 33.58 4.71
N GLY B 407 6.17 33.11 5.93
CA GLY B 407 6.37 33.92 7.11
C GLY B 407 5.18 33.87 8.03
N LYS B 408 4.05 33.43 7.50
CA LYS B 408 2.77 33.37 8.19
C LYS B 408 2.66 32.08 9.00
N PRO B 409 1.90 32.10 10.09
CA PRO B 409 1.75 30.90 10.92
C PRO B 409 0.85 29.86 10.26
N PHE B 410 0.94 28.64 10.77
CA PHE B 410 0.11 27.56 10.28
C PHE B 410 -1.36 27.84 10.57
N ASP B 411 -2.22 27.36 9.68
CA ASP B 411 -3.64 27.66 9.76
C ASP B 411 -4.40 26.39 9.43
N GLU B 412 -5.71 26.53 9.15
CA GLU B 412 -6.57 25.36 9.06
C GLU B 412 -6.23 24.47 7.87
N GLN B 413 -5.88 25.06 6.73
CA GLN B 413 -5.63 24.26 5.54
C GLN B 413 -4.37 23.42 5.68
N ASP B 414 -3.32 23.98 6.29
CA ASP B 414 -2.08 23.24 6.44
C ASP B 414 -2.26 22.02 7.34
N GLU B 415 -3.13 22.11 8.35
CA GLU B 415 -3.37 20.96 9.20
C GLU B 415 -3.96 19.80 8.42
N VAL B 416 -4.93 20.08 7.53
CA VAL B 416 -5.51 19.02 6.73
C VAL B 416 -4.48 18.46 5.75
N LEU B 417 -3.71 19.35 5.11
CA LEU B 417 -2.72 18.90 4.13
C LEU B 417 -1.68 17.99 4.77
N MET B 418 -1.20 18.35 5.96
CA MET B 418 -0.17 17.58 6.63
C MET B 418 -0.72 16.51 7.56
N GLU B 419 -2.04 16.37 7.63
CA GLU B 419 -2.65 15.26 8.36
C GLU B 419 -3.10 14.13 7.46
N SER B 420 -3.51 14.42 6.22
CA SER B 420 -3.82 13.34 5.29
C SER B 420 -2.59 12.47 5.02
N LEU B 421 -1.43 13.12 4.88
CA LEU B 421 -0.18 12.39 4.63
C LEU B 421 0.13 11.44 5.77
N THR B 422 0.00 11.90 7.02
CA THR B 422 0.30 11.04 8.15
C THR B 422 -0.74 9.94 8.30
N GLN B 423 -1.99 10.20 7.94
CA GLN B 423 -2.97 9.10 7.95
C GLN B 423 -2.59 8.02 6.95
N PHE B 424 -2.17 8.42 5.75
CA PHE B 424 -1.77 7.43 4.75
C PHE B 424 -0.56 6.63 5.21
N LEU B 425 0.46 7.32 5.72
CA LEU B 425 1.66 6.61 6.15
C LEU B 425 1.40 5.74 7.37
N GLY B 426 0.45 6.12 8.22
CA GLY B 426 0.06 5.25 9.31
C GLY B 426 -0.63 3.99 8.83
N TRP B 427 -1.53 4.14 7.84
CA TRP B 427 -2.19 2.95 7.30
C TRP B 427 -1.23 2.04 6.55
N SER B 428 -0.10 2.56 6.09
CA SER B 428 0.77 1.76 5.23
C SER B 428 1.65 0.74 5.96
N VAL B 429 1.52 0.55 7.28
CA VAL B 429 2.43 -0.36 7.98
C VAL B 429 2.08 -1.83 7.80
N LEU B 430 0.94 -2.12 7.15
CA LEU B 430 0.59 -3.51 6.90
C LEU B 430 1.67 -4.23 6.11
N ASN B 431 2.25 -3.55 5.12
CA ASN B 431 3.32 -4.14 4.33
C ASN B 431 4.57 -4.38 5.16
N THR B 432 4.92 -3.44 6.03
CA THR B 432 6.10 -3.63 6.87
C THR B 432 5.90 -4.71 7.92
N ASP B 433 4.66 -5.10 8.20
CA ASP B 433 4.43 -6.27 9.05
C ASP B 433 4.50 -7.57 8.26
N THR B 434 3.85 -7.59 7.09
CA THR B 434 3.91 -8.76 6.21
C THR B 434 5.35 -9.11 5.85
N TYR B 435 6.20 -8.10 5.71
CA TYR B 435 7.61 -8.34 5.40
C TYR B 435 8.27 -9.22 6.45
N ASP B 436 8.09 -8.87 7.73
CA ASP B 436 8.69 -9.67 8.80
C ASP B 436 8.07 -11.06 8.88
N LYS B 437 6.76 -11.16 8.67
CA LYS B 437 6.15 -12.49 8.72
C LYS B 437 6.72 -13.41 7.65
N MET B 438 6.91 -12.90 6.43
CA MET B 438 7.52 -13.72 5.38
C MET B 438 8.98 -14.04 5.72
N ASN B 439 9.73 -13.07 6.23
CA ASN B 439 11.12 -13.33 6.56
C ASN B 439 11.29 -14.32 7.69
N LYS B 440 10.27 -14.55 8.50
CA LYS B 440 10.38 -15.62 9.49
C LYS B 440 9.94 -16.97 8.93
N LEU B 441 8.89 -16.98 8.09
CA LEU B 441 8.48 -18.24 7.48
C LEU B 441 9.61 -18.85 6.65
N GLU B 442 10.34 -18.01 5.91
CA GLU B 442 11.42 -18.53 5.07
C GLU B 442 12.48 -19.23 5.91
N ASN B 443 12.89 -18.60 7.01
CA ASN B 443 13.91 -19.20 7.86
C ASN B 443 13.44 -20.50 8.49
N ARG B 444 12.18 -20.55 8.93
CA ARG B 444 11.68 -21.79 9.50
C ARG B 444 11.68 -22.90 8.47
N LYS B 445 11.31 -22.59 7.23
CA LYS B 445 11.35 -23.61 6.19
C LYS B 445 12.77 -24.10 5.94
N ASP B 446 13.75 -23.19 5.94
CA ASP B 446 15.13 -23.62 5.73
C ASP B 446 15.62 -24.54 6.85
N ILE B 447 15.29 -24.21 8.10
CA ILE B 447 15.71 -25.05 9.21
C ILE B 447 15.08 -26.44 9.09
N ALA B 448 13.80 -26.49 8.73
CA ALA B 448 13.15 -27.79 8.58
C ALA B 448 13.78 -28.60 7.45
N GLN B 449 14.15 -27.95 6.36
CA GLN B 449 14.80 -28.66 5.26
C GLN B 449 16.13 -29.26 5.69
N ASP B 450 16.92 -28.50 6.46
CA ASP B 450 18.20 -29.05 6.92
C ASP B 450 17.99 -30.24 7.85
N MET B 451 17.02 -30.14 8.76
CA MET B 451 16.75 -31.28 9.64
C MET B 451 16.30 -32.51 8.85
N VAL B 452 15.52 -32.32 7.78
CA VAL B 452 15.19 -33.46 6.92
C VAL B 452 16.45 -34.02 6.28
N LEU B 453 17.32 -33.14 5.78
CA LEU B 453 18.49 -33.59 5.04
C LEU B 453 19.41 -34.44 5.90
N TYR B 454 19.52 -34.12 7.18
CA TYR B 454 20.44 -34.90 8.01
C TYR B 454 20.07 -36.37 8.07
N HIS B 455 18.78 -36.68 8.19
CA HIS B 455 18.38 -38.06 8.47
C HIS B 455 18.37 -38.97 7.26
N VAL B 456 18.55 -38.46 6.05
CA VAL B 456 18.46 -39.29 4.84
C VAL B 456 19.77 -39.26 4.06
N ARG B 457 20.89 -39.10 4.76
CA ARG B 457 22.19 -39.13 4.12
C ARG B 457 23.03 -40.22 4.76
N CYS B 458 24.22 -40.44 4.23
CA CYS B 458 25.10 -41.52 4.67
C CYS B 458 26.22 -40.94 5.51
N ASP B 459 26.33 -41.41 6.75
CA ASP B 459 27.37 -40.94 7.65
C ASP B 459 28.72 -41.55 7.29
N ARG B 460 29.74 -41.16 8.04
CA ARG B 460 31.08 -41.65 7.79
C ARG B 460 31.19 -43.16 8.01
N GLU B 461 30.42 -43.69 8.96
CA GLU B 461 30.52 -45.10 9.31
C GLU B 461 29.52 -45.98 8.56
N GLU B 462 28.74 -45.42 7.65
CA GLU B 462 27.75 -46.21 6.92
C GLU B 462 28.25 -46.65 5.55
N ILE B 463 28.99 -45.79 4.84
CA ILE B 463 29.52 -46.18 3.54
C ILE B 463 30.63 -47.20 3.66
N GLN B 464 31.16 -47.42 4.87
CA GLN B 464 32.20 -48.41 5.05
C GLN B 464 31.72 -49.83 4.83
N LEU B 465 30.40 -50.04 4.75
CA LEU B 465 29.88 -51.37 4.49
C LEU B 465 29.88 -51.72 3.01
N ILE B 466 30.13 -50.76 2.13
CA ILE B 466 30.13 -50.98 0.68
C ILE B 466 31.54 -50.94 0.12
N LEU B 467 32.22 -49.80 0.25
CA LEU B 467 33.61 -49.73 -0.18
C LEU B 467 34.50 -49.76 1.06
N PRO B 468 35.05 -50.90 1.44
CA PRO B 468 35.72 -51.03 2.74
C PRO B 468 37.12 -50.43 2.75
N THR B 469 37.18 -49.13 2.53
CA THR B 469 38.42 -48.41 2.79
C THR B 469 38.61 -48.30 4.30
N ARG B 470 39.66 -47.59 4.70
CA ARG B 470 40.11 -47.43 6.09
C ARG B 470 40.69 -48.73 6.63
N GLU B 471 40.61 -49.84 5.89
CA GLU B 471 41.33 -51.06 6.20
C GLU B 471 42.40 -51.36 5.16
N ARG B 472 42.01 -51.44 3.89
CA ARG B 472 42.98 -51.66 2.82
C ARG B 472 43.91 -50.47 2.66
N LEU B 473 43.39 -49.26 2.85
CA LEU B 473 44.18 -48.05 2.82
C LEU B 473 43.95 -47.29 4.12
N GLY B 474 44.93 -46.47 4.49
CA GLY B 474 44.79 -45.69 5.71
C GLY B 474 43.89 -44.48 5.58
N LYS B 475 43.68 -44.01 4.35
CA LYS B 475 42.97 -42.76 4.14
C LYS B 475 41.46 -42.95 4.14
N GLU B 476 40.75 -41.86 4.42
CA GLU B 476 39.30 -41.82 4.34
C GLU B 476 38.85 -41.81 2.88
N PRO B 477 37.57 -42.14 2.62
CA PRO B 477 37.07 -42.14 1.23
C PRO B 477 37.29 -40.81 0.50
N ALA B 478 37.25 -39.70 1.22
CA ALA B 478 37.39 -38.40 0.57
C ALA B 478 38.81 -38.15 0.09
N ASP B 479 39.82 -38.71 0.77
CA ASP B 479 41.21 -38.51 0.40
C ASP B 479 41.70 -39.73 -0.38
N CYS B 480 41.31 -39.77 -1.65
CA CYS B 480 41.69 -40.88 -2.53
C CYS B 480 41.80 -40.37 -3.95
N GLU B 481 42.42 -41.18 -4.80
CA GLU B 481 42.51 -40.90 -6.23
C GLU B 481 41.48 -41.73 -6.98
N GLU B 482 41.05 -41.22 -8.13
CA GLU B 482 39.95 -41.84 -8.86
C GLU B 482 40.28 -43.27 -9.28
N ASP B 483 41.50 -43.50 -9.77
CA ASP B 483 41.87 -44.84 -10.19
C ASP B 483 42.08 -45.77 -9.01
N GLU B 484 42.36 -45.23 -7.83
CA GLU B 484 42.53 -46.08 -6.66
C GLU B 484 41.21 -46.71 -6.23
N LEU B 485 40.13 -45.94 -6.27
CA LEU B 485 38.83 -46.45 -5.83
C LEU B 485 38.26 -47.47 -6.80
N GLY B 486 38.62 -47.37 -8.07
CA GLY B 486 38.13 -48.33 -9.04
C GLY B 486 38.57 -49.75 -8.74
N LYS B 487 39.82 -49.91 -8.28
CA LYS B 487 40.32 -51.23 -7.94
C LYS B 487 39.54 -51.83 -6.78
N ILE B 488 39.21 -51.02 -5.78
CA ILE B 488 38.40 -51.50 -4.66
C ILE B 488 36.99 -51.85 -5.13
N LEU B 489 36.42 -51.01 -6.00
CA LEU B 489 35.05 -51.23 -6.44
C LEU B 489 34.92 -52.47 -7.31
N LYS B 490 35.93 -52.79 -8.11
CA LYS B 490 35.82 -53.94 -9.01
C LYS B 490 35.64 -55.24 -8.25
N GLU B 491 36.39 -55.41 -7.16
CA GLU B 491 36.38 -56.69 -6.44
C GLU B 491 35.19 -56.86 -5.51
N VAL B 492 34.46 -55.79 -5.21
CA VAL B 492 33.39 -55.86 -4.22
C VAL B 492 32.03 -56.00 -4.89
N LEU B 493 31.86 -55.36 -6.05
CA LEU B 493 30.57 -55.37 -6.71
C LEU B 493 30.26 -56.75 -7.28
N PRO B 494 28.98 -57.13 -7.32
CA PRO B 494 28.61 -58.38 -7.96
C PRO B 494 28.82 -58.32 -9.46
N GLY B 495 29.05 -59.49 -10.06
CA GLY B 495 29.27 -59.58 -11.48
C GLY B 495 27.98 -59.39 -12.27
N PRO B 496 28.12 -59.12 -13.57
CA PRO B 496 26.92 -58.96 -14.41
C PRO B 496 26.05 -60.20 -14.48
N ALA B 497 26.63 -61.39 -14.33
CA ALA B 497 25.89 -62.63 -14.52
C ALA B 497 25.62 -63.39 -13.24
N LYS B 498 25.92 -62.81 -12.07
CA LYS B 498 25.65 -63.51 -10.83
C LYS B 498 24.17 -63.48 -10.45
N PHE B 499 23.52 -62.34 -10.63
CA PHE B 499 22.11 -62.18 -10.26
C PHE B 499 21.18 -62.10 -11.45
N ASP B 500 21.68 -62.41 -12.65
CA ASP B 500 20.92 -62.41 -13.91
C ASP B 500 20.02 -61.18 -14.03
N ILE B 501 20.64 -59.99 -14.11
CA ILE B 501 19.90 -58.75 -14.18
C ILE B 501 19.61 -58.38 -15.62
N TYR B 502 19.78 -59.34 -16.53
CA TYR B 502 19.52 -59.14 -17.94
C TYR B 502 18.27 -59.86 -18.43
N GLU B 503 17.42 -60.33 -17.52
CA GLU B 503 16.26 -61.13 -17.89
C GLU B 503 14.97 -60.38 -17.56
N PHE B 504 13.85 -60.97 -17.99
CA PHE B 504 12.53 -60.46 -17.68
C PHE B 504 11.89 -61.12 -16.47
N HIS B 505 12.56 -62.13 -15.89
CA HIS B 505 11.96 -62.93 -14.82
C HIS B 505 12.69 -62.74 -13.48
N PHE B 506 13.46 -61.66 -13.35
CA PHE B 506 14.25 -61.45 -12.15
C PHE B 506 13.38 -61.21 -10.92
N SER B 507 13.45 -62.12 -9.95
CA SER B 507 12.75 -61.97 -8.68
C SER B 507 13.73 -61.51 -7.61
N ASP B 508 13.27 -60.62 -6.73
CA ASP B 508 14.14 -59.96 -5.78
C ASP B 508 14.02 -60.47 -4.36
N LEU B 509 12.97 -61.22 -4.04
CA LEU B 509 12.72 -61.57 -2.63
C LEU B 509 13.67 -62.64 -2.11
N GLU B 510 14.73 -62.99 -2.83
CA GLU B 510 15.75 -63.90 -2.34
C GLU B 510 17.06 -63.19 -2.03
N CYS B 511 17.02 -61.88 -1.84
CA CYS B 511 18.22 -61.08 -1.60
C CYS B 511 17.93 -60.05 -0.52
N THR B 512 18.96 -59.72 0.26
CA THR B 512 18.83 -58.75 1.32
C THR B 512 18.78 -57.33 0.76
N GLU B 513 18.38 -56.39 1.60
CA GLU B 513 18.25 -55.00 1.17
C GLU B 513 19.58 -54.34 0.88
N LEU B 514 20.70 -54.96 1.23
CA LEU B 514 22.00 -54.39 0.93
C LEU B 514 22.52 -54.81 -0.44
N GLU B 515 22.15 -56.00 -0.91
CA GLU B 515 22.58 -56.45 -2.23
C GLU B 515 22.02 -55.56 -3.32
N LEU B 516 20.77 -55.12 -3.16
CA LEU B 516 20.10 -54.34 -4.19
C LEU B 516 20.85 -53.05 -4.49
N VAL B 517 21.47 -52.44 -3.48
CA VAL B 517 22.25 -51.23 -3.73
C VAL B 517 23.44 -51.52 -4.64
N LYS B 518 24.14 -52.62 -4.37
CA LYS B 518 25.29 -52.95 -5.20
C LYS B 518 24.88 -53.32 -6.62
N CYS B 519 23.77 -54.04 -6.78
CA CYS B 519 23.26 -54.31 -8.12
C CYS B 519 22.89 -53.00 -8.83
N GLY B 520 22.29 -52.06 -8.10
CA GLY B 520 21.94 -50.79 -8.68
C GLY B 520 23.14 -50.01 -9.19
N ILE B 521 24.23 -49.98 -8.41
CA ILE B 521 25.40 -49.26 -8.90
C ILE B 521 26.17 -50.06 -9.94
N GLN B 522 25.95 -51.37 -10.01
CA GLN B 522 26.47 -52.15 -11.14
C GLN B 522 25.77 -51.75 -12.43
N MET B 523 24.46 -51.52 -12.37
CA MET B 523 23.74 -51.13 -13.58
C MET B 523 24.31 -49.85 -14.18
N TYR B 524 24.75 -48.91 -13.35
CA TYR B 524 25.36 -47.70 -13.86
C TYR B 524 26.71 -47.94 -14.52
N TYR B 525 27.32 -49.10 -14.30
CA TYR B 525 28.52 -49.48 -15.05
C TYR B 525 28.18 -50.25 -16.31
N GLU B 526 27.07 -50.98 -16.31
CA GLU B 526 26.67 -51.72 -17.50
C GLU B 526 26.32 -50.79 -18.64
N LEU B 527 25.69 -49.66 -18.35
CA LEU B 527 25.33 -48.70 -19.40
C LEU B 527 26.57 -48.14 -20.08
N GLY B 528 27.69 -48.05 -19.37
CA GLY B 528 28.86 -47.42 -19.93
C GLY B 528 28.71 -45.91 -19.93
N VAL B 529 28.48 -45.34 -18.75
CA VAL B 529 28.23 -43.91 -18.63
C VAL B 529 29.12 -43.22 -17.61
N VAL B 530 29.77 -43.95 -16.70
CA VAL B 530 30.58 -43.30 -15.68
C VAL B 530 31.82 -42.65 -16.31
N ARG B 531 32.40 -43.28 -17.32
CA ARG B 531 33.61 -42.74 -17.92
C ARG B 531 33.32 -41.54 -18.82
N LYS B 532 32.23 -41.60 -19.59
CA LYS B 532 31.98 -40.59 -20.61
C LYS B 532 31.76 -39.22 -20.00
N PHE B 533 31.03 -39.15 -18.89
CA PHE B 533 30.72 -37.88 -18.25
C PHE B 533 31.55 -37.62 -16.99
N GLN B 534 32.33 -38.60 -16.54
CA GLN B 534 33.26 -38.42 -15.43
C GLN B 534 32.53 -38.01 -14.15
N ILE B 535 31.64 -38.89 -13.70
CA ILE B 535 30.98 -38.71 -12.41
C ILE B 535 31.90 -39.28 -11.33
N PRO B 536 32.22 -38.51 -10.29
CA PRO B 536 33.07 -39.05 -9.22
C PRO B 536 32.44 -40.28 -8.58
N GLN B 537 33.28 -41.25 -8.26
CA GLN B 537 32.78 -42.58 -7.91
C GLN B 537 32.33 -42.70 -6.46
N GLU B 538 32.72 -41.76 -5.59
CA GLU B 538 32.17 -41.75 -4.24
C GLU B 538 30.74 -41.22 -4.23
N VAL B 539 30.48 -40.19 -5.03
CA VAL B 539 29.17 -39.57 -5.08
C VAL B 539 28.12 -40.57 -5.55
N LEU B 540 28.50 -41.43 -6.49
CA LEU B 540 27.55 -42.43 -6.99
C LEU B 540 27.07 -43.34 -5.87
N VAL B 541 28.00 -43.87 -5.08
CA VAL B 541 27.63 -44.76 -3.98
C VAL B 541 26.80 -44.02 -2.94
N ARG B 542 27.24 -42.80 -2.60
CA ARG B 542 26.52 -42.07 -1.56
C ARG B 542 25.09 -41.74 -2.00
N PHE B 543 24.91 -41.40 -3.27
CA PHE B 543 23.58 -41.13 -3.78
C PHE B 543 22.63 -42.33 -3.77
N LEU B 544 23.09 -43.47 -4.28
CA LEU B 544 22.19 -44.62 -4.31
C LEU B 544 22.07 -45.31 -2.95
N PHE B 545 22.74 -44.78 -1.94
CA PHE B 545 22.51 -45.21 -0.56
C PHE B 545 21.53 -44.25 0.09
N SER B 546 21.66 -42.95 -0.19
CA SER B 546 20.69 -41.98 0.31
C SER B 546 19.30 -42.25 -0.26
N VAL B 547 19.22 -42.55 -1.56
CA VAL B 547 17.92 -42.88 -2.14
C VAL B 547 17.33 -44.11 -1.48
N SER B 548 18.17 -45.09 -1.16
CA SER B 548 17.71 -46.28 -0.45
C SER B 548 17.08 -45.91 0.89
N LYS B 549 17.77 -45.07 1.66
CA LYS B 549 17.20 -44.67 2.95
C LYS B 549 16.07 -43.67 2.84
N GLY B 550 15.81 -43.13 1.65
CA GLY B 550 14.76 -42.14 1.49
C GLY B 550 13.35 -42.69 1.53
N TYR B 551 13.14 -43.89 1.01
CA TYR B 551 11.82 -44.50 1.03
C TYR B 551 11.39 -44.77 2.46
N ARG B 552 10.08 -44.83 2.67
CA ARG B 552 9.54 -45.17 3.98
C ARG B 552 9.57 -46.68 4.14
N ARG B 553 8.92 -47.18 5.20
CA ARG B 553 8.90 -48.61 5.51
C ARG B 553 7.44 -49.03 5.68
N ILE B 554 6.80 -49.38 4.57
CA ILE B 554 5.40 -49.76 4.57
C ILE B 554 5.24 -51.05 3.77
N THR B 555 3.99 -51.47 3.56
CA THR B 555 3.75 -52.80 3.03
C THR B 555 4.23 -52.94 1.59
N TYR B 556 3.84 -52.01 0.71
CA TYR B 556 4.07 -52.19 -0.72
C TYR B 556 5.02 -51.14 -1.31
N HIS B 557 4.76 -49.86 -1.10
CA HIS B 557 5.55 -48.81 -1.74
C HIS B 557 6.85 -48.53 -0.98
N ASN B 558 7.71 -49.54 -0.95
CA ASN B 558 9.01 -49.46 -0.30
C ASN B 558 10.13 -49.62 -1.33
N TRP B 559 11.35 -49.76 -0.82
CA TRP B 559 12.54 -49.75 -1.66
C TRP B 559 12.56 -50.87 -2.70
N ARG B 560 11.87 -51.98 -2.45
CA ARG B 560 11.88 -53.07 -3.41
C ARG B 560 11.12 -52.69 -4.68
N HIS B 561 9.99 -51.99 -4.53
CA HIS B 561 9.27 -51.53 -5.72
C HIS B 561 10.10 -50.56 -6.53
N GLY B 562 10.80 -49.64 -5.84
CA GLY B 562 11.63 -48.68 -6.52
C GLY B 562 12.80 -49.33 -7.24
N PHE B 563 13.33 -50.43 -6.72
CA PHE B 563 14.37 -51.12 -7.46
C PHE B 563 13.81 -51.93 -8.63
N ASN B 564 12.63 -52.54 -8.44
CA ASN B 564 12.05 -53.36 -9.50
C ASN B 564 11.71 -52.53 -10.73
N VAL B 565 11.18 -51.33 -10.53
CA VAL B 565 10.84 -50.49 -11.67
C VAL B 565 12.08 -50.16 -12.48
N ALA B 566 13.15 -49.75 -11.81
CA ALA B 566 14.38 -49.40 -12.51
C ALA B 566 14.97 -50.61 -13.21
N GLN B 567 14.92 -51.79 -12.58
CA GLN B 567 15.46 -52.98 -13.24
C GLN B 567 14.67 -53.30 -14.49
N THR B 568 13.34 -53.18 -14.45
CA THR B 568 12.55 -53.46 -15.64
C THR B 568 12.85 -52.46 -16.75
N MET B 569 13.06 -51.20 -16.38
CA MET B 569 13.41 -50.20 -17.41
C MET B 569 14.76 -50.51 -18.04
N PHE B 570 15.74 -50.91 -17.23
CA PHE B 570 17.03 -51.30 -17.77
C PHE B 570 16.92 -52.50 -18.69
N THR B 571 16.10 -53.48 -18.29
CA THR B 571 15.89 -54.65 -19.15
C THR B 571 15.29 -54.25 -20.48
N LEU B 572 14.29 -53.37 -20.47
CA LEU B 572 13.72 -52.91 -21.73
C LEU B 572 14.76 -52.20 -22.58
N LEU B 573 15.60 -51.37 -21.97
CA LEU B 573 16.60 -50.63 -22.73
C LEU B 573 17.63 -51.56 -23.36
N MET B 574 18.07 -52.59 -22.66
CA MET B 574 19.21 -53.38 -23.11
C MET B 574 18.84 -54.77 -23.61
N THR B 575 17.58 -55.17 -23.56
CA THR B 575 17.16 -56.43 -24.15
C THR B 575 16.03 -56.30 -25.15
N GLY B 576 15.21 -55.27 -25.05
CA GLY B 576 14.22 -54.98 -26.05
C GLY B 576 14.73 -54.16 -27.21
N LYS B 577 16.01 -53.79 -27.18
CA LYS B 577 16.66 -53.05 -28.25
C LYS B 577 16.03 -51.67 -28.47
N LEU B 578 15.33 -51.14 -27.48
CA LEU B 578 14.85 -49.77 -27.58
C LEU B 578 15.93 -48.77 -27.30
N LYS B 579 17.18 -49.21 -27.20
CA LYS B 579 18.29 -48.30 -26.99
C LYS B 579 18.64 -47.53 -28.26
N SER B 580 18.25 -48.05 -29.43
CA SER B 580 18.66 -47.43 -30.69
C SER B 580 18.07 -46.05 -30.88
N TYR B 581 16.87 -45.81 -30.36
CA TYR B 581 16.21 -44.53 -30.58
C TYR B 581 16.77 -43.41 -29.71
N TYR B 582 17.44 -43.73 -28.62
CA TYR B 582 17.87 -42.74 -27.63
C TYR B 582 19.38 -42.75 -27.50
N THR B 583 19.96 -41.57 -27.30
CA THR B 583 21.37 -41.45 -26.99
C THR B 583 21.63 -41.84 -25.54
N ASP B 584 22.92 -41.86 -25.16
CA ASP B 584 23.28 -42.24 -23.80
C ASP B 584 22.77 -41.24 -22.78
N LEU B 585 22.84 -39.94 -23.09
CA LEU B 585 22.42 -38.93 -22.14
C LEU B 585 20.93 -39.04 -21.85
N GLU B 586 20.13 -39.48 -22.81
CA GLU B 586 18.70 -39.63 -22.61
C GLU B 586 18.33 -40.98 -22.01
N ALA B 587 19.32 -41.85 -21.74
CA ALA B 587 19.10 -43.06 -20.97
C ALA B 587 19.60 -42.96 -19.55
N PHE B 588 20.66 -42.16 -19.34
CA PHE B 588 21.11 -41.82 -18.00
C PHE B 588 19.97 -41.28 -17.16
N ALA B 589 19.24 -40.30 -17.70
CA ALA B 589 18.18 -39.60 -16.99
C ALA B 589 16.85 -40.35 -17.03
N MET B 590 16.79 -41.50 -17.68
CA MET B 590 15.66 -42.40 -17.54
C MET B 590 15.90 -43.46 -16.48
N VAL B 591 17.09 -44.07 -16.47
CA VAL B 591 17.39 -45.02 -15.41
C VAL B 591 17.43 -44.32 -14.06
N THR B 592 17.99 -43.11 -14.00
CA THR B 592 17.98 -42.38 -12.73
C THR B 592 16.56 -42.01 -12.32
N ALA B 593 15.73 -41.58 -13.25
CA ALA B 593 14.37 -41.19 -12.93
C ALA B 593 13.46 -42.38 -12.65
N GLY B 594 13.93 -43.60 -12.90
CA GLY B 594 13.18 -44.77 -12.47
C GLY B 594 13.32 -45.10 -11.01
N LEU B 595 14.40 -44.66 -10.37
CA LEU B 595 14.66 -44.98 -8.97
C LEU B 595 13.97 -44.03 -7.99
N CYS B 596 13.42 -42.91 -8.46
CA CYS B 596 12.86 -41.91 -7.58
C CYS B 596 11.39 -41.62 -7.86
N HIS B 597 10.67 -42.57 -8.45
CA HIS B 597 9.30 -42.25 -8.86
C HIS B 597 8.30 -42.31 -7.72
N ASP B 598 8.59 -43.07 -6.67
CA ASP B 598 7.73 -43.17 -5.49
C ASP B 598 8.56 -42.95 -4.22
N ILE B 599 9.35 -41.88 -4.20
CA ILE B 599 10.42 -41.78 -3.21
C ILE B 599 9.90 -41.62 -1.79
N ASP B 600 8.78 -40.92 -1.60
CA ASP B 600 8.33 -40.62 -0.24
C ASP B 600 6.83 -40.88 -0.10
N HIS B 601 6.40 -42.08 -0.47
CA HIS B 601 4.98 -42.37 -0.53
C HIS B 601 4.42 -42.59 0.87
N ARG B 602 3.35 -41.87 1.20
CA ARG B 602 2.72 -42.01 2.51
C ARG B 602 2.00 -43.35 2.64
N GLY B 603 1.31 -43.78 1.60
CA GLY B 603 0.56 -45.02 1.64
C GLY B 603 -0.90 -44.85 1.27
N THR B 604 -1.26 -43.67 0.75
CA THR B 604 -2.65 -43.37 0.39
C THR B 604 -2.69 -42.67 -0.96
N ASN B 605 -3.70 -42.97 -1.75
CA ASN B 605 -3.79 -42.48 -3.12
C ASN B 605 -4.20 -41.00 -3.12
N ASN B 606 -4.47 -40.47 -4.31
CA ASN B 606 -4.75 -39.04 -4.47
C ASN B 606 -6.15 -38.65 -3.99
N LEU B 607 -7.06 -39.59 -3.80
CA LEU B 607 -8.40 -39.25 -3.40
C LEU B 607 -8.50 -38.97 -1.90
N TYR B 608 -7.86 -39.80 -1.08
CA TYR B 608 -7.82 -39.55 0.35
C TYR B 608 -7.17 -38.21 0.67
N GLN B 609 -6.21 -37.78 -0.14
CA GLN B 609 -5.57 -36.49 0.07
C GLN B 609 -6.56 -35.35 -0.06
N MET B 610 -7.44 -35.42 -1.07
CA MET B 610 -8.46 -34.39 -1.22
C MET B 610 -9.53 -34.51 -0.13
N LYS B 611 -9.90 -35.73 0.23
CA LYS B 611 -10.97 -35.91 1.20
C LYS B 611 -10.52 -35.69 2.64
N SER B 612 -9.22 -35.49 2.88
CA SER B 612 -8.73 -35.25 4.22
C SER B 612 -8.12 -33.87 4.42
N GLN B 613 -8.05 -33.05 3.37
CA GLN B 613 -7.49 -31.70 3.47
C GLN B 613 -6.04 -31.72 3.94
N ASN B 614 -5.27 -32.66 3.43
CA ASN B 614 -3.84 -32.68 3.69
C ASN B 614 -3.20 -31.43 3.10
N PRO B 615 -2.14 -30.90 3.71
CA PRO B 615 -1.46 -29.74 3.11
C PRO B 615 -0.88 -30.01 1.73
N LEU B 616 -0.79 -31.27 1.31
CA LEU B 616 -0.39 -31.56 -0.06
C LEU B 616 -1.45 -31.10 -1.06
N ALA B 617 -2.73 -31.18 -0.69
CA ALA B 617 -3.81 -30.89 -1.63
C ALA B 617 -4.01 -29.42 -1.88
N LYS B 618 -3.41 -28.53 -1.08
CA LYS B 618 -3.53 -27.10 -1.30
C LYS B 618 -2.35 -26.52 -2.06
N LEU B 619 -1.16 -27.11 -1.92
CA LEU B 619 0.00 -26.61 -2.65
C LEU B 619 -0.12 -26.93 -4.14
N HIS B 620 -0.47 -28.16 -4.48
CA HIS B 620 -0.70 -28.57 -5.85
C HIS B 620 -2.20 -28.74 -6.09
N GLY B 621 -2.59 -28.73 -7.36
CA GLY B 621 -3.99 -28.84 -7.68
C GLY B 621 -4.38 -30.07 -8.46
N SER B 622 -3.49 -30.56 -9.32
CA SER B 622 -3.74 -31.73 -10.14
C SER B 622 -2.55 -32.67 -10.05
N SER B 623 -2.83 -33.98 -9.98
CA SER B 623 -1.81 -34.99 -9.79
C SER B 623 -0.98 -34.68 -8.53
N ILE B 624 -1.69 -34.73 -7.40
CA ILE B 624 -1.16 -34.19 -6.16
C ILE B 624 0.10 -34.90 -5.73
N LEU B 625 0.08 -36.24 -5.70
CA LEU B 625 1.23 -36.98 -5.20
C LEU B 625 2.38 -36.96 -6.19
N GLU B 626 2.10 -37.13 -7.48
CA GLU B 626 3.16 -37.26 -8.47
C GLU B 626 4.02 -36.00 -8.56
N ARG B 627 3.50 -34.85 -8.18
CA ARG B 627 4.32 -33.64 -8.14
C ARG B 627 5.10 -33.51 -6.84
N HIS B 628 4.77 -34.28 -5.81
CA HIS B 628 5.55 -34.26 -4.58
C HIS B 628 6.80 -35.11 -4.70
N HIS B 629 6.76 -36.19 -5.49
CA HIS B 629 7.92 -37.03 -5.69
C HIS B 629 8.98 -36.38 -6.55
N LEU B 630 8.65 -35.31 -7.26
CA LEU B 630 9.59 -34.68 -8.18
C LEU B 630 10.42 -33.60 -7.50
N GLU B 631 9.79 -32.76 -6.68
CA GLU B 631 10.55 -31.70 -6.02
C GLU B 631 11.44 -32.26 -4.94
N PHE B 632 11.04 -33.36 -4.28
CA PHE B 632 11.92 -33.98 -3.30
C PHE B 632 13.14 -34.59 -3.98
N GLY B 633 12.96 -35.25 -5.12
CA GLY B 633 14.09 -35.79 -5.84
C GLY B 633 15.04 -34.71 -6.34
N LYS B 634 14.50 -33.63 -6.89
CA LYS B 634 15.35 -32.54 -7.34
C LYS B 634 15.97 -31.77 -6.18
N PHE B 635 15.39 -31.86 -4.98
CA PHE B 635 16.06 -31.32 -3.81
C PHE B 635 17.21 -32.22 -3.37
N LEU B 636 17.01 -33.54 -3.43
CA LEU B 636 18.08 -34.47 -3.08
C LEU B 636 19.29 -34.29 -3.99
N LEU B 637 19.07 -34.33 -5.30
CA LEU B 637 20.20 -34.16 -6.22
C LEU B 637 20.41 -32.70 -6.60
N SER B 638 20.59 -31.85 -5.58
CA SER B 638 20.88 -30.44 -5.80
C SER B 638 21.94 -29.90 -4.85
N GLU B 639 22.73 -30.77 -4.22
CA GLU B 639 23.72 -30.37 -3.25
C GLU B 639 25.02 -31.10 -3.51
N GLU B 640 26.12 -30.51 -3.03
CA GLU B 640 27.41 -31.18 -3.14
C GLU B 640 27.39 -32.48 -2.34
N THR B 641 28.25 -33.42 -2.76
CA THR B 641 28.41 -34.77 -2.23
C THR B 641 27.25 -35.68 -2.62
N LEU B 642 26.24 -35.16 -3.33
CA LEU B 642 25.18 -36.02 -3.86
C LEU B 642 24.79 -35.63 -5.27
N ASN B 643 25.47 -34.66 -5.88
CA ASN B 643 25.13 -34.17 -7.22
C ASN B 643 25.94 -34.97 -8.24
N ILE B 644 25.28 -35.88 -8.94
CA ILE B 644 25.95 -36.71 -9.93
C ILE B 644 25.92 -36.03 -11.28
N TYR B 645 25.44 -34.78 -11.32
CA TYR B 645 25.34 -34.03 -12.56
C TYR B 645 26.31 -32.85 -12.61
N GLN B 646 27.32 -32.84 -11.75
CA GLN B 646 28.14 -31.64 -11.65
C GLN B 646 29.13 -31.49 -12.80
N ASN B 647 29.62 -32.59 -13.35
CA ASN B 647 30.59 -32.50 -14.43
C ASN B 647 29.98 -32.23 -15.79
N LEU B 648 28.65 -32.21 -15.90
CA LEU B 648 28.00 -31.84 -17.13
C LEU B 648 28.08 -30.34 -17.34
N ASN B 649 27.98 -29.92 -18.60
CA ASN B 649 27.92 -28.51 -18.93
C ASN B 649 26.47 -28.02 -18.84
N ARG B 650 26.24 -26.78 -19.26
CA ARG B 650 24.94 -26.15 -19.02
C ARG B 650 23.84 -26.79 -19.87
N ARG B 651 24.10 -26.96 -21.17
CA ARG B 651 23.05 -27.43 -22.07
C ARG B 651 22.58 -28.84 -21.70
N GLN B 652 23.53 -29.74 -21.44
CA GLN B 652 23.16 -31.11 -21.09
C GLN B 652 22.38 -31.16 -19.78
N HIS B 653 22.80 -30.36 -18.80
CA HIS B 653 22.10 -30.32 -17.52
C HIS B 653 20.67 -29.84 -17.72
N GLU B 654 20.48 -28.79 -18.51
CA GLU B 654 19.13 -28.32 -18.78
C GLU B 654 18.31 -29.39 -19.49
N HIS B 655 18.93 -30.10 -20.43
CA HIS B 655 18.21 -31.14 -21.18
C HIS B 655 17.72 -32.25 -20.26
N VAL B 656 18.60 -32.75 -19.39
CA VAL B 656 18.21 -33.88 -18.54
C VAL B 656 17.19 -33.43 -17.50
N ILE B 657 17.33 -32.22 -16.96
CA ILE B 657 16.32 -31.78 -15.99
C ILE B 657 14.97 -31.61 -16.67
N HIS B 658 14.94 -31.12 -17.92
CA HIS B 658 13.67 -31.05 -18.62
C HIS B 658 13.13 -32.44 -18.94
N LEU B 659 13.99 -33.41 -19.18
CA LEU B 659 13.55 -34.75 -19.57
C LEU B 659 13.15 -35.62 -18.39
N MET B 660 13.50 -35.23 -17.17
CA MET B 660 13.18 -36.07 -16.01
C MET B 660 11.76 -35.85 -15.49
N ASP B 661 11.26 -34.61 -15.54
CA ASP B 661 9.94 -34.35 -14.98
C ASP B 661 8.83 -35.01 -15.79
N ILE B 662 8.99 -35.07 -17.11
CA ILE B 662 8.01 -35.77 -17.94
C ILE B 662 7.93 -37.23 -17.52
N ALA B 663 9.08 -37.87 -17.37
CA ALA B 663 9.10 -39.27 -17.01
C ALA B 663 8.46 -39.50 -15.64
N ILE B 664 8.73 -38.62 -14.68
CA ILE B 664 8.17 -38.83 -13.35
C ILE B 664 6.67 -38.60 -13.34
N ILE B 665 6.21 -37.49 -13.92
CA ILE B 665 4.78 -37.17 -13.89
C ILE B 665 3.97 -38.10 -14.78
N ALA B 666 4.60 -38.77 -15.74
CA ALA B 666 3.83 -39.64 -16.63
C ALA B 666 3.32 -40.91 -15.94
N THR B 667 3.71 -41.17 -14.70
CA THR B 667 3.27 -42.38 -14.00
C THR B 667 1.89 -42.23 -13.38
N ASP B 668 1.24 -41.08 -13.53
CA ASP B 668 -0.13 -40.90 -12.99
C ASP B 668 -1.09 -41.63 -13.92
N LEU B 669 -1.89 -42.56 -13.42
CA LEU B 669 -2.74 -43.37 -14.34
C LEU B 669 -3.69 -42.48 -15.09
N ALA B 670 -4.25 -41.44 -14.47
CA ALA B 670 -5.28 -40.67 -15.17
C ALA B 670 -4.71 -40.08 -16.46
N LEU B 671 -3.48 -39.61 -16.47
CA LEU B 671 -2.98 -39.04 -17.74
C LEU B 671 -2.94 -40.13 -18.80
N TYR B 672 -2.62 -41.36 -18.44
CA TYR B 672 -2.48 -42.40 -19.49
C TYR B 672 -3.78 -42.58 -20.24
N PHE B 673 -4.92 -42.58 -19.58
CA PHE B 673 -6.15 -42.89 -20.33
C PHE B 673 -6.35 -41.86 -21.43
N LYS B 674 -6.15 -40.59 -21.14
CA LYS B 674 -6.41 -39.52 -22.14
C LYS B 674 -5.46 -39.52 -23.33
N LYS B 675 -4.17 -39.74 -23.11
CA LYS B 675 -3.19 -39.61 -24.22
C LYS B 675 -2.73 -41.00 -24.63
N ARG B 676 -3.65 -41.94 -24.74
CA ARG B 676 -3.29 -43.33 -25.09
C ARG B 676 -3.40 -43.49 -26.60
N THR B 677 -4.41 -42.87 -27.21
CA THR B 677 -4.60 -43.08 -28.63
C THR B 677 -3.38 -42.64 -29.45
N MET B 678 -2.73 -41.55 -29.06
CA MET B 678 -1.64 -40.98 -29.86
C MET B 678 -0.48 -41.95 -30.04
N PHE B 679 -0.33 -42.93 -29.15
CA PHE B 679 0.73 -43.92 -29.30
C PHE B 679 0.40 -44.93 -30.40
N GLN B 680 -0.88 -45.27 -30.54
CA GLN B 680 -1.28 -46.25 -31.54
C GLN B 680 -1.02 -45.73 -32.95
N LYS B 681 -1.16 -44.41 -33.16
CA LYS B 681 -0.87 -43.85 -34.47
C LYS B 681 0.61 -44.00 -34.83
N ILE B 682 1.49 -43.78 -33.85
CA ILE B 682 2.92 -44.00 -34.09
C ILE B 682 3.18 -45.47 -34.41
N VAL B 683 2.53 -46.36 -33.66
CA VAL B 683 2.69 -47.79 -33.92
C VAL B 683 2.31 -48.11 -35.36
N ASP B 684 1.19 -47.56 -35.83
CA ASP B 684 0.75 -47.83 -37.19
C ASP B 684 1.69 -47.21 -38.23
N GLU B 685 2.18 -46.00 -37.97
CA GLU B 685 3.11 -45.37 -38.90
C GLU B 685 4.39 -46.18 -39.03
N SER B 686 4.79 -46.89 -37.98
CA SER B 686 5.98 -47.71 -38.06
C SER B 686 5.84 -48.84 -39.09
N LYS B 687 4.62 -49.32 -39.31
CA LYS B 687 4.43 -50.52 -40.12
C LYS B 687 4.74 -50.27 -41.59
N ASN B 688 4.18 -49.20 -42.17
CA ASN B 688 4.24 -49.02 -43.62
C ASN B 688 5.64 -48.80 -44.14
N TYR B 689 6.58 -48.38 -43.29
CA TYR B 689 7.95 -48.19 -43.74
C TYR B 689 8.54 -49.50 -44.25
N GLU B 690 9.57 -49.37 -45.09
CA GLU B 690 10.09 -50.53 -45.80
C GLU B 690 10.83 -51.48 -44.86
N ASP B 691 11.89 -50.99 -44.21
CA ASP B 691 12.78 -51.84 -43.44
C ASP B 691 12.89 -51.32 -42.02
N ARG B 692 13.35 -52.20 -41.12
CA ARG B 692 13.57 -51.82 -39.73
C ARG B 692 14.63 -50.73 -39.61
N LYS B 693 15.71 -50.85 -40.38
CA LYS B 693 16.81 -49.89 -40.27
C LYS B 693 16.39 -48.49 -40.69
N SER B 694 15.59 -48.37 -41.75
CA SER B 694 15.18 -47.06 -42.23
C SER B 694 14.33 -46.34 -41.19
N TRP B 695 13.46 -47.08 -40.50
CA TRP B 695 12.62 -46.50 -39.46
C TRP B 695 13.45 -45.84 -38.36
N VAL B 696 14.64 -46.39 -38.08
CA VAL B 696 15.50 -45.80 -37.05
C VAL B 696 15.90 -44.39 -37.42
N GLU B 697 16.35 -44.19 -38.66
CA GLU B 697 16.81 -42.87 -39.07
C GLU B 697 15.67 -41.85 -39.11
N TYR B 698 14.42 -42.30 -39.22
CA TYR B 698 13.31 -41.36 -39.19
C TYR B 698 12.91 -41.03 -37.76
N LEU B 699 12.81 -42.04 -36.90
CA LEU B 699 12.33 -41.80 -35.54
C LEU B 699 13.38 -41.11 -34.69
N SER B 700 14.66 -41.42 -34.90
CA SER B 700 15.71 -40.86 -34.05
C SER B 700 15.94 -39.37 -34.29
N LEU B 701 15.17 -38.73 -35.17
CA LEU B 701 15.30 -37.30 -35.42
C LEU B 701 14.14 -36.48 -34.89
N GLU B 702 12.91 -36.94 -35.08
CA GLU B 702 11.76 -36.20 -34.57
C GLU B 702 11.73 -36.27 -33.05
N THR B 703 11.58 -35.10 -32.42
CA THR B 703 11.67 -35.00 -30.98
C THR B 703 10.35 -35.31 -30.28
N THR B 704 9.25 -34.71 -30.76
CA THR B 704 7.98 -34.86 -30.09
C THR B 704 7.55 -36.32 -30.01
N ARG B 705 7.84 -37.11 -31.04
CA ARG B 705 7.35 -38.49 -31.05
C ARG B 705 8.12 -39.38 -30.09
N LYS B 706 9.38 -39.05 -29.80
CA LYS B 706 10.14 -39.84 -28.83
C LYS B 706 9.61 -39.67 -27.41
N GLU B 707 9.19 -38.45 -27.07
CA GLU B 707 8.68 -38.20 -25.72
C GLU B 707 7.42 -39.02 -25.44
N ILE B 708 6.55 -39.15 -26.43
CA ILE B 708 5.35 -39.96 -26.26
C ILE B 708 5.71 -41.44 -26.06
N VAL B 709 6.86 -41.87 -26.55
CA VAL B 709 7.26 -43.25 -26.33
C VAL B 709 7.87 -43.42 -24.94
N MET B 710 8.66 -42.44 -24.48
CA MET B 710 9.21 -42.53 -23.13
C MET B 710 8.10 -42.50 -22.08
N ALA B 711 7.12 -41.62 -22.26
CA ALA B 711 6.01 -41.49 -21.31
C ALA B 711 5.07 -42.63 -21.36
N MET B 712 5.41 -43.64 -22.15
CA MET B 712 4.59 -44.86 -22.21
C MET B 712 5.44 -45.99 -21.67
N MET B 713 6.75 -46.01 -21.99
CA MET B 713 7.62 -46.98 -21.34
C MET B 713 7.56 -46.84 -19.83
N MET B 714 7.45 -45.61 -19.32
CA MET B 714 7.36 -45.45 -17.88
C MET B 714 6.14 -46.15 -17.31
N THR B 715 4.97 -46.10 -17.95
CA THR B 715 3.80 -46.85 -17.42
C THR B 715 3.96 -48.33 -17.69
N ALA B 716 4.55 -48.70 -18.82
CA ALA B 716 4.75 -50.12 -19.03
C ALA B 716 5.68 -50.74 -17.99
N CYS B 717 6.56 -49.93 -17.40
CA CYS B 717 7.44 -50.40 -16.34
C CYS B 717 6.80 -50.32 -14.96
N ASP B 718 6.05 -49.25 -14.68
CA ASP B 718 5.57 -49.01 -13.33
C ASP B 718 4.66 -50.11 -12.80
N LEU B 719 4.02 -50.88 -13.68
CA LEU B 719 3.14 -51.96 -13.24
C LEU B 719 3.53 -53.27 -13.90
N SER B 720 4.83 -53.54 -14.00
CA SER B 720 5.30 -54.78 -14.60
C SER B 720 5.08 -55.99 -13.70
N ALA B 721 4.78 -55.79 -12.42
CA ALA B 721 4.62 -56.90 -11.49
C ALA B 721 3.51 -57.86 -11.89
N ILE B 722 2.70 -57.52 -12.90
CA ILE B 722 1.63 -58.41 -13.35
C ILE B 722 2.11 -59.41 -14.39
N THR B 723 3.32 -59.23 -14.94
CA THR B 723 3.82 -60.09 -16.01
C THR B 723 4.81 -61.15 -15.52
N LYS B 724 5.05 -61.23 -14.24
CA LYS B 724 6.03 -62.18 -13.74
C LYS B 724 5.41 -63.55 -13.56
N PRO B 725 6.22 -64.60 -13.45
CA PRO B 725 5.67 -65.96 -13.30
C PRO B 725 4.75 -66.07 -12.10
N TRP B 726 3.97 -67.15 -12.07
CA TRP B 726 2.90 -67.29 -11.10
C TRP B 726 3.38 -67.71 -9.72
N GLU B 727 4.68 -67.57 -9.43
CA GLU B 727 5.18 -67.75 -8.08
C GLU B 727 5.35 -66.45 -7.32
N VAL B 728 5.39 -65.32 -8.02
CA VAL B 728 5.56 -64.02 -7.38
C VAL B 728 4.26 -63.22 -7.37
N GLN B 729 3.44 -63.39 -8.41
CA GLN B 729 2.18 -62.67 -8.49
C GLN B 729 1.26 -63.04 -7.33
N SER B 730 1.23 -64.32 -6.97
CA SER B 730 0.35 -64.79 -5.90
C SER B 730 0.65 -64.14 -4.57
N LYS B 731 1.85 -63.59 -4.39
CA LYS B 731 2.21 -62.88 -3.17
C LYS B 731 2.09 -61.37 -3.32
N VAL B 732 2.48 -60.82 -4.47
CA VAL B 732 2.38 -59.38 -4.67
C VAL B 732 0.92 -58.93 -4.61
N ALA B 733 -0.01 -59.76 -5.08
CA ALA B 733 -1.42 -59.39 -5.01
C ALA B 733 -1.84 -59.17 -3.56
N LEU B 734 -1.49 -60.09 -2.68
CA LEU B 734 -1.84 -59.95 -1.27
C LEU B 734 -1.14 -58.76 -0.64
N LEU B 735 0.11 -58.50 -1.04
CA LEU B 735 0.81 -57.33 -0.52
C LEU B 735 0.07 -56.05 -0.86
N VAL B 736 -0.43 -55.93 -2.09
CA VAL B 736 -1.19 -54.73 -2.46
C VAL B 736 -2.50 -54.66 -1.69
N ALA B 737 -3.20 -55.80 -1.59
CA ALA B 737 -4.46 -55.83 -0.87
C ALA B 737 -4.30 -55.37 0.57
N ALA B 738 -3.15 -55.65 1.19
CA ALA B 738 -2.92 -55.21 2.56
C ALA B 738 -2.99 -53.70 2.68
N GLU B 739 -2.30 -52.99 1.79
CA GLU B 739 -2.34 -51.52 1.81
C GLU B 739 -3.74 -51.00 1.53
N PHE B 740 -4.44 -51.63 0.60
CA PHE B 740 -5.80 -51.16 0.31
C PHE B 740 -6.70 -51.29 1.54
N TRP B 741 -6.61 -52.43 2.24
CA TRP B 741 -7.42 -52.61 3.44
C TRP B 741 -7.03 -51.63 4.53
N GLU B 742 -5.73 -51.32 4.66
CA GLU B 742 -5.31 -50.35 5.66
C GLU B 742 -5.89 -48.96 5.37
N GLN B 743 -5.88 -48.55 4.11
CA GLN B 743 -6.47 -47.26 3.77
C GLN B 743 -7.97 -47.26 4.05
N GLY B 744 -8.64 -48.38 3.77
CA GLY B 744 -10.06 -48.47 4.10
C GLY B 744 -10.32 -48.31 5.58
N ASP B 745 -9.50 -48.95 6.42
CA ASP B 745 -9.65 -48.81 7.86
C ASP B 745 -9.46 -47.37 8.31
N LEU B 746 -8.44 -46.71 7.76
CA LEU B 746 -8.24 -45.29 8.11
C LEU B 746 -9.44 -44.45 7.71
N GLU B 747 -9.98 -44.70 6.52
CA GLU B 747 -11.15 -43.95 6.06
C GLU B 747 -12.33 -44.13 7.01
N ARG B 748 -12.59 -45.37 7.42
CA ARG B 748 -13.76 -45.61 8.27
C ARG B 748 -13.55 -45.06 9.68
N THR B 749 -12.30 -45.09 10.18
CA THR B 749 -12.07 -44.68 11.56
C THR B 749 -12.03 -43.16 11.70
N VAL B 750 -11.32 -42.46 10.82
CA VAL B 750 -11.05 -41.04 11.06
C VAL B 750 -12.21 -40.18 10.56
N LEU B 751 -12.50 -40.23 9.27
CA LEU B 751 -13.45 -39.30 8.68
C LEU B 751 -14.89 -39.79 8.75
N ASP B 752 -15.12 -41.02 9.19
CA ASP B 752 -16.47 -41.55 9.44
C ASP B 752 -17.31 -41.59 8.17
N GLN B 753 -16.87 -42.38 7.21
CA GLN B 753 -17.67 -42.74 6.04
C GLN B 753 -17.58 -44.24 5.81
N GLN B 754 -18.32 -44.71 4.83
CA GLN B 754 -18.33 -46.12 4.48
C GLN B 754 -17.33 -46.38 3.36
N PRO B 755 -16.37 -47.28 3.56
CA PRO B 755 -15.43 -47.61 2.48
C PRO B 755 -16.12 -48.35 1.35
N ILE B 756 -15.54 -48.21 0.17
CA ILE B 756 -16.09 -48.81 -1.05
C ILE B 756 -15.73 -50.29 -1.07
N PRO B 757 -16.38 -51.12 -1.89
CA PRO B 757 -16.09 -52.56 -1.85
C PRO B 757 -14.65 -52.91 -2.14
N MET B 758 -13.92 -52.07 -2.88
CA MET B 758 -12.52 -52.35 -3.18
C MET B 758 -11.67 -52.39 -1.92
N MET B 759 -11.98 -51.54 -0.94
CA MET B 759 -11.13 -51.35 0.24
C MET B 759 -11.79 -51.82 1.53
N ASP B 760 -12.70 -52.77 1.46
CA ASP B 760 -13.37 -53.29 2.64
C ASP B 760 -12.70 -54.59 3.08
N ARG B 761 -12.25 -54.63 4.33
CA ARG B 761 -11.51 -55.80 4.81
C ARG B 761 -12.40 -57.02 4.95
N ASN B 762 -13.70 -56.81 5.18
CA ASN B 762 -14.60 -57.95 5.41
C ASN B 762 -14.70 -58.82 4.16
N LYS B 763 -14.97 -58.21 3.01
CA LYS B 763 -15.18 -58.95 1.77
C LYS B 763 -13.85 -59.23 1.09
N ALA B 764 -13.06 -60.09 1.72
CA ALA B 764 -11.75 -60.47 1.23
C ALA B 764 -11.76 -61.80 0.49
N ALA B 765 -12.92 -62.25 0.05
CA ALA B 765 -13.03 -63.49 -0.71
C ALA B 765 -13.30 -63.25 -2.18
N GLU B 766 -13.66 -62.03 -2.58
CA GLU B 766 -13.88 -61.69 -3.97
C GLU B 766 -12.66 -61.08 -4.62
N LEU B 767 -11.52 -61.11 -3.94
CA LEU B 767 -10.27 -60.63 -4.53
C LEU B 767 -9.94 -61.27 -5.87
N PRO B 768 -10.08 -62.59 -6.07
CA PRO B 768 -9.77 -63.15 -7.39
C PRO B 768 -10.62 -62.56 -8.51
N LYS B 769 -11.79 -62.03 -8.21
CA LYS B 769 -12.63 -61.49 -9.27
C LYS B 769 -12.13 -60.12 -9.72
N LEU B 770 -12.01 -59.17 -8.78
CA LEU B 770 -11.62 -57.81 -9.13
C LEU B 770 -10.34 -57.79 -9.96
N GLN B 771 -9.34 -58.56 -9.54
CA GLN B 771 -8.06 -58.58 -10.24
C GLN B 771 -8.25 -58.89 -11.71
N VAL B 772 -9.12 -59.85 -12.03
CA VAL B 772 -9.36 -60.21 -13.43
C VAL B 772 -9.77 -58.97 -14.21
N GLY B 773 -10.74 -58.22 -13.68
CA GLY B 773 -11.19 -57.03 -14.37
C GLY B 773 -10.05 -56.07 -14.65
N PHE B 774 -9.14 -55.91 -13.68
CA PHE B 774 -8.01 -55.02 -13.85
C PHE B 774 -7.22 -55.38 -15.10
N ILE B 775 -6.97 -56.68 -15.30
CA ILE B 775 -6.16 -57.08 -16.45
C ILE B 775 -6.84 -56.67 -17.74
N ASP B 776 -8.17 -56.72 -17.78
CA ASP B 776 -8.87 -56.29 -18.98
C ASP B 776 -8.93 -54.78 -19.09
N PHE B 777 -8.94 -54.08 -17.95
CA PHE B 777 -9.22 -52.65 -17.98
C PHE B 777 -8.01 -51.82 -18.37
N VAL B 778 -6.81 -52.19 -17.92
CA VAL B 778 -5.59 -51.33 -18.09
C VAL B 778 -4.38 -52.06 -18.68
N CYS B 779 -4.10 -53.29 -18.27
CA CYS B 779 -2.84 -53.92 -18.65
C CYS B 779 -2.87 -54.42 -20.09
N THR B 780 -4.01 -54.94 -20.55
CA THR B 780 -4.03 -55.70 -21.79
C THR B 780 -3.71 -54.85 -23.01
N PHE B 781 -3.86 -53.54 -22.93
CA PHE B 781 -3.51 -52.68 -24.09
C PHE B 781 -2.01 -52.36 -24.17
N VAL B 782 -1.41 -51.75 -23.14
CA VAL B 782 0.01 -51.32 -23.23
C VAL B 782 0.89 -52.44 -23.76
N TYR B 783 0.69 -53.67 -23.31
CA TYR B 783 1.59 -54.77 -23.67
C TYR B 783 1.33 -55.29 -25.08
N LYS B 784 0.07 -55.35 -25.50
CA LYS B 784 -0.23 -55.78 -26.86
C LYS B 784 0.33 -54.80 -27.88
N GLU B 785 0.25 -53.50 -27.59
CA GLU B 785 0.81 -52.51 -28.51
C GLU B 785 2.32 -52.64 -28.60
N PHE B 786 3.00 -52.79 -27.45
CA PHE B 786 4.43 -52.98 -27.49
C PHE B 786 4.82 -54.27 -28.18
N SER B 787 3.97 -55.29 -28.09
CA SER B 787 4.26 -56.55 -28.78
C SER B 787 4.14 -56.37 -30.29
N ARG B 788 3.19 -55.57 -30.76
CA ARG B 788 3.13 -55.29 -32.19
C ARG B 788 4.21 -54.31 -32.63
N PHE B 789 4.79 -53.55 -31.70
CA PHE B 789 5.84 -52.61 -32.06
C PHE B 789 7.17 -53.31 -32.26
N HIS B 790 7.68 -53.96 -31.20
CA HIS B 790 8.88 -54.77 -31.28
C HIS B 790 8.53 -56.22 -31.01
N GLU B 791 9.42 -57.12 -31.42
CA GLU B 791 9.16 -58.56 -31.32
C GLU B 791 9.83 -59.20 -30.11
N GLU B 792 10.73 -58.49 -29.43
CA GLU B 792 11.44 -59.06 -28.29
C GLU B 792 10.65 -59.01 -26.99
N ILE B 793 9.46 -58.41 -27.00
CA ILE B 793 8.70 -58.17 -25.79
C ILE B 793 7.45 -59.06 -25.72
N LEU B 794 7.50 -60.23 -26.34
CA LEU B 794 6.38 -61.17 -26.39
C LEU B 794 6.20 -62.01 -25.11
N PRO B 795 7.28 -62.45 -24.46
CA PRO B 795 7.10 -63.22 -23.21
C PRO B 795 6.25 -62.51 -22.18
N MET B 796 6.40 -61.20 -22.05
CA MET B 796 5.53 -60.44 -21.15
C MET B 796 4.06 -60.70 -21.47
N PHE B 797 3.71 -60.64 -22.75
CA PHE B 797 2.33 -60.80 -23.15
C PHE B 797 1.82 -62.21 -22.84
N ASP B 798 2.62 -63.24 -23.15
CA ASP B 798 2.09 -64.58 -22.91
C ASP B 798 1.99 -64.88 -21.42
N ARG B 799 2.94 -64.41 -20.62
CA ARG B 799 2.84 -64.60 -19.17
C ARG B 799 1.63 -63.88 -18.60
N LEU B 800 1.33 -62.68 -19.13
CA LEU B 800 0.13 -61.97 -18.71
C LEU B 800 -1.13 -62.78 -19.01
N GLN B 801 -1.19 -63.37 -20.20
CA GLN B 801 -2.34 -64.21 -20.54
C GLN B 801 -2.47 -65.38 -19.55
N ASN B 802 -1.35 -66.01 -19.23
CA ASN B 802 -1.39 -67.16 -18.31
C ASN B 802 -1.89 -66.74 -16.94
N ASN B 803 -1.40 -65.62 -16.42
CA ASN B 803 -1.86 -65.15 -15.11
C ASN B 803 -3.34 -64.83 -15.13
N ARG B 804 -3.83 -64.23 -16.22
CA ARG B 804 -5.26 -63.97 -16.32
C ARG B 804 -6.05 -65.27 -16.25
N LYS B 805 -5.59 -66.30 -16.96
CA LYS B 805 -6.27 -67.58 -16.91
C LYS B 805 -6.35 -68.12 -15.48
N GLU B 806 -5.23 -68.06 -14.76
CA GLU B 806 -5.22 -68.58 -13.40
C GLU B 806 -6.20 -67.83 -12.51
N TRP B 807 -6.17 -66.50 -12.58
CA TRP B 807 -7.06 -65.72 -11.71
C TRP B 807 -8.52 -65.98 -12.05
N LYS B 808 -8.86 -66.09 -13.33
CA LYS B 808 -10.25 -66.35 -13.68
C LYS B 808 -10.69 -67.73 -13.21
N ALA B 809 -9.79 -68.72 -13.26
CA ALA B 809 -10.14 -70.04 -12.73
C ALA B 809 -10.45 -69.96 -11.24
N LEU B 810 -9.63 -69.25 -10.48
CA LEU B 810 -9.90 -69.11 -9.05
C LEU B 810 -11.23 -68.42 -8.80
N ALA B 811 -11.52 -67.36 -9.57
CA ALA B 811 -12.78 -66.65 -9.40
C ALA B 811 -13.97 -67.55 -9.69
N ASP B 812 -13.88 -68.36 -10.73
CA ASP B 812 -14.96 -69.28 -11.05
C ASP B 812 -15.18 -70.29 -9.93
N GLU B 813 -14.09 -70.82 -9.37
CA GLU B 813 -14.23 -71.76 -8.26
C GLU B 813 -14.93 -71.10 -7.07
N TYR B 814 -14.52 -69.88 -6.73
CA TYR B 814 -15.15 -69.19 -5.60
C TYR B 814 -16.63 -68.96 -5.84
N GLU B 815 -16.98 -68.51 -7.04
CA GLU B 815 -18.39 -68.24 -7.34
C GLU B 815 -19.21 -69.52 -7.28
N ALA B 816 -18.64 -70.64 -7.77
CA ALA B 816 -19.34 -71.91 -7.70
C ALA B 816 -19.59 -72.32 -6.26
N LYS B 817 -18.58 -72.17 -5.40
CA LYS B 817 -18.77 -72.50 -3.99
C LYS B 817 -19.85 -71.63 -3.36
N VAL B 818 -19.83 -70.33 -3.66
CA VAL B 818 -20.83 -69.42 -3.09
C VAL B 818 -22.23 -69.81 -3.51
N LYS B 819 -22.41 -70.11 -4.80
CA LYS B 819 -23.73 -70.53 -5.27
C LYS B 819 -24.14 -71.85 -4.61
N ALA B 820 -23.19 -72.76 -4.42
CA ALA B 820 -23.52 -74.03 -3.77
C ALA B 820 -24.00 -73.81 -2.35
N LEU B 821 -23.37 -72.88 -1.61
CA LEU B 821 -23.77 -72.65 -0.22
C LEU B 821 -25.19 -72.14 -0.10
N GLU B 822 -25.69 -71.41 -1.12
CA GLU B 822 -27.01 -70.81 -1.06
C GLU B 822 -28.13 -71.76 -1.44
N GLU B 823 -27.80 -73.01 -1.81
CA GLU B 823 -28.84 -73.95 -2.24
C GLU B 823 -29.84 -74.21 -1.12
N ASP B 824 -29.35 -74.41 0.10
CA ASP B 824 -30.23 -74.69 1.23
C ASP B 824 -30.49 -73.43 2.05
N ALA C 36 46.29 44.48 -27.77
CA ALA C 36 46.88 44.15 -26.47
C ALA C 36 46.29 42.86 -25.93
N ARG C 37 46.26 42.75 -24.61
CA ARG C 37 45.67 41.59 -23.93
C ARG C 37 44.22 41.45 -24.35
N THR C 38 43.90 40.37 -25.07
CA THR C 38 42.65 40.31 -25.81
C THR C 38 41.47 39.96 -24.93
N VAL C 39 41.44 38.74 -24.37
CA VAL C 39 40.24 38.29 -23.67
C VAL C 39 40.59 37.14 -22.74
N LYS C 40 39.99 37.18 -21.54
CA LYS C 40 39.95 36.04 -20.63
C LYS C 40 38.65 35.29 -20.92
N LEU C 41 38.66 34.57 -22.04
CA LEU C 41 37.50 33.81 -22.46
C LEU C 41 37.09 32.84 -21.38
N LEU C 42 35.81 32.84 -21.03
CA LEU C 42 35.28 31.97 -19.99
C LEU C 42 34.29 31.00 -20.62
N LEU C 43 34.48 29.70 -20.38
CA LEU C 43 33.59 28.68 -20.92
C LEU C 43 32.73 28.12 -19.80
N LEU C 44 31.41 28.11 -19.99
CA LEU C 44 30.49 27.60 -19.00
C LEU C 44 29.51 26.65 -19.68
N GLY C 45 28.94 25.76 -18.87
CA GLY C 45 27.91 24.86 -19.38
C GLY C 45 27.52 23.87 -18.31
N ALA C 46 26.52 23.06 -18.65
CA ALA C 46 26.10 21.97 -17.78
C ALA C 46 27.07 20.80 -17.90
N GLY C 47 26.77 19.73 -17.19
CA GLY C 47 27.62 18.55 -17.25
C GLY C 47 27.56 17.87 -18.60
N GLU C 48 28.69 17.27 -18.98
CA GLU C 48 28.82 16.47 -20.21
C GLU C 48 28.56 17.28 -21.47
N SER C 49 28.82 18.57 -21.45
CA SER C 49 28.67 19.41 -22.63
C SER C 49 29.89 19.36 -23.55
N GLY C 50 30.92 18.62 -23.18
CA GLY C 50 32.14 18.58 -23.98
C GLY C 50 32.89 19.89 -24.03
N LYS C 51 33.01 20.58 -22.90
CA LYS C 51 33.80 21.80 -22.86
C LYS C 51 35.27 21.51 -23.10
N SER C 52 35.81 20.48 -22.44
CA SER C 52 37.22 20.14 -22.61
C SER C 52 37.51 19.64 -24.01
N THR C 53 36.50 19.08 -24.69
CA THR C 53 36.70 18.62 -26.06
C THR C 53 37.04 19.77 -26.99
N ILE C 54 36.35 20.91 -26.84
CA ILE C 54 36.65 22.06 -27.68
C ILE C 54 38.05 22.57 -27.38
N VAL C 55 38.47 22.53 -26.11
CA VAL C 55 39.81 22.97 -25.75
C VAL C 55 40.87 22.10 -26.44
N LYS C 56 40.70 20.77 -26.35
CA LYS C 56 41.68 19.89 -26.97
C LYS C 56 41.67 20.03 -28.49
N GLN C 57 40.49 20.18 -29.09
CA GLN C 57 40.40 20.35 -30.54
C GLN C 57 41.10 21.63 -30.98
N MET C 58 40.90 22.73 -30.25
CA MET C 58 41.57 23.98 -30.58
C MET C 58 43.07 23.87 -30.40
N LYS C 59 43.52 23.20 -29.35
CA LYS C 59 44.96 23.06 -29.12
C LYS C 59 45.62 22.17 -30.17
N ILE C 60 44.89 21.18 -30.69
CA ILE C 60 45.44 20.35 -31.75
C ILE C 60 45.45 21.09 -33.08
N ILE C 61 44.37 21.79 -33.41
CA ILE C 61 44.25 22.41 -34.73
C ILE C 61 45.10 23.67 -34.81
N HIS C 62 44.83 24.65 -33.95
CA HIS C 62 45.44 25.97 -34.11
C HIS C 62 46.96 25.92 -33.98
N GLN C 63 47.46 25.20 -32.99
CA GLN C 63 48.89 25.06 -32.76
C GLN C 63 49.29 23.61 -32.98
N ASP C 64 50.54 23.29 -32.66
CA ASP C 64 51.08 21.96 -32.91
C ASP C 64 50.26 20.89 -32.20
N GLY C 65 50.39 19.65 -32.71
CA GLY C 65 49.68 18.53 -32.13
C GLY C 65 50.28 18.10 -30.81
N TYR C 66 49.65 17.08 -30.23
CA TYR C 66 50.07 16.59 -28.91
C TYR C 66 51.51 16.07 -28.95
N SER C 67 51.73 14.98 -29.67
CA SER C 67 53.05 14.36 -29.82
C SER C 67 52.92 13.16 -30.74
N LEU C 68 54.05 12.71 -31.27
CA LEU C 68 54.08 11.45 -32.01
C LEU C 68 53.85 10.25 -31.09
N GLU C 69 53.97 10.44 -29.78
CA GLU C 69 53.71 9.41 -28.77
C GLU C 69 52.36 9.64 -28.09
N GLU C 70 51.35 10.01 -28.86
CA GLU C 70 50.06 10.39 -28.28
C GLU C 70 49.42 9.24 -27.51
N CYS C 71 49.52 8.02 -28.03
CA CYS C 71 48.87 6.88 -27.38
C CYS C 71 49.44 6.63 -25.99
N LEU C 72 50.74 6.88 -25.80
CA LEU C 72 51.32 6.74 -24.47
C LEU C 72 50.64 7.66 -23.47
N GLU C 73 50.28 8.87 -23.91
CA GLU C 73 49.69 9.83 -22.99
C GLU C 73 48.36 9.35 -22.45
N PHE C 74 47.41 9.00 -23.33
CA PHE C 74 46.13 8.42 -22.90
C PHE C 74 45.77 7.23 -23.77
N ILE C 75 46.30 6.06 -23.44
CA ILE C 75 45.75 4.78 -23.86
C ILE C 75 45.04 4.07 -22.72
N ALA C 76 45.52 4.23 -21.49
CA ALA C 76 44.90 3.56 -20.35
C ALA C 76 43.46 4.03 -20.14
N ILE C 77 43.21 5.33 -20.32
CA ILE C 77 41.85 5.84 -20.17
C ILE C 77 40.95 5.31 -21.28
N ILE C 78 41.49 5.17 -22.49
CA ILE C 78 40.74 4.59 -23.59
C ILE C 78 40.40 3.13 -23.32
N TYR C 79 41.28 2.40 -22.63
CA TYR C 79 40.93 1.06 -22.19
C TYR C 79 39.86 1.09 -21.10
N GLY C 80 40.01 2.00 -20.14
CA GLY C 80 39.08 2.06 -19.02
C GLY C 80 37.65 2.34 -19.45
N ASN C 81 37.46 3.30 -20.36
CA ASN C 81 36.12 3.62 -20.82
C ASN C 81 35.47 2.44 -21.52
N THR C 82 36.23 1.75 -22.38
CA THR C 82 35.72 0.58 -23.07
C THR C 82 35.34 -0.52 -22.07
N LEU C 83 36.12 -0.65 -21.00
CA LEU C 83 35.79 -1.65 -19.98
C LEU C 83 34.55 -1.26 -19.19
N GLN C 84 34.38 0.03 -18.91
CA GLN C 84 33.24 0.49 -18.11
C GLN C 84 31.92 0.37 -18.86
N SER C 85 31.95 0.60 -20.18
CA SER C 85 30.71 0.62 -20.95
C SER C 85 29.94 -0.70 -20.82
N ILE C 86 30.60 -1.82 -21.11
CA ILE C 86 29.91 -3.10 -21.11
C ILE C 86 29.47 -3.47 -19.70
N LEU C 87 30.26 -3.12 -18.69
CA LEU C 87 29.85 -3.38 -17.31
C LEU C 87 28.56 -2.62 -16.98
N ALA C 88 28.47 -1.36 -17.41
CA ALA C 88 27.24 -0.61 -17.18
C ALA C 88 26.07 -1.27 -17.91
N ILE C 89 26.29 -1.70 -19.15
CA ILE C 89 25.20 -2.31 -19.92
C ILE C 89 24.69 -3.58 -19.25
N VAL C 90 25.60 -4.46 -18.85
CA VAL C 90 25.19 -5.72 -18.24
C VAL C 90 24.58 -5.48 -16.86
N ARG C 91 24.99 -4.41 -16.17
CA ARG C 91 24.35 -4.11 -14.90
C ARG C 91 22.93 -3.61 -15.09
N ALA C 92 22.71 -2.82 -16.15
CA ALA C 92 21.37 -2.32 -16.42
C ALA C 92 20.44 -3.41 -16.94
N MET C 93 21.00 -4.41 -17.62
CA MET C 93 20.17 -5.46 -18.20
C MET C 93 19.33 -6.18 -17.15
N THR C 94 19.93 -6.52 -16.01
CA THR C 94 19.18 -7.18 -14.95
C THR C 94 18.15 -6.25 -14.33
N THR C 95 18.45 -4.96 -14.24
CA THR C 95 17.48 -4.00 -13.70
C THR C 95 16.26 -3.91 -14.61
N LEU C 96 16.47 -3.92 -15.92
CA LEU C 96 15.37 -3.78 -16.87
C LEU C 96 14.69 -5.09 -17.21
N ASN C 97 15.14 -6.21 -16.64
CA ASN C 97 14.53 -7.53 -16.84
C ASN C 97 14.50 -7.90 -18.34
N ILE C 98 15.69 -8.02 -18.90
CA ILE C 98 15.86 -8.46 -20.28
C ILE C 98 16.55 -9.82 -20.26
N GLN C 99 16.18 -10.68 -21.21
CA GLN C 99 16.64 -12.06 -21.24
C GLN C 99 17.69 -12.24 -22.32
N TYR C 100 18.81 -12.88 -21.96
CA TYR C 100 19.86 -13.18 -22.91
C TYR C 100 19.35 -14.13 -23.98
N GLY C 101 19.81 -13.94 -25.21
CA GLY C 101 19.47 -14.87 -26.27
C GLY C 101 20.07 -16.26 -26.04
N ASP C 102 21.33 -16.30 -25.60
CA ASP C 102 22.02 -17.54 -25.28
C ASP C 102 22.38 -17.51 -23.80
N SER C 103 21.58 -18.20 -22.98
CA SER C 103 21.75 -18.14 -21.54
C SER C 103 23.06 -18.75 -21.07
N ALA C 104 23.71 -19.57 -21.89
CA ALA C 104 24.92 -20.28 -21.47
C ALA C 104 26.02 -19.32 -21.04
N ARG C 105 25.99 -18.07 -21.51
CA ARG C 105 27.02 -17.09 -21.19
C ARG C 105 26.72 -16.28 -19.94
N GLN C 106 25.63 -16.59 -19.22
CA GLN C 106 25.30 -15.84 -18.01
C GLN C 106 26.46 -15.82 -17.03
N ASP C 107 26.97 -17.01 -16.68
CA ASP C 107 28.13 -17.07 -15.79
C ASP C 107 29.31 -16.31 -16.37
N ASP C 108 29.46 -16.33 -17.69
CA ASP C 108 30.53 -15.56 -18.32
C ASP C 108 30.40 -14.08 -17.99
N ALA C 109 29.18 -13.55 -18.05
CA ALA C 109 28.97 -12.17 -17.63
C ALA C 109 29.37 -12.00 -16.17
N ARG C 110 29.03 -12.98 -15.32
CA ARG C 110 29.50 -12.95 -13.95
C ARG C 110 31.02 -12.98 -13.90
N LYS C 111 31.64 -13.80 -14.76
CA LYS C 111 33.08 -13.79 -14.87
C LYS C 111 33.60 -12.41 -15.27
N LEU C 112 32.83 -11.69 -16.10
CA LEU C 112 33.20 -10.32 -16.42
C LEU C 112 33.18 -9.42 -15.19
N MET C 113 32.24 -9.68 -14.26
CA MET C 113 32.28 -8.99 -12.98
C MET C 113 33.50 -9.39 -12.16
N HIS C 114 34.00 -10.60 -12.37
CA HIS C 114 35.13 -11.11 -11.60
C HIS C 114 36.47 -10.84 -12.29
N MET C 115 36.60 -11.21 -13.57
CA MET C 115 37.89 -11.07 -14.24
C MET C 115 38.33 -9.62 -14.31
N ALA C 116 37.39 -8.71 -14.57
CA ALA C 116 37.71 -7.29 -14.57
C ALA C 116 37.91 -6.74 -13.16
N ASP C 117 37.37 -7.41 -12.14
CA ASP C 117 37.51 -6.92 -10.77
C ASP C 117 38.97 -6.92 -10.34
N THR C 118 39.72 -7.96 -10.66
CA THR C 118 41.10 -8.10 -10.23
C THR C 118 42.11 -7.72 -11.32
N ILE C 119 41.67 -7.46 -12.55
CA ILE C 119 42.60 -7.11 -13.61
C ILE C 119 43.24 -5.76 -13.31
N GLU C 120 44.46 -5.58 -13.81
CA GLU C 120 45.17 -4.32 -13.64
C GLU C 120 44.59 -3.27 -14.59
N GLU C 121 44.61 -2.02 -14.12
CA GLU C 121 44.08 -0.93 -14.93
C GLU C 121 44.93 -0.72 -16.18
N GLY C 122 44.26 -0.43 -17.28
CA GLY C 122 44.95 -0.15 -18.53
C GLY C 122 45.51 -1.35 -19.25
N THR C 123 45.16 -2.56 -18.84
CA THR C 123 45.65 -3.75 -19.50
C THR C 123 44.71 -4.91 -19.24
N MET C 124 44.72 -5.89 -20.15
CA MET C 124 43.86 -7.06 -20.06
C MET C 124 44.40 -8.12 -21.00
N PRO C 125 44.16 -9.40 -20.73
CA PRO C 125 44.62 -10.46 -21.63
C PRO C 125 43.63 -10.65 -22.78
N LYS C 126 43.94 -11.64 -23.63
CA LYS C 126 43.14 -11.87 -24.83
C LYS C 126 41.78 -12.47 -24.50
N GLU C 127 41.73 -13.33 -23.48
CA GLU C 127 40.48 -14.02 -23.16
C GLU C 127 39.39 -13.03 -22.80
N MET C 128 39.65 -12.13 -21.84
CA MET C 128 38.70 -11.08 -21.51
C MET C 128 38.41 -10.20 -22.72
N SER C 129 39.46 -9.88 -23.49
CA SER C 129 39.32 -8.94 -24.61
C SER C 129 38.33 -9.45 -25.64
N ASP C 130 38.37 -10.75 -25.94
CA ASP C 130 37.42 -11.28 -26.91
C ASP C 130 36.12 -11.75 -26.27
N ILE C 131 36.10 -12.02 -24.97
CA ILE C 131 34.84 -12.32 -24.30
C ILE C 131 33.94 -11.10 -24.30
N ILE C 132 34.53 -9.91 -24.16
CA ILE C 132 33.73 -8.68 -24.23
C ILE C 132 32.99 -8.60 -25.56
N GLN C 133 33.71 -8.80 -26.67
CA GLN C 133 33.06 -8.70 -27.97
C GLN C 133 32.20 -9.92 -28.29
N ARG C 134 32.42 -11.04 -27.61
CA ARG C 134 31.53 -12.18 -27.79
C ARG C 134 30.18 -11.94 -27.10
N LEU C 135 30.20 -11.39 -25.89
CA LEU C 135 28.96 -10.96 -25.26
C LEU C 135 28.33 -9.76 -25.94
N TRP C 136 29.11 -9.01 -26.72
CA TRP C 136 28.53 -7.94 -27.52
C TRP C 136 27.55 -8.48 -28.56
N LYS C 137 27.70 -9.74 -28.97
CA LYS C 137 26.89 -10.29 -30.05
C LYS C 137 25.52 -10.76 -29.59
N ASP C 138 25.24 -10.80 -28.30
CA ASP C 138 23.95 -11.27 -27.81
C ASP C 138 22.83 -10.34 -28.28
N SER C 139 21.66 -10.92 -28.56
CA SER C 139 20.51 -10.13 -28.98
C SER C 139 19.88 -9.36 -27.84
N GLY C 140 20.00 -9.86 -26.60
CA GLY C 140 19.53 -9.09 -25.46
C GLY C 140 20.35 -7.84 -25.23
N ILE C 141 21.66 -7.92 -25.48
CA ILE C 141 22.54 -6.77 -25.29
C ILE C 141 22.11 -5.60 -26.18
N GLN C 142 21.76 -5.90 -27.43
CA GLN C 142 21.35 -4.85 -28.35
C GLN C 142 20.12 -4.12 -27.86
N ALA C 143 19.19 -4.83 -27.22
CA ALA C 143 17.99 -4.19 -26.70
C ALA C 143 18.34 -3.16 -25.62
N CYS C 144 19.22 -3.53 -24.70
CA CYS C 144 19.63 -2.58 -23.67
C CYS C 144 20.41 -1.41 -24.27
N PHE C 145 21.27 -1.69 -25.26
CA PHE C 145 22.00 -0.60 -25.91
C PHE C 145 21.05 0.35 -26.62
N ASP C 146 19.92 -0.16 -27.11
CA ASP C 146 18.93 0.71 -27.73
C ASP C 146 18.12 1.48 -26.69
N ARG C 147 17.82 0.87 -25.55
CA ARG C 147 17.07 1.55 -24.50
C ARG C 147 17.97 2.14 -23.42
N ALA C 148 19.21 2.44 -23.77
CA ALA C 148 20.14 3.09 -22.85
C ALA C 148 19.76 4.53 -22.49
N SER C 149 18.64 5.05 -23.00
CA SER C 149 18.20 6.37 -22.58
C SER C 149 17.66 6.39 -21.16
N GLU C 150 17.47 5.22 -20.54
CA GLU C 150 16.93 5.15 -19.19
C GLU C 150 18.01 5.21 -18.12
N TYR C 151 19.14 4.55 -18.34
CA TYR C 151 20.26 4.58 -17.41
C TYR C 151 21.37 5.48 -17.95
N GLN C 152 22.51 5.48 -17.29
CA GLN C 152 23.64 6.33 -17.65
C GLN C 152 24.67 5.51 -18.41
N LEU C 153 25.19 6.07 -19.50
CA LEU C 153 26.13 5.36 -20.36
C LEU C 153 27.03 6.39 -21.04
N ASN C 154 28.34 6.23 -20.89
CA ASN C 154 29.28 7.13 -21.54
C ASN C 154 29.09 7.10 -23.05
N ASP C 155 29.19 8.26 -23.67
CA ASP C 155 28.78 8.45 -25.06
C ASP C 155 29.73 7.80 -26.07
N SER C 156 30.90 7.35 -25.63
CA SER C 156 31.89 6.80 -26.55
C SER C 156 31.77 5.30 -26.75
N ALA C 157 30.79 4.65 -26.10
CA ALA C 157 30.67 3.20 -26.17
C ALA C 157 30.36 2.72 -27.58
N GLY C 158 29.79 3.57 -28.43
CA GLY C 158 29.60 3.19 -29.82
C GLY C 158 30.92 3.05 -30.56
N TYR C 159 31.89 3.91 -30.27
CA TYR C 159 33.15 3.89 -31.00
C TYR C 159 34.15 2.92 -30.35
N TYR C 160 34.35 3.04 -29.04
CA TYR C 160 35.38 2.26 -28.38
C TYR C 160 35.10 0.76 -28.40
N LEU C 161 33.83 0.38 -28.49
CA LEU C 161 33.46 -1.02 -28.64
C LEU C 161 33.12 -1.39 -30.08
N SER C 162 33.43 -0.52 -31.04
CA SER C 162 33.19 -0.85 -32.44
C SER C 162 34.21 -1.88 -32.93
N ASP C 163 35.50 -1.61 -32.71
CA ASP C 163 36.57 -2.56 -33.05
C ASP C 163 37.50 -2.71 -31.85
N LEU C 164 37.10 -3.55 -30.90
CA LEU C 164 37.94 -3.77 -29.72
C LEU C 164 39.23 -4.50 -30.09
N GLU C 165 39.18 -5.31 -31.14
CA GLU C 165 40.40 -5.95 -31.62
C GLU C 165 41.46 -4.93 -32.00
N ARG C 166 41.05 -3.71 -32.36
CA ARG C 166 42.02 -2.67 -32.64
C ARG C 166 42.77 -2.27 -31.37
N LEU C 167 42.06 -2.16 -30.24
CA LEU C 167 42.67 -1.67 -29.01
C LEU C 167 43.55 -2.70 -28.33
N VAL C 168 43.20 -3.99 -28.43
CA VAL C 168 43.94 -5.02 -27.71
C VAL C 168 45.16 -5.50 -28.48
N THR C 169 45.35 -5.08 -29.72
CA THR C 169 46.57 -5.38 -30.45
C THR C 169 47.73 -4.57 -29.87
N PRO C 170 48.96 -5.09 -29.98
CA PRO C 170 50.10 -4.35 -29.46
C PRO C 170 50.36 -3.06 -30.22
N GLY C 171 50.86 -2.06 -29.50
CA GLY C 171 51.21 -0.78 -30.09
C GLY C 171 50.04 -0.01 -30.66
N TYR C 172 48.95 0.07 -29.91
CA TYR C 172 47.77 0.79 -30.37
C TYR C 172 48.05 2.29 -30.47
N VAL C 173 47.56 2.91 -31.54
CA VAL C 173 47.69 4.35 -31.73
C VAL C 173 46.35 4.92 -32.18
N PRO C 174 46.00 6.14 -31.78
CA PRO C 174 44.72 6.74 -32.23
C PRO C 174 44.87 7.55 -33.51
N THR C 175 43.98 7.36 -34.46
CA THR C 175 44.02 8.05 -35.74
C THR C 175 42.97 9.16 -35.78
N GLU C 176 43.31 10.31 -35.18
CA GLU C 176 42.64 11.59 -35.41
C GLU C 176 41.22 11.64 -34.85
N GLN C 177 40.69 10.52 -34.42
CA GLN C 177 39.34 10.49 -33.86
C GLN C 177 39.27 9.78 -32.52
N ASP C 178 40.03 8.71 -32.35
CA ASP C 178 40.20 8.11 -31.03
C ASP C 178 41.04 8.98 -30.10
N VAL C 179 41.69 10.02 -30.65
CA VAL C 179 42.43 10.95 -29.81
C VAL C 179 41.48 11.77 -28.95
N LEU C 180 40.37 12.23 -29.53
CA LEU C 180 39.50 13.19 -28.88
C LEU C 180 38.38 12.53 -28.06
N ARG C 181 37.81 11.43 -28.56
CA ARG C 181 36.63 10.83 -27.93
C ARG C 181 37.02 10.06 -26.66
N SER C 182 37.67 10.77 -25.75
CA SER C 182 38.06 10.24 -24.45
C SER C 182 37.62 11.21 -23.37
N CYS C 183 37.09 10.67 -22.28
CA CYS C 183 36.44 11.47 -21.25
C CYS C 183 37.31 11.53 -19.99
N VAL C 184 37.53 12.75 -19.50
CA VAL C 184 38.19 12.99 -18.23
C VAL C 184 37.29 13.92 -17.40
N LYS C 185 37.13 13.60 -16.12
CA LYS C 185 36.20 14.33 -15.26
C LYS C 185 36.92 15.54 -14.68
N THR C 186 36.86 16.65 -15.41
CA THR C 186 37.44 17.90 -14.93
C THR C 186 36.71 18.37 -13.68
N THR C 187 37.47 18.67 -12.63
CA THR C 187 36.90 19.16 -11.38
C THR C 187 37.30 20.59 -11.07
N GLY C 188 38.60 20.88 -10.98
CA GLY C 188 39.04 22.24 -10.75
C GLY C 188 39.04 23.07 -12.01
N ILE C 189 39.16 24.39 -11.81
CA ILE C 189 39.23 25.28 -12.96
C ILE C 189 40.60 25.14 -13.62
N ILE C 190 40.65 25.43 -14.92
CA ILE C 190 41.88 25.31 -15.69
C ILE C 190 42.13 26.63 -16.42
N GLU C 191 43.40 26.88 -16.71
CA GLU C 191 43.80 28.06 -17.45
C GLU C 191 44.70 27.62 -18.60
N THR C 192 44.33 28.00 -19.82
CA THR C 192 45.18 27.80 -20.98
C THR C 192 45.33 29.15 -21.68
N GLN C 193 46.39 29.28 -22.46
CA GLN C 193 46.66 30.55 -23.12
C GLN C 193 47.32 30.29 -24.46
N PHE C 194 46.96 31.11 -25.44
CA PHE C 194 47.55 30.97 -26.77
C PHE C 194 47.23 32.20 -27.60
N SER C 195 47.92 32.32 -28.73
CA SER C 195 47.82 33.48 -29.60
C SER C 195 47.24 33.07 -30.95
N PHE C 196 46.25 33.82 -31.43
CA PHE C 196 45.64 33.57 -32.72
C PHE C 196 45.10 34.87 -33.28
N LYS C 197 45.17 34.99 -34.62
CA LYS C 197 44.58 36.10 -35.36
C LYS C 197 45.11 37.44 -34.85
N ASP C 198 46.43 37.51 -34.65
CA ASP C 198 47.10 38.68 -34.10
C ASP C 198 46.46 39.08 -32.76
N LEU C 199 46.14 38.07 -31.96
CA LEU C 199 45.62 38.27 -30.62
C LEU C 199 46.10 37.12 -29.75
N ASN C 200 46.38 37.43 -28.48
CA ASN C 200 46.74 36.44 -27.48
C ASN C 200 45.72 36.51 -26.36
N PHE C 201 45.26 35.35 -25.90
CA PHE C 201 44.17 35.33 -24.94
C PHE C 201 44.20 34.03 -24.15
N ARG C 202 43.43 34.03 -23.06
CA ARG C 202 43.44 32.93 -22.09
C ARG C 202 42.05 32.35 -21.97
N MET C 203 41.93 31.04 -22.14
CA MET C 203 40.66 30.34 -21.98
C MET C 203 40.59 29.65 -20.63
N PHE C 204 39.43 29.77 -19.97
CA PHE C 204 39.15 29.12 -18.71
C PHE C 204 38.03 28.11 -18.90
N ASP C 205 38.25 26.90 -18.38
CA ASP C 205 37.23 25.85 -18.35
C ASP C 205 37.05 25.39 -16.91
N VAL C 206 35.80 25.09 -16.55
CA VAL C 206 35.44 24.80 -15.17
C VAL C 206 34.62 23.51 -15.13
N GLY C 207 34.44 23.00 -13.91
CA GLY C 207 33.66 21.79 -13.73
C GLY C 207 32.17 22.03 -13.91
N GLY C 208 31.48 21.05 -14.50
CA GLY C 208 30.07 21.16 -14.77
C GLY C 208 29.15 20.56 -13.73
N LEU C 209 29.67 19.78 -12.79
CA LEU C 209 28.83 19.22 -11.76
C LEU C 209 28.38 20.30 -10.78
N ARG C 210 27.35 19.98 -9.99
CA ARG C 210 26.79 20.96 -9.07
C ARG C 210 27.77 21.27 -7.95
N SER C 211 28.51 20.27 -7.48
CA SER C 211 29.50 20.49 -6.42
C SER C 211 30.66 21.35 -6.89
N GLU C 212 30.90 21.44 -8.20
CA GLU C 212 31.98 22.25 -8.75
C GLU C 212 31.51 23.63 -9.18
N ARG C 213 30.22 23.92 -9.09
CA ARG C 213 29.71 25.21 -9.57
C ARG C 213 30.07 26.35 -8.63
N LYS C 214 30.41 26.07 -7.37
CA LYS C 214 30.78 27.13 -6.46
C LYS C 214 32.13 27.76 -6.81
N LYS C 215 32.98 27.05 -7.55
CA LYS C 215 34.27 27.60 -7.95
C LYS C 215 34.14 28.66 -9.04
N TRP C 216 32.96 28.77 -9.66
CA TRP C 216 32.80 29.67 -10.79
C TRP C 216 32.98 31.14 -10.42
N ILE C 217 32.81 31.48 -9.14
CA ILE C 217 32.92 32.88 -8.72
C ILE C 217 34.33 33.41 -8.89
N HIS C 218 35.34 32.53 -8.94
CA HIS C 218 36.72 32.97 -9.05
C HIS C 218 37.06 33.52 -10.43
N CYS C 219 36.18 33.37 -11.41
CA CYS C 219 36.44 33.84 -12.76
C CYS C 219 35.40 34.84 -13.27
N PHE C 220 34.39 35.17 -12.47
CA PHE C 220 33.39 36.13 -12.91
C PHE C 220 33.99 37.52 -13.09
N GLU C 221 34.89 37.92 -12.19
CA GLU C 221 35.44 39.26 -12.23
C GLU C 221 36.38 39.43 -13.42
N GLY C 222 36.37 40.63 -14.00
CA GLY C 222 37.30 40.98 -15.07
C GLY C 222 37.22 40.10 -16.29
N VAL C 223 36.01 39.74 -16.72
CA VAL C 223 35.82 38.89 -17.89
C VAL C 223 35.40 39.76 -19.07
N THR C 224 35.65 39.25 -20.27
CA THR C 224 35.34 39.97 -21.49
C THR C 224 34.39 39.23 -22.42
N ALA C 225 34.59 37.92 -22.60
CA ALA C 225 33.72 37.13 -23.46
C ALA C 225 33.44 35.78 -22.81
N ILE C 226 32.17 35.37 -22.85
CA ILE C 226 31.73 34.13 -22.22
C ILE C 226 31.00 33.30 -23.26
N ILE C 227 31.27 31.99 -23.24
CA ILE C 227 30.69 31.03 -24.17
C ILE C 227 29.99 29.95 -23.37
N PHE C 228 28.69 29.84 -23.58
CA PHE C 228 27.88 28.80 -22.97
C PHE C 228 27.79 27.60 -23.92
N CYS C 229 27.82 26.40 -23.36
CA CYS C 229 27.76 25.18 -24.15
C CYS C 229 26.52 24.39 -23.77
N VAL C 230 25.75 23.98 -24.78
CA VAL C 230 24.54 23.20 -24.57
C VAL C 230 24.57 22.00 -25.51
N ALA C 231 24.32 20.82 -24.97
CA ALA C 231 24.26 19.60 -25.76
C ALA C 231 22.82 19.39 -26.23
N LEU C 232 22.60 19.42 -27.54
CA LEU C 232 21.26 19.27 -28.07
C LEU C 232 20.72 17.85 -27.92
N SER C 233 21.58 16.87 -27.65
CA SER C 233 21.15 15.48 -27.67
C SER C 233 20.29 15.13 -26.46
N ASP C 234 20.71 15.56 -25.27
CA ASP C 234 20.10 15.08 -24.03
C ASP C 234 18.81 15.84 -23.70
N TYR C 235 17.83 15.67 -24.57
CA TYR C 235 16.48 16.16 -24.30
C TYR C 235 15.58 15.08 -23.70
N ASP C 236 16.12 13.90 -23.42
CA ASP C 236 15.38 12.83 -22.77
C ASP C 236 16.22 12.10 -21.74
N MET C 237 17.17 12.79 -21.10
CA MET C 237 18.10 12.16 -20.18
C MET C 237 18.06 12.87 -18.83
N VAL C 238 18.29 12.10 -17.78
CA VAL C 238 18.22 12.60 -16.41
C VAL C 238 19.62 12.92 -15.91
N LEU C 239 19.68 13.71 -14.85
CA LEU C 239 20.94 14.09 -14.23
C LEU C 239 21.50 12.93 -13.39
N VAL C 240 22.82 12.99 -13.17
CA VAL C 240 23.45 11.99 -12.31
C VAL C 240 23.07 12.19 -10.86
N GLU C 241 23.04 13.44 -10.40
CA GLU C 241 22.74 13.71 -9.00
C GLU C 241 21.29 13.35 -8.65
N ASP C 242 20.34 13.80 -9.47
CA ASP C 242 18.92 13.53 -9.25
C ASP C 242 18.37 12.77 -10.45
N ASP C 243 17.55 11.76 -10.15
CA ASP C 243 17.03 10.85 -11.18
C ASP C 243 15.66 11.26 -11.70
N GLU C 244 15.18 12.46 -11.36
CA GLU C 244 13.89 12.92 -11.86
C GLU C 244 13.95 14.29 -12.53
N VAL C 245 15.15 14.83 -12.75
CA VAL C 245 15.31 16.15 -13.36
C VAL C 245 15.83 15.97 -14.77
N ASN C 246 15.15 16.59 -15.73
CA ASN C 246 15.59 16.56 -17.11
C ASN C 246 16.77 17.51 -17.31
N ARG C 247 17.60 17.22 -18.31
CA ARG C 247 18.78 18.02 -18.56
C ARG C 247 18.50 19.22 -19.47
N MET C 248 17.65 19.03 -20.48
CA MET C 248 17.24 20.16 -21.31
C MET C 248 16.54 21.21 -20.46
N HIS C 249 15.68 20.79 -19.54
CA HIS C 249 15.05 21.73 -18.62
C HIS C 249 16.05 22.35 -17.68
N GLU C 250 17.12 21.63 -17.32
CA GLU C 250 18.08 22.15 -16.37
C GLU C 250 18.99 23.20 -16.99
N SER C 251 19.33 23.06 -18.27
CA SER C 251 20.22 24.05 -18.91
C SER C 251 19.56 25.41 -18.99
N MET C 252 18.25 25.45 -19.21
CA MET C 252 17.55 26.71 -19.44
C MET C 252 17.61 27.61 -18.20
N HIS C 253 17.49 27.02 -17.01
CA HIS C 253 17.54 27.83 -15.79
C HIS C 253 18.91 28.49 -15.64
N LEU C 254 19.99 27.73 -15.86
CA LEU C 254 21.32 28.31 -15.78
C LEU C 254 21.52 29.40 -16.81
N PHE C 255 21.05 29.17 -18.05
CA PHE C 255 21.20 30.19 -19.07
C PHE C 255 20.43 31.45 -18.72
N ASN C 256 19.21 31.30 -18.20
CA ASN C 256 18.42 32.46 -17.81
C ASN C 256 19.09 33.22 -16.69
N SER C 257 19.63 32.52 -15.70
CA SER C 257 20.30 33.19 -14.58
C SER C 257 21.53 33.95 -15.05
N ILE C 258 22.33 33.34 -15.93
CA ILE C 258 23.57 33.98 -16.38
C ILE C 258 23.26 35.18 -17.27
N CYS C 259 22.34 35.01 -18.22
CA CYS C 259 22.17 35.99 -19.28
C CYS C 259 21.70 37.33 -18.74
N ASN C 260 20.81 37.33 -17.77
CA ASN C 260 20.18 38.56 -17.28
C ASN C 260 20.79 39.05 -15.98
N ASN C 261 21.96 38.55 -15.61
CA ASN C 261 22.60 39.01 -14.39
C ASN C 261 23.21 40.40 -14.59
N LYS C 262 23.42 41.10 -13.47
CA LYS C 262 23.91 42.47 -13.54
C LYS C 262 25.36 42.54 -13.99
N TRP C 263 26.20 41.64 -13.47
CA TRP C 263 27.64 41.76 -13.67
C TRP C 263 28.03 41.61 -15.14
N PHE C 264 27.36 40.70 -15.86
CA PHE C 264 27.71 40.40 -17.24
C PHE C 264 26.94 41.23 -18.25
N THR C 265 26.55 42.45 -17.88
CA THR C 265 25.75 43.28 -18.79
C THR C 265 26.55 43.68 -20.02
N ASP C 266 27.84 43.96 -19.87
CA ASP C 266 28.68 44.37 -20.99
C ASP C 266 29.43 43.20 -21.62
N THR C 267 29.68 42.14 -20.86
CA THR C 267 30.42 40.99 -21.39
C THR C 267 29.69 40.40 -22.58
N SER C 268 30.46 40.02 -23.60
CA SER C 268 29.88 39.42 -24.80
C SER C 268 29.43 37.99 -24.52
N ILE C 269 28.28 37.64 -25.07
CA ILE C 269 27.65 36.34 -24.86
C ILE C 269 27.68 35.57 -26.17
N ILE C 270 28.14 34.32 -26.11
CA ILE C 270 28.09 33.42 -27.26
C ILE C 270 27.54 32.08 -26.79
N LEU C 271 26.66 31.48 -27.59
CA LEU C 271 26.05 30.20 -27.28
C LEU C 271 26.47 29.17 -28.32
N PHE C 272 26.82 27.96 -27.86
CA PHE C 272 27.25 26.88 -28.73
C PHE C 272 26.38 25.65 -28.49
N LEU C 273 26.07 24.95 -29.58
CA LEU C 273 25.32 23.71 -29.54
C LEU C 273 26.24 22.56 -29.96
N ASN C 274 26.38 21.57 -29.09
CA ASN C 274 27.25 20.43 -29.34
C ASN C 274 26.41 19.20 -29.68
N LYS C 275 27.11 18.13 -30.08
CA LYS C 275 26.51 16.81 -30.28
C LYS C 275 25.38 16.84 -31.31
N LYS C 276 25.47 17.72 -32.30
CA LYS C 276 24.40 17.83 -33.28
C LYS C 276 24.26 16.57 -34.13
N ASP C 277 25.35 15.86 -34.39
CA ASP C 277 25.27 14.63 -35.18
C ASP C 277 24.46 13.56 -34.46
N LEU C 278 24.70 13.38 -33.17
CA LEU C 278 23.91 12.43 -32.39
C LEU C 278 22.47 12.89 -32.23
N PHE C 279 22.25 14.21 -32.13
CA PHE C 279 20.89 14.73 -32.13
C PHE C 279 20.16 14.37 -33.40
N GLU C 280 20.84 14.50 -34.55
CA GLU C 280 20.25 14.05 -35.81
C GLU C 280 19.97 12.57 -35.79
N GLU C 281 20.89 11.78 -35.23
CA GLU C 281 20.68 10.33 -35.17
C GLU C 281 19.47 9.97 -34.33
N LYS C 282 19.27 10.67 -33.21
CA LYS C 282 18.22 10.33 -32.25
C LYS C 282 16.87 10.95 -32.56
N ILE C 283 16.84 12.03 -33.35
CA ILE C 283 15.60 12.79 -33.54
C ILE C 283 14.48 11.95 -34.15
N LYS C 284 14.82 10.84 -34.80
CA LYS C 284 13.80 10.04 -35.48
C LYS C 284 13.03 9.15 -34.50
N LYS C 285 13.73 8.48 -33.59
CA LYS C 285 13.11 7.44 -32.79
C LYS C 285 12.24 7.99 -31.66
N SER C 286 12.68 9.08 -31.02
CA SER C 286 12.00 9.57 -29.83
C SER C 286 11.15 10.79 -30.14
N PRO C 287 9.87 10.78 -29.81
CA PRO C 287 9.05 11.99 -29.99
C PRO C 287 9.55 13.14 -29.14
N LEU C 288 9.44 14.35 -29.68
CA LEU C 288 9.91 15.54 -28.99
C LEU C 288 8.97 16.00 -27.89
N SER C 289 7.74 15.48 -27.85
CA SER C 289 6.76 15.93 -26.87
C SER C 289 7.15 15.57 -25.44
N ILE C 290 8.11 14.66 -25.25
CA ILE C 290 8.53 14.29 -23.91
C ILE C 290 9.11 15.50 -23.17
N CYS C 291 9.99 16.23 -23.84
CA CYS C 291 10.56 17.42 -23.22
C CYS C 291 9.54 18.56 -23.18
N PHE C 292 8.94 18.88 -24.31
CA PHE C 292 7.93 19.93 -24.39
C PHE C 292 6.58 19.31 -24.74
N PRO C 293 5.70 19.11 -23.76
CA PRO C 293 4.43 18.43 -24.05
C PRO C 293 3.53 19.17 -25.02
N ASP C 294 3.56 20.50 -25.01
CA ASP C 294 2.61 21.27 -25.82
C ASP C 294 2.96 21.26 -27.30
N TYR C 295 4.25 21.18 -27.64
CA TYR C 295 4.66 21.25 -29.03
C TYR C 295 4.16 20.06 -29.83
N ALA C 296 3.65 20.36 -31.04
CA ALA C 296 3.18 19.34 -31.97
C ALA C 296 3.68 19.68 -33.37
N GLY C 297 4.07 18.66 -34.11
CA GLY C 297 4.52 18.87 -35.47
C GLY C 297 5.29 17.66 -35.99
N SER C 298 5.88 17.83 -37.16
CA SER C 298 6.66 16.79 -37.79
C SER C 298 8.05 16.70 -37.16
N ASN C 299 8.75 15.61 -37.47
CA ASN C 299 10.08 15.36 -36.91
C ASN C 299 11.10 15.53 -38.03
N THR C 300 11.75 16.69 -38.06
CA THR C 300 12.83 16.99 -39.00
C THR C 300 13.99 17.61 -38.23
N TYR C 301 15.13 17.69 -38.90
CA TYR C 301 16.29 18.35 -38.30
C TYR C 301 16.04 19.84 -38.13
N GLU C 302 15.57 20.50 -39.19
CA GLU C 302 15.44 21.95 -39.19
C GLU C 302 14.35 22.41 -38.22
N GLU C 303 13.18 21.77 -38.25
CA GLU C 303 12.08 22.20 -37.39
C GLU C 303 12.45 22.08 -35.92
N ALA C 304 12.95 20.92 -35.50
CA ALA C 304 13.33 20.72 -34.11
C ALA C 304 14.46 21.64 -33.70
N GLY C 305 15.49 21.77 -34.55
CA GLY C 305 16.60 22.64 -34.22
C GLY C 305 16.17 24.08 -34.03
N ASN C 306 15.35 24.59 -34.94
CA ASN C 306 14.91 25.98 -34.85
C ASN C 306 13.97 26.18 -33.67
N TYR C 307 13.11 25.21 -33.39
CA TYR C 307 12.21 25.32 -32.24
C TYR C 307 13.01 25.39 -30.94
N ILE C 308 14.00 24.51 -30.78
CA ILE C 308 14.83 24.55 -29.58
C ILE C 308 15.59 25.86 -29.51
N LYS C 309 16.13 26.33 -30.64
CA LYS C 309 16.91 27.56 -30.63
C LYS C 309 16.05 28.75 -30.24
N VAL C 310 14.83 28.86 -30.78
CA VAL C 310 14.00 30.01 -30.48
C VAL C 310 13.51 29.95 -29.03
N GLN C 311 13.17 28.75 -28.54
CA GLN C 311 12.74 28.66 -27.15
C GLN C 311 13.89 28.89 -26.18
N PHE C 312 15.13 28.65 -26.59
CA PHE C 312 16.26 29.07 -25.78
C PHE C 312 16.44 30.58 -25.83
N LEU C 313 16.34 31.17 -27.02
CA LEU C 313 16.60 32.58 -27.19
C LEU C 313 15.50 33.47 -26.63
N GLU C 314 14.33 32.92 -26.30
CA GLU C 314 13.28 33.76 -25.74
C GLU C 314 13.57 34.24 -24.33
N LEU C 315 14.62 33.74 -23.69
CA LEU C 315 14.88 34.01 -22.28
C LEU C 315 15.71 35.26 -22.04
N ASN C 316 15.68 36.23 -22.95
CA ASN C 316 16.42 37.48 -22.77
C ASN C 316 15.44 38.65 -22.73
N MET C 317 15.49 39.44 -21.67
CA MET C 317 14.64 40.63 -21.58
C MET C 317 15.18 41.76 -22.44
N ARG C 318 16.49 41.99 -22.40
CA ARG C 318 17.13 43.07 -23.15
C ARG C 318 17.35 42.66 -24.60
N ARG C 319 16.24 42.34 -25.28
CA ARG C 319 16.31 41.90 -26.67
C ARG C 319 16.90 42.99 -27.55
N ASP C 320 16.43 44.22 -27.40
CA ASP C 320 16.94 45.33 -28.20
C ASP C 320 18.26 45.86 -27.67
N VAL C 321 18.46 45.84 -26.34
CA VAL C 321 19.68 46.39 -25.77
C VAL C 321 20.89 45.51 -26.09
N LYS C 322 20.72 44.19 -25.96
CA LYS C 322 21.81 43.24 -26.18
C LYS C 322 21.36 42.18 -27.17
N GLU C 323 22.30 41.73 -28.00
CA GLU C 323 22.03 40.71 -29.00
C GLU C 323 22.81 39.46 -28.68
N ILE C 324 22.15 38.30 -28.75
CA ILE C 324 22.76 37.01 -28.48
C ILE C 324 22.91 36.27 -29.81
N TYR C 325 24.11 35.74 -30.05
CA TYR C 325 24.41 35.03 -31.28
C TYR C 325 24.67 33.57 -30.96
N SER C 326 24.00 32.68 -31.71
CA SER C 326 24.15 31.24 -31.50
C SER C 326 24.13 30.52 -32.84
N HIS C 327 24.82 29.39 -32.89
CA HIS C 327 24.85 28.53 -34.06
C HIS C 327 25.42 27.18 -33.67
N MET C 328 25.20 26.20 -34.54
CA MET C 328 25.53 24.81 -34.25
C MET C 328 27.04 24.58 -34.31
N THR C 329 27.47 23.43 -33.78
CA THR C 329 28.89 23.11 -33.67
C THR C 329 29.06 21.63 -33.43
N CYS C 330 30.04 21.02 -34.09
CA CYS C 330 30.44 19.64 -33.82
C CYS C 330 31.86 19.67 -33.25
N ALA C 331 31.97 19.39 -31.95
CA ALA C 331 33.26 19.49 -31.29
C ALA C 331 34.23 18.41 -31.73
N THR C 332 33.72 17.21 -32.05
CA THR C 332 34.59 16.12 -32.47
C THR C 332 35.28 16.44 -33.80
N ASP C 333 34.55 17.03 -34.74
CA ASP C 333 35.10 17.31 -36.06
C ASP C 333 36.00 18.54 -36.01
N THR C 334 36.74 18.74 -37.10
CA THR C 334 37.74 19.80 -37.17
C THR C 334 37.32 20.98 -38.03
N GLN C 335 36.70 20.72 -39.18
CA GLN C 335 36.32 21.82 -40.08
C GLN C 335 35.30 22.74 -39.42
N ASN C 336 34.30 22.16 -38.75
CA ASN C 336 33.31 22.97 -38.06
C ASN C 336 33.93 23.78 -36.94
N VAL C 337 34.87 23.18 -36.19
CA VAL C 337 35.53 23.89 -35.12
C VAL C 337 36.31 25.07 -35.66
N LYS C 338 37.05 24.86 -36.75
CA LYS C 338 37.80 25.95 -37.36
C LYS C 338 36.87 27.07 -37.82
N PHE C 339 35.77 26.70 -38.48
CA PHE C 339 34.83 27.68 -39.00
C PHE C 339 34.22 28.52 -37.88
N VAL C 340 33.72 27.85 -36.84
CA VAL C 340 33.07 28.56 -35.74
C VAL C 340 34.07 29.37 -34.94
N PHE C 341 35.32 28.90 -34.83
CA PHE C 341 36.31 29.67 -34.09
C PHE C 341 36.72 30.92 -34.87
N ASP C 342 36.83 30.81 -36.19
CA ASP C 342 37.06 32.02 -36.99
C ASP C 342 35.90 32.99 -36.85
N ALA C 343 34.67 32.48 -36.87
CA ALA C 343 33.51 33.35 -36.71
C ALA C 343 33.51 34.05 -35.36
N VAL C 344 33.82 33.31 -34.28
CA VAL C 344 33.80 33.90 -32.95
C VAL C 344 34.95 34.90 -32.78
N THR C 345 36.11 34.62 -33.37
CA THR C 345 37.20 35.57 -33.34
C THR C 345 36.80 36.86 -34.05
N ASP C 346 36.15 36.74 -35.22
CA ASP C 346 35.67 37.92 -35.93
C ASP C 346 34.68 38.71 -35.08
N ILE C 347 33.73 38.00 -34.45
CA ILE C 347 32.72 38.68 -33.65
C ILE C 347 33.35 39.41 -32.48
N ILE C 348 34.30 38.77 -31.79
CA ILE C 348 34.92 39.39 -30.62
C ILE C 348 35.80 40.57 -31.04
N ILE C 349 36.49 40.46 -32.17
CA ILE C 349 37.38 41.54 -32.60
C ILE C 349 36.64 42.65 -33.34
N LYS C 350 35.37 42.44 -33.69
CA LYS C 350 34.60 43.49 -34.36
C LYS C 350 34.43 44.70 -33.45
N GLU C 351 34.23 44.47 -32.16
CA GLU C 351 34.10 45.55 -31.18
C GLU C 351 35.27 46.52 -31.23
N ALA D 36 -64.36 11.39 15.15
CA ALA D 36 -65.80 11.19 15.33
C ALA D 36 -66.37 10.43 14.13
N ARG D 37 -66.37 11.09 12.97
CA ARG D 37 -66.76 10.40 11.73
C ARG D 37 -65.75 9.32 11.39
N THR D 38 -64.46 9.68 11.38
CA THR D 38 -63.36 8.75 11.15
C THR D 38 -62.06 9.48 11.43
N VAL D 39 -61.07 8.74 11.94
CA VAL D 39 -59.72 9.26 12.12
C VAL D 39 -58.76 8.21 11.58
N LYS D 40 -57.84 8.65 10.73
CA LYS D 40 -56.86 7.76 10.11
C LYS D 40 -55.46 8.27 10.44
N LEU D 41 -54.75 7.54 11.29
CA LEU D 41 -53.39 7.91 11.69
C LEU D 41 -52.39 6.94 11.07
N LEU D 42 -51.27 7.49 10.60
CA LEU D 42 -50.16 6.73 10.08
C LEU D 42 -48.93 6.98 10.94
N LEU D 43 -48.19 5.92 11.24
CA LEU D 43 -46.96 5.98 12.02
C LEU D 43 -45.79 5.61 11.12
N LEU D 44 -44.82 6.52 10.99
CA LEU D 44 -43.62 6.21 10.24
C LEU D 44 -42.43 6.96 10.83
N GLY D 45 -41.24 6.52 10.46
CA GLY D 45 -40.03 7.13 10.97
C GLY D 45 -38.83 6.27 10.62
N ALA D 46 -37.69 6.64 11.23
CA ALA D 46 -36.47 5.88 11.03
C ALA D 46 -36.64 4.46 11.58
N GLY D 47 -35.97 3.51 10.94
CA GLY D 47 -36.06 2.13 11.38
C GLY D 47 -35.45 1.94 12.76
N GLU D 48 -36.01 0.98 13.50
CA GLU D 48 -35.56 0.66 14.85
C GLU D 48 -35.60 1.88 15.75
N SER D 49 -36.77 2.51 15.84
CA SER D 49 -36.96 3.69 16.66
C SER D 49 -38.01 3.53 17.74
N GLY D 50 -38.73 2.40 17.79
CA GLY D 50 -39.76 2.21 18.78
C GLY D 50 -41.13 2.66 18.32
N LYS D 51 -41.41 2.53 17.03
CA LYS D 51 -42.74 2.84 16.54
C LYS D 51 -43.77 1.84 17.07
N SER D 52 -43.48 0.54 16.92
CA SER D 52 -44.43 -0.48 17.33
C SER D 52 -44.54 -0.62 18.84
N THR D 53 -43.55 -0.13 19.59
CA THR D 53 -43.67 -0.12 21.04
C THR D 53 -44.84 0.76 21.48
N ILE D 54 -45.12 1.84 20.74
CA ILE D 54 -46.27 2.66 21.06
C ILE D 54 -47.57 1.91 20.74
N VAL D 55 -47.58 1.16 19.63
CA VAL D 55 -48.76 0.36 19.29
C VAL D 55 -49.07 -0.63 20.41
N LYS D 56 -48.04 -1.32 20.91
CA LYS D 56 -48.25 -2.26 22.00
C LYS D 56 -48.67 -1.53 23.28
N GLN D 57 -47.94 -0.49 23.65
CA GLN D 57 -48.21 0.28 24.87
C GLN D 57 -49.59 0.93 24.84
N MET D 58 -50.21 1.07 23.68
CA MET D 58 -51.58 1.54 23.61
C MET D 58 -52.59 0.39 23.61
N LYS D 59 -52.43 -0.57 22.70
CA LYS D 59 -53.44 -1.62 22.56
C LYS D 59 -53.49 -2.51 23.81
N ILE D 60 -52.35 -3.01 24.26
CA ILE D 60 -52.36 -3.92 25.41
C ILE D 60 -52.82 -3.19 26.66
N ILE D 61 -52.42 -1.93 26.83
CA ILE D 61 -52.72 -1.20 28.06
C ILE D 61 -54.19 -0.80 28.10
N HIS D 62 -54.73 -0.28 27.00
CA HIS D 62 -55.98 0.47 27.07
C HIS D 62 -57.19 -0.25 26.48
N GLN D 63 -57.13 -0.71 25.24
CA GLN D 63 -58.30 -1.27 24.57
C GLN D 63 -58.13 -2.77 24.33
N ASP D 64 -59.20 -3.51 24.60
CA ASP D 64 -59.34 -4.95 24.43
C ASP D 64 -58.60 -5.74 25.51
N GLY D 65 -57.98 -5.08 26.47
CA GLY D 65 -57.35 -5.77 27.58
C GLY D 65 -55.94 -6.25 27.27
N TYR D 66 -55.19 -6.50 28.33
CA TYR D 66 -53.84 -7.00 28.20
C TYR D 66 -53.83 -8.48 27.83
N SER D 67 -52.64 -9.01 27.58
CA SER D 67 -52.45 -10.42 27.26
C SER D 67 -51.99 -11.13 28.53
N LEU D 68 -52.92 -11.79 29.21
CA LEU D 68 -52.57 -12.51 30.43
C LEU D 68 -51.57 -13.62 30.15
N GLU D 69 -51.82 -14.40 29.10
CA GLU D 69 -50.92 -15.49 28.71
C GLU D 69 -49.79 -14.96 27.82
N GLU D 70 -49.04 -14.01 28.39
CA GLU D 70 -47.96 -13.36 27.64
C GLU D 70 -46.82 -14.33 27.34
N CYS D 71 -46.61 -15.32 28.22
CA CYS D 71 -45.48 -16.23 28.05
C CYS D 71 -45.51 -16.90 26.69
N LEU D 72 -46.71 -17.11 26.13
CA LEU D 72 -46.89 -17.88 24.91
C LEU D 72 -45.97 -17.42 23.80
N GLU D 73 -45.78 -16.11 23.67
CA GLU D 73 -44.79 -15.56 22.75
C GLU D 73 -43.56 -15.03 23.44
N PHE D 74 -43.71 -14.43 24.63
CA PHE D 74 -42.60 -13.72 25.24
C PHE D 74 -41.47 -14.67 25.62
N ILE D 75 -41.77 -15.92 25.94
CA ILE D 75 -40.70 -16.86 26.29
C ILE D 75 -39.71 -16.99 25.14
N ALA D 76 -40.21 -17.41 23.98
CA ALA D 76 -39.34 -17.58 22.82
C ALA D 76 -38.71 -16.26 22.40
N ILE D 77 -39.48 -15.17 22.44
CA ILE D 77 -38.95 -13.90 21.96
C ILE D 77 -37.77 -13.44 22.82
N ILE D 78 -37.95 -13.43 24.14
CA ILE D 78 -36.89 -12.97 25.02
C ILE D 78 -35.70 -13.93 25.00
N TYR D 79 -35.97 -15.24 24.89
CA TYR D 79 -34.86 -16.19 24.81
C TYR D 79 -34.02 -15.92 23.56
N GLY D 80 -34.67 -15.71 22.42
CA GLY D 80 -33.94 -15.41 21.21
C GLY D 80 -33.14 -14.12 21.31
N ASN D 81 -33.74 -13.08 21.87
CA ASN D 81 -33.02 -11.81 22.02
C ASN D 81 -31.79 -11.98 22.91
N THR D 82 -31.96 -12.62 24.07
CA THR D 82 -30.85 -12.78 24.99
C THR D 82 -29.75 -13.67 24.44
N LEU D 83 -30.10 -14.66 23.60
CA LEU D 83 -29.07 -15.47 22.98
C LEU D 83 -28.32 -14.68 21.91
N GLN D 84 -29.06 -13.97 21.05
CA GLN D 84 -28.43 -13.25 19.94
C GLN D 84 -27.49 -12.16 20.44
N SER D 85 -27.86 -11.47 21.52
CA SER D 85 -27.02 -10.39 22.02
C SER D 85 -25.64 -10.90 22.44
N ILE D 86 -25.61 -11.96 23.26
CA ILE D 86 -24.35 -12.49 23.75
C ILE D 86 -23.61 -13.27 22.68
N LEU D 87 -24.29 -13.68 21.61
CA LEU D 87 -23.56 -14.22 20.46
C LEU D 87 -22.86 -13.11 19.70
N ALA D 88 -23.54 -11.98 19.49
CA ALA D 88 -22.95 -10.88 18.73
C ALA D 88 -21.79 -10.25 19.46
N ILE D 89 -21.89 -10.12 20.79
CA ILE D 89 -20.79 -9.50 21.55
C ILE D 89 -19.51 -10.33 21.41
N VAL D 90 -19.62 -11.65 21.55
CA VAL D 90 -18.43 -12.47 21.44
C VAL D 90 -17.93 -12.52 20.00
N ARG D 91 -18.84 -12.44 19.01
CA ARG D 91 -18.38 -12.38 17.62
C ARG D 91 -17.61 -11.09 17.35
N ALA D 92 -17.98 -9.99 18.00
CA ALA D 92 -17.26 -8.73 17.82
C ALA D 92 -16.00 -8.61 18.68
N MET D 93 -15.88 -9.46 19.70
CA MET D 93 -14.68 -9.45 20.54
C MET D 93 -13.41 -9.60 19.71
N THR D 94 -13.40 -10.57 18.80
CA THR D 94 -12.21 -10.77 17.97
C THR D 94 -11.95 -9.59 17.06
N THR D 95 -13.02 -9.04 16.47
CA THR D 95 -12.86 -7.92 15.54
C THR D 95 -12.25 -6.70 16.24
N LEU D 96 -12.69 -6.42 17.46
CA LEU D 96 -12.18 -5.26 18.18
C LEU D 96 -10.87 -5.54 18.93
N ASN D 97 -10.34 -6.76 18.82
CA ASN D 97 -9.03 -7.15 19.35
C ASN D 97 -8.94 -7.10 20.86
N ILE D 98 -10.06 -6.94 21.56
CA ILE D 98 -10.04 -7.04 23.01
C ILE D 98 -9.81 -8.49 23.42
N GLN D 99 -8.96 -8.69 24.42
CA GLN D 99 -8.60 -10.03 24.88
C GLN D 99 -9.34 -10.34 26.18
N TYR D 100 -9.75 -11.60 26.33
CA TYR D 100 -10.56 -12.00 27.47
C TYR D 100 -9.85 -11.71 28.79
N GLY D 101 -10.64 -11.47 29.83
CA GLY D 101 -10.08 -11.16 31.13
C GLY D 101 -9.26 -12.30 31.71
N ASP D 102 -9.73 -13.53 31.53
CA ASP D 102 -9.06 -14.71 32.06
C ASP D 102 -8.81 -15.71 30.94
N SER D 103 -7.83 -16.58 31.15
CA SER D 103 -7.47 -17.56 30.14
C SER D 103 -8.58 -18.57 29.92
N ALA D 104 -9.13 -19.13 31.01
CA ALA D 104 -10.12 -20.20 30.89
C ALA D 104 -11.34 -19.75 30.10
N ARG D 105 -11.68 -18.47 30.17
CA ARG D 105 -12.82 -17.95 29.42
C ARG D 105 -12.73 -18.29 27.94
N GLN D 106 -11.51 -18.33 27.40
CA GLN D 106 -11.32 -18.61 25.98
C GLN D 106 -11.94 -19.94 25.60
N ASP D 107 -11.95 -20.91 26.50
CA ASP D 107 -12.62 -22.18 26.21
C ASP D 107 -14.13 -21.98 26.10
N ASP D 108 -14.73 -21.33 27.10
CA ASP D 108 -16.18 -21.33 27.25
C ASP D 108 -16.88 -20.87 25.98
N ALA D 109 -16.47 -19.71 25.46
CA ALA D 109 -17.11 -19.15 24.28
C ALA D 109 -17.15 -20.17 23.15
N ARG D 110 -16.02 -20.84 22.90
CA ARG D 110 -15.97 -21.84 21.84
C ARG D 110 -17.08 -22.85 22.01
N LYS D 111 -17.17 -23.44 23.20
CA LYS D 111 -18.23 -24.41 23.47
C LYS D 111 -19.59 -23.83 23.10
N LEU D 112 -19.86 -22.61 23.56
CA LEU D 112 -21.14 -21.97 23.27
C LEU D 112 -21.38 -21.94 21.77
N MET D 113 -20.41 -21.44 21.01
CA MET D 113 -20.62 -21.25 19.58
C MET D 113 -20.81 -22.58 18.86
N HIS D 114 -20.50 -23.70 19.52
CA HIS D 114 -20.79 -25.01 18.95
C HIS D 114 -22.14 -25.54 19.42
N MET D 115 -22.47 -25.35 20.71
CA MET D 115 -23.66 -25.98 21.27
C MET D 115 -24.92 -25.14 21.10
N ALA D 116 -24.79 -23.88 20.65
CA ALA D 116 -25.96 -23.08 20.35
C ALA D 116 -26.50 -23.31 18.95
N ASP D 117 -25.74 -23.99 18.08
CA ASP D 117 -26.17 -24.21 16.72
C ASP D 117 -27.27 -25.26 16.64
N THR D 118 -27.11 -26.36 17.38
CA THR D 118 -28.03 -27.50 17.32
C THR D 118 -29.07 -27.48 18.42
N ILE D 119 -29.41 -26.30 18.93
CA ILE D 119 -30.44 -26.17 19.95
C ILE D 119 -31.72 -25.69 19.30
N GLU D 120 -32.85 -25.99 19.94
CA GLU D 120 -34.14 -25.55 19.44
C GLU D 120 -34.38 -24.09 19.77
N GLU D 121 -35.54 -23.58 19.37
CA GLU D 121 -35.91 -22.19 19.61
C GLU D 121 -36.82 -22.10 20.84
N GLY D 122 -36.66 -21.02 21.60
CA GLY D 122 -37.43 -20.83 22.81
C GLY D 122 -37.14 -21.81 23.92
N THR D 123 -35.88 -22.24 24.04
CA THR D 123 -35.44 -23.13 25.11
C THR D 123 -34.08 -22.67 25.60
N MET D 124 -33.92 -22.60 26.93
CA MET D 124 -32.69 -22.15 27.56
C MET D 124 -32.26 -23.18 28.60
N PRO D 125 -31.65 -24.28 28.17
CA PRO D 125 -31.20 -25.30 29.13
C PRO D 125 -30.10 -24.77 30.04
N LYS D 126 -29.94 -25.43 31.18
CA LYS D 126 -28.96 -25.01 32.17
C LYS D 126 -27.55 -24.93 31.59
N GLU D 127 -27.23 -25.80 30.63
CA GLU D 127 -25.93 -25.73 29.97
C GLU D 127 -25.74 -24.39 29.27
N MET D 128 -26.81 -23.78 28.77
CA MET D 128 -26.72 -22.46 28.17
C MET D 128 -26.57 -21.38 29.23
N SER D 129 -27.43 -21.42 30.25
CA SER D 129 -27.44 -20.36 31.26
C SER D 129 -26.14 -20.31 32.03
N ASP D 130 -25.58 -21.47 32.38
CA ASP D 130 -24.32 -21.48 33.12
C ASP D 130 -23.22 -20.81 32.32
N ILE D 131 -23.10 -21.17 31.03
CA ILE D 131 -22.06 -20.59 30.21
C ILE D 131 -22.26 -19.09 30.05
N ILE D 132 -23.51 -18.66 29.85
CA ILE D 132 -23.78 -17.25 29.63
C ILE D 132 -23.44 -16.44 30.88
N GLN D 133 -23.87 -16.93 32.05
CA GLN D 133 -23.58 -16.21 33.29
C GLN D 133 -22.08 -16.16 33.56
N ARG D 134 -21.38 -17.28 33.33
CA ARG D 134 -19.94 -17.29 33.55
C ARG D 134 -19.24 -16.30 32.62
N LEU D 135 -19.67 -16.25 31.35
CA LEU D 135 -19.05 -15.32 30.41
C LEU D 135 -19.30 -13.87 30.81
N TRP D 136 -20.54 -13.55 31.20
CA TRP D 136 -20.82 -12.18 31.62
C TRP D 136 -20.10 -11.83 32.91
N LYS D 137 -19.72 -12.83 33.71
CA LYS D 137 -18.95 -12.57 34.92
C LYS D 137 -17.47 -12.42 34.60
N ASP D 138 -17.13 -11.44 33.75
CA ASP D 138 -15.76 -11.21 33.36
C ASP D 138 -15.52 -9.71 33.21
N SER D 139 -14.27 -9.31 33.37
CA SER D 139 -13.84 -7.93 33.17
C SER D 139 -13.40 -7.66 31.74
N GLY D 140 -13.41 -8.67 30.87
CA GLY D 140 -13.00 -8.48 29.50
C GLY D 140 -14.16 -8.14 28.58
N ILE D 141 -15.30 -8.80 28.80
CA ILE D 141 -16.49 -8.51 28.01
C ILE D 141 -16.99 -7.10 28.29
N GLN D 142 -16.75 -6.58 29.50
CA GLN D 142 -17.15 -5.22 29.82
C GLN D 142 -16.44 -4.21 28.92
N ALA D 143 -15.18 -4.49 28.57
CA ALA D 143 -14.44 -3.59 27.69
C ALA D 143 -15.12 -3.48 26.33
N CYS D 144 -15.59 -4.61 25.78
CA CYS D 144 -16.32 -4.55 24.52
C CYS D 144 -17.67 -3.89 24.69
N PHE D 145 -18.39 -4.21 25.76
CA PHE D 145 -19.73 -3.67 25.94
C PHE D 145 -19.72 -2.16 26.14
N ASP D 146 -18.63 -1.61 26.69
CA ASP D 146 -18.55 -0.17 26.84
C ASP D 146 -18.57 0.54 25.48
N ARG D 147 -17.88 -0.04 24.50
CA ARG D 147 -17.85 0.49 23.14
C ARG D 147 -18.79 -0.35 22.28
N ALA D 148 -20.07 -0.01 22.33
CA ALA D 148 -21.09 -0.71 21.53
C ALA D 148 -21.54 0.07 20.32
N SER D 149 -20.94 1.23 20.04
CA SER D 149 -21.30 2.01 18.87
C SER D 149 -20.73 1.41 17.59
N GLU D 150 -19.54 0.81 17.67
CA GLU D 150 -18.87 0.32 16.47
C GLU D 150 -19.66 -0.78 15.78
N TYR D 151 -20.20 -1.72 16.54
CA TYR D 151 -20.95 -2.84 15.99
C TYR D 151 -22.42 -2.70 16.36
N GLN D 152 -23.20 -3.73 16.03
CA GLN D 152 -24.65 -3.68 16.14
C GLN D 152 -25.12 -4.67 17.20
N LEU D 153 -25.81 -4.17 18.22
CA LEU D 153 -26.47 -5.01 19.21
C LEU D 153 -27.81 -4.38 19.55
N ASN D 154 -28.73 -5.22 20.01
CA ASN D 154 -30.03 -4.74 20.48
C ASN D 154 -29.84 -3.94 21.77
N ASP D 155 -30.57 -2.84 21.89
CA ASP D 155 -30.36 -1.94 23.02
C ASP D 155 -30.95 -2.47 24.32
N SER D 156 -32.09 -3.16 24.25
CA SER D 156 -32.72 -3.65 25.46
C SER D 156 -31.95 -4.80 26.10
N ALA D 157 -31.07 -5.44 25.34
CA ALA D 157 -30.40 -6.64 25.83
C ALA D 157 -29.59 -6.36 27.09
N GLY D 158 -29.02 -5.17 27.20
CA GLY D 158 -28.25 -4.82 28.39
C GLY D 158 -29.07 -4.94 29.67
N TYR D 159 -30.38 -4.71 29.58
CA TYR D 159 -31.24 -4.88 30.74
C TYR D 159 -31.56 -6.35 31.00
N TYR D 160 -31.64 -7.16 29.94
CA TYR D 160 -32.13 -8.54 30.08
C TYR D 160 -31.10 -9.43 30.75
N LEU D 161 -29.95 -9.63 30.10
CA LEU D 161 -29.09 -10.76 30.44
C LEU D 161 -28.65 -10.76 31.89
N SER D 162 -28.58 -9.57 32.51
CA SER D 162 -28.14 -9.49 33.90
C SER D 162 -28.97 -10.38 34.81
N ASP D 163 -30.28 -10.47 34.56
CA ASP D 163 -31.15 -11.34 35.35
C ASP D 163 -31.55 -12.60 34.59
N LEU D 164 -30.63 -13.17 33.81
CA LEU D 164 -30.97 -14.34 33.01
C LEU D 164 -31.55 -15.46 33.87
N GLU D 165 -31.06 -15.60 35.10
CA GLU D 165 -31.56 -16.66 35.98
C GLU D 165 -33.07 -16.54 36.17
N ARG D 166 -33.58 -15.32 36.34
CA ARG D 166 -35.02 -15.13 36.51
C ARG D 166 -35.79 -15.74 35.35
N LEU D 167 -35.23 -15.69 34.15
CA LEU D 167 -35.87 -16.35 33.01
C LEU D 167 -35.74 -17.86 33.10
N VAL D 168 -34.54 -18.35 33.46
CA VAL D 168 -34.28 -19.77 33.39
C VAL D 168 -34.99 -20.56 34.48
N THR D 169 -35.44 -19.90 35.54
CA THR D 169 -36.21 -20.59 36.56
C THR D 169 -37.58 -20.99 36.00
N PRO D 170 -38.03 -22.21 36.28
CA PRO D 170 -39.33 -22.65 35.73
C PRO D 170 -40.49 -21.84 36.28
N GLY D 171 -41.52 -21.68 35.45
CA GLY D 171 -42.73 -21.00 35.86
C GLY D 171 -42.67 -19.48 35.78
N TYR D 172 -41.63 -18.92 35.20
CA TYR D 172 -41.49 -17.47 35.14
C TYR D 172 -42.51 -16.88 34.18
N VAL D 173 -43.33 -15.96 34.67
CA VAL D 173 -44.25 -15.16 33.87
C VAL D 173 -43.73 -13.73 33.87
N PRO D 174 -43.49 -13.13 32.71
CA PRO D 174 -42.78 -11.84 32.67
C PRO D 174 -43.61 -10.70 33.27
N THR D 175 -42.90 -9.72 33.79
CA THR D 175 -43.52 -8.49 34.26
C THR D 175 -43.89 -7.61 33.06
N GLU D 176 -44.81 -6.66 33.32
CA GLU D 176 -45.29 -5.81 32.24
C GLU D 176 -44.18 -4.90 31.70
N GLN D 177 -43.34 -4.36 32.59
CA GLN D 177 -42.19 -3.60 32.10
C GLN D 177 -41.27 -4.48 31.27
N ASP D 178 -41.04 -5.71 31.71
CA ASP D 178 -40.30 -6.67 30.90
C ASP D 178 -41.10 -7.03 29.64
N VAL D 179 -42.43 -6.99 29.70
CA VAL D 179 -43.25 -7.29 28.53
C VAL D 179 -43.03 -6.24 27.45
N LEU D 180 -42.96 -4.97 27.83
CA LEU D 180 -42.90 -3.90 26.84
C LEU D 180 -41.48 -3.57 26.40
N ARG D 181 -40.47 -4.30 26.88
CA ARG D 181 -39.10 -4.12 26.43
C ARG D 181 -38.65 -5.21 25.46
N SER D 182 -39.56 -6.04 24.99
CA SER D 182 -39.21 -7.03 23.98
C SER D 182 -38.89 -6.33 22.66
N CYS D 183 -38.36 -7.10 21.71
CA CYS D 183 -37.98 -6.55 20.42
C CYS D 183 -38.37 -7.52 19.31
N VAL D 184 -38.91 -6.96 18.23
CA VAL D 184 -39.25 -7.74 17.04
C VAL D 184 -39.38 -6.76 15.88
N LYS D 185 -39.20 -7.26 14.66
CA LYS D 185 -39.18 -6.41 13.48
C LYS D 185 -40.61 -6.13 13.02
N THR D 186 -41.07 -4.90 13.19
CA THR D 186 -42.37 -4.48 12.67
C THR D 186 -42.27 -4.43 11.15
N THR D 187 -42.99 -5.33 10.48
CA THR D 187 -42.83 -5.50 9.03
C THR D 187 -44.09 -5.13 8.26
N GLY D 188 -45.24 -5.73 8.57
CA GLY D 188 -46.43 -5.54 7.79
C GLY D 188 -47.25 -4.33 8.23
N ILE D 189 -48.36 -4.13 7.52
CA ILE D 189 -49.32 -3.08 7.84
C ILE D 189 -50.38 -3.68 8.76
N ILE D 190 -50.61 -3.02 9.90
CA ILE D 190 -51.54 -3.51 10.91
C ILE D 190 -52.48 -2.39 11.31
N GLU D 191 -53.74 -2.72 11.49
CA GLU D 191 -54.78 -1.77 11.85
C GLU D 191 -55.04 -1.84 13.35
N THR D 192 -54.93 -0.69 14.02
CA THR D 192 -55.20 -0.58 15.44
C THR D 192 -56.37 0.37 15.65
N GLN D 193 -57.19 0.08 16.66
CA GLN D 193 -58.38 0.88 16.96
C GLN D 193 -58.28 1.39 18.39
N PHE D 194 -57.66 2.56 18.55
CA PHE D 194 -57.70 3.27 19.82
C PHE D 194 -59.10 3.86 20.02
N SER D 195 -59.41 4.18 21.28
CA SER D 195 -60.68 4.81 21.59
C SER D 195 -60.46 5.91 22.62
N PHE D 196 -61.05 7.08 22.35
CA PHE D 196 -60.97 8.24 23.22
C PHE D 196 -61.83 9.33 22.59
N LYS D 197 -62.31 10.26 23.43
CA LYS D 197 -63.13 11.40 23.02
C LYS D 197 -64.31 10.99 22.14
N ASP D 198 -64.78 9.75 22.29
CA ASP D 198 -65.87 9.20 21.49
C ASP D 198 -65.59 9.35 20.00
N LEU D 199 -64.47 8.77 19.58
CA LEU D 199 -64.03 8.84 18.19
C LEU D 199 -63.84 7.42 17.64
N ASN D 200 -63.72 7.34 16.32
CA ASN D 200 -63.37 6.10 15.63
C ASN D 200 -61.97 6.26 15.07
N PHE D 201 -61.07 5.37 15.49
CA PHE D 201 -59.65 5.46 15.14
C PHE D 201 -59.23 4.29 14.26
N ARG D 202 -58.29 4.57 13.35
CA ARG D 202 -57.67 3.55 12.52
C ARG D 202 -56.19 3.91 12.37
N MET D 203 -55.32 3.14 13.00
CA MET D 203 -53.89 3.40 13.01
C MET D 203 -53.18 2.36 12.16
N PHE D 204 -52.34 2.84 11.24
CA PHE D 204 -51.51 2.00 10.41
C PHE D 204 -50.04 2.27 10.72
N ASP D 205 -49.22 1.21 10.64
CA ASP D 205 -47.79 1.34 10.80
C ASP D 205 -47.10 0.44 9.78
N VAL D 206 -45.87 0.82 9.42
CA VAL D 206 -45.14 0.18 8.34
C VAL D 206 -43.70 -0.05 8.75
N GLY D 207 -43.02 -0.92 8.01
CA GLY D 207 -41.63 -1.21 8.28
C GLY D 207 -40.73 0.00 8.01
N GLY D 208 -39.62 0.06 8.74
CA GLY D 208 -38.71 1.17 8.68
C GLY D 208 -37.49 0.98 7.83
N LEU D 209 -37.32 -0.18 7.21
CA LEU D 209 -36.18 -0.42 6.33
C LEU D 209 -36.42 0.22 4.97
N ARG D 210 -35.36 0.28 4.17
CA ARG D 210 -35.47 0.88 2.84
C ARG D 210 -36.44 0.10 1.96
N SER D 211 -36.34 -1.23 1.98
CA SER D 211 -37.20 -2.05 1.12
C SER D 211 -38.67 -1.86 1.46
N GLU D 212 -38.99 -1.85 2.76
CA GLU D 212 -40.38 -1.72 3.20
C GLU D 212 -40.94 -0.32 2.94
N ARG D 213 -40.14 0.62 2.45
CA ARG D 213 -40.64 1.97 2.23
C ARG D 213 -41.55 2.06 1.01
N LYS D 214 -41.47 1.09 0.09
CA LYS D 214 -42.38 1.10 -1.06
C LYS D 214 -43.83 0.99 -0.62
N LYS D 215 -44.09 0.22 0.44
CA LYS D 215 -45.46 -0.02 0.89
C LYS D 215 -46.11 1.23 1.47
N TRP D 216 -45.35 2.30 1.71
CA TRP D 216 -45.93 3.50 2.30
C TRP D 216 -46.91 4.18 1.35
N ILE D 217 -46.73 3.99 0.04
CA ILE D 217 -47.51 4.74 -0.94
C ILE D 217 -48.99 4.39 -0.87
N HIS D 218 -49.31 3.12 -0.57
CA HIS D 218 -50.70 2.69 -0.58
C HIS D 218 -51.52 3.46 0.46
N CYS D 219 -50.98 3.66 1.64
CA CYS D 219 -51.71 4.34 2.71
C CYS D 219 -51.54 5.85 2.69
N PHE D 220 -50.80 6.39 1.71
CA PHE D 220 -50.64 7.84 1.63
C PHE D 220 -51.97 8.53 1.31
N GLU D 221 -52.76 7.95 0.42
CA GLU D 221 -53.97 8.60 -0.05
C GLU D 221 -55.03 8.68 1.05
N GLY D 222 -55.71 9.81 1.11
CA GLY D 222 -56.83 9.99 2.02
C GLY D 222 -56.51 9.83 3.49
N VAL D 223 -55.71 10.74 4.04
CA VAL D 223 -55.35 10.72 5.46
C VAL D 223 -55.73 12.05 6.07
N THR D 224 -55.76 12.07 7.41
CA THR D 224 -56.06 13.28 8.16
C THR D 224 -54.87 13.79 8.96
N ALA D 225 -53.94 12.92 9.35
CA ALA D 225 -52.76 13.34 10.10
C ALA D 225 -51.67 12.30 9.89
N ILE D 226 -50.43 12.71 10.16
CA ILE D 226 -49.28 11.83 10.00
C ILE D 226 -48.40 11.95 11.24
N ILE D 227 -47.75 10.86 11.63
CA ILE D 227 -46.88 10.82 12.80
C ILE D 227 -45.51 10.33 12.38
N PHE D 228 -44.48 11.05 12.82
CA PHE D 228 -43.09 10.77 12.47
C PHE D 228 -42.29 10.56 13.74
N CYS D 229 -41.50 9.50 13.76
CA CYS D 229 -40.78 9.05 14.96
C CYS D 229 -39.28 9.21 14.78
N VAL D 230 -38.61 9.70 15.83
CA VAL D 230 -37.17 9.92 15.83
C VAL D 230 -36.59 9.34 17.11
N ALA D 231 -35.42 8.72 17.00
CA ALA D 231 -34.69 8.16 18.14
C ALA D 231 -33.56 9.11 18.51
N LEU D 232 -33.61 9.62 19.75
CA LEU D 232 -32.64 10.63 20.17
C LEU D 232 -31.25 10.07 20.41
N SER D 233 -31.14 8.77 20.70
CA SER D 233 -29.85 8.21 21.07
C SER D 233 -28.89 8.02 19.91
N ASP D 234 -29.40 7.96 18.68
CA ASP D 234 -28.61 7.51 17.54
C ASP D 234 -27.90 8.66 16.85
N TYR D 235 -26.91 9.24 17.53
CA TYR D 235 -26.05 10.24 16.92
C TYR D 235 -24.63 9.75 16.69
N ASP D 236 -24.32 8.51 17.04
CA ASP D 236 -23.01 7.94 16.74
C ASP D 236 -23.14 6.50 16.28
N MET D 237 -24.12 6.21 15.42
CA MET D 237 -24.36 4.87 14.93
C MET D 237 -24.42 4.88 13.41
N VAL D 238 -24.56 3.69 12.83
CA VAL D 238 -24.58 3.54 11.38
C VAL D 238 -25.77 2.67 10.98
N LEU D 239 -26.17 2.80 9.72
CA LEU D 239 -27.33 2.07 9.23
C LEU D 239 -27.00 0.58 9.08
N VAL D 240 -28.05 -0.23 9.14
CA VAL D 240 -27.88 -1.67 8.92
C VAL D 240 -27.57 -1.95 7.46
N GLU D 241 -28.28 -1.29 6.54
CA GLU D 241 -28.08 -1.54 5.12
C GLU D 241 -26.73 -1.00 4.65
N ASP D 242 -26.42 0.25 5.01
CA ASP D 242 -25.22 0.93 4.57
C ASP D 242 -24.34 1.21 5.78
N ASP D 243 -23.08 0.78 5.71
CA ASP D 243 -22.20 0.84 6.86
C ASP D 243 -21.54 2.20 7.07
N GLU D 244 -21.65 3.12 6.11
CA GLU D 244 -20.93 4.38 6.20
C GLU D 244 -21.84 5.59 6.26
N VAL D 245 -23.13 5.41 6.57
CA VAL D 245 -24.09 6.49 6.67
C VAL D 245 -24.49 6.64 8.13
N ASN D 246 -24.45 7.86 8.64
CA ASN D 246 -24.92 8.13 9.99
C ASN D 246 -26.44 7.97 10.04
N ARG D 247 -26.98 7.96 11.26
CA ARG D 247 -28.41 7.77 11.46
C ARG D 247 -29.18 9.07 11.62
N MET D 248 -28.61 10.05 12.34
CA MET D 248 -29.30 11.33 12.49
C MET D 248 -29.48 12.01 11.14
N HIS D 249 -28.45 11.96 10.30
CA HIS D 249 -28.54 12.56 8.97
C HIS D 249 -29.59 11.84 8.13
N GLU D 250 -29.65 10.52 8.24
CA GLU D 250 -30.68 9.76 7.53
C GLU D 250 -32.07 10.18 7.96
N SER D 251 -32.28 10.32 9.28
CA SER D 251 -33.58 10.73 9.77
C SER D 251 -33.95 12.12 9.28
N MET D 252 -32.99 13.06 9.30
CA MET D 252 -33.28 14.42 8.86
C MET D 252 -33.61 14.46 7.38
N HIS D 253 -32.89 13.70 6.55
CA HIS D 253 -33.20 13.68 5.12
C HIS D 253 -34.53 13.02 4.85
N LEU D 254 -34.90 12.00 5.62
CA LEU D 254 -36.24 11.41 5.48
C LEU D 254 -37.31 12.41 5.85
N PHE D 255 -37.10 13.14 6.94
CA PHE D 255 -38.12 14.09 7.41
C PHE D 255 -38.33 15.22 6.42
N ASN D 256 -37.24 15.80 5.91
CA ASN D 256 -37.35 16.98 5.06
C ASN D 256 -38.14 16.70 3.79
N SER D 257 -38.12 15.45 3.30
CA SER D 257 -38.80 15.13 2.05
C SER D 257 -40.31 15.28 2.19
N ILE D 258 -40.90 14.59 3.15
CA ILE D 258 -42.36 14.61 3.28
C ILE D 258 -42.83 15.84 4.05
N CYS D 259 -41.95 16.48 4.82
CA CYS D 259 -42.37 17.64 5.61
C CYS D 259 -42.84 18.79 4.72
N ASN D 260 -42.13 19.06 3.63
CA ASN D 260 -42.45 20.17 2.75
C ASN D 260 -43.24 19.75 1.52
N ASN D 261 -43.66 18.49 1.44
CA ASN D 261 -44.40 18.02 0.28
C ASN D 261 -45.81 18.61 0.27
N LYS D 262 -46.40 18.69 -0.92
CA LYS D 262 -47.74 19.22 -1.10
C LYS D 262 -48.82 18.15 -1.00
N TRP D 263 -48.45 16.87 -1.06
CA TRP D 263 -49.45 15.81 -0.88
C TRP D 263 -50.06 15.87 0.52
N PHE D 264 -49.23 16.16 1.53
CA PHE D 264 -49.68 16.27 2.90
C PHE D 264 -49.81 17.73 3.36
N THR D 265 -50.05 18.64 2.42
CA THR D 265 -50.22 20.04 2.78
C THR D 265 -51.45 20.23 3.67
N ASP D 266 -52.57 19.59 3.31
CA ASP D 266 -53.79 19.75 4.09
C ASP D 266 -53.65 19.17 5.49
N THR D 267 -53.02 18.00 5.60
CA THR D 267 -52.93 17.31 6.88
C THR D 267 -51.83 17.92 7.75
N SER D 268 -51.81 17.51 9.01
CA SER D 268 -50.81 17.95 9.97
C SER D 268 -49.86 16.80 10.30
N ILE D 269 -48.73 17.16 10.93
CA ILE D 269 -47.68 16.20 11.27
C ILE D 269 -47.39 16.31 12.76
N ILE D 270 -47.20 15.17 13.39
CA ILE D 270 -46.89 15.08 14.82
C ILE D 270 -45.57 14.34 14.98
N LEU D 271 -44.61 14.98 15.65
CA LEU D 271 -43.27 14.42 15.81
C LEU D 271 -43.10 13.85 17.20
N PHE D 272 -42.47 12.68 17.27
CA PHE D 272 -42.23 11.97 18.53
C PHE D 272 -40.75 11.67 18.68
N LEU D 273 -40.26 11.78 19.91
CA LEU D 273 -38.87 11.49 20.25
C LEU D 273 -38.84 10.35 21.27
N ASN D 274 -38.11 9.29 20.95
CA ASN D 274 -38.06 8.11 21.79
C ASN D 274 -36.69 7.98 22.44
N LYS D 275 -36.50 6.90 23.20
CA LYS D 275 -35.21 6.51 23.76
C LYS D 275 -34.55 7.66 24.52
N LYS D 276 -35.36 8.45 25.23
CA LYS D 276 -34.82 9.54 26.04
C LYS D 276 -34.01 9.03 27.22
N ASP D 277 -34.26 7.81 27.69
CA ASP D 277 -33.50 7.27 28.81
C ASP D 277 -32.06 6.99 28.44
N LEU D 278 -31.85 6.21 27.37
CA LEU D 278 -30.50 5.98 26.88
C LEU D 278 -29.85 7.27 26.43
N PHE D 279 -30.65 8.22 25.95
CA PHE D 279 -30.13 9.54 25.60
C PHE D 279 -29.56 10.23 26.84
N GLU D 280 -30.33 10.23 27.93
CA GLU D 280 -29.86 10.79 29.19
C GLU D 280 -28.57 10.12 29.64
N GLU D 281 -28.50 8.80 29.50
CA GLU D 281 -27.30 8.09 29.91
C GLU D 281 -26.10 8.47 29.05
N LYS D 282 -26.26 8.42 27.72
CA LYS D 282 -25.15 8.52 26.80
C LYS D 282 -24.65 9.95 26.64
N ILE D 283 -25.56 10.94 26.65
CA ILE D 283 -25.27 12.30 26.23
C ILE D 283 -24.08 12.88 26.98
N LYS D 284 -23.82 12.38 28.19
CA LYS D 284 -22.64 12.80 28.93
C LYS D 284 -21.38 12.11 28.42
N LYS D 285 -21.51 10.88 27.92
CA LYS D 285 -20.32 10.08 27.62
C LYS D 285 -19.55 10.64 26.43
N SER D 286 -20.23 10.94 25.33
CA SER D 286 -19.55 11.27 24.10
C SER D 286 -19.99 12.63 23.59
N PRO D 287 -19.10 13.36 22.92
CA PRO D 287 -19.42 14.71 22.47
C PRO D 287 -20.47 14.71 21.36
N LEU D 288 -20.96 15.91 21.07
CA LEU D 288 -21.87 16.14 19.96
C LEU D 288 -21.14 16.53 18.68
N SER D 289 -19.82 16.73 18.75
CA SER D 289 -19.06 17.16 17.57
C SER D 289 -19.06 16.10 16.48
N ILE D 290 -19.15 14.83 16.86
CA ILE D 290 -19.10 13.75 15.86
C ILE D 290 -20.28 13.84 14.91
N CYS D 291 -21.47 14.10 15.43
CA CYS D 291 -22.65 14.17 14.58
C CYS D 291 -22.79 15.55 13.95
N PHE D 292 -22.80 16.60 14.76
CA PHE D 292 -22.82 17.96 14.25
C PHE D 292 -21.44 18.57 14.42
N PRO D 293 -20.68 18.78 13.34
CA PRO D 293 -19.25 19.10 13.49
C PRO D 293 -18.97 20.42 14.18
N ASP D 294 -19.84 21.41 14.05
CA ASP D 294 -19.52 22.77 14.47
C ASP D 294 -20.18 23.15 15.79
N TYR D 295 -20.69 22.18 16.56
CA TYR D 295 -21.25 22.48 17.86
C TYR D 295 -20.14 22.85 18.86
N ALA D 296 -20.48 23.71 19.81
CA ALA D 296 -19.58 24.08 20.89
C ALA D 296 -20.37 24.22 22.18
N GLY D 297 -19.69 23.92 23.30
CA GLY D 297 -20.28 24.04 24.62
C GLY D 297 -20.15 22.75 25.40
N SER D 298 -20.98 22.64 26.45
CA SER D 298 -21.00 21.46 27.30
C SER D 298 -22.39 20.83 27.25
N ASN D 299 -22.43 19.50 27.15
CA ASN D 299 -23.67 18.78 26.90
C ASN D 299 -24.40 18.45 28.19
N THR D 300 -25.71 18.69 28.18
CA THR D 300 -26.62 18.29 29.24
C THR D 300 -27.85 17.65 28.60
N TYR D 301 -28.72 17.08 29.44
CA TYR D 301 -29.93 16.44 28.90
C TYR D 301 -30.88 17.44 28.26
N GLU D 302 -30.72 18.74 28.51
CA GLU D 302 -31.61 19.75 27.96
C GLU D 302 -30.92 20.79 27.08
N GLU D 303 -29.61 20.98 27.22
CA GLU D 303 -28.93 22.00 26.42
C GLU D 303 -28.93 21.64 24.95
N ALA D 304 -28.70 20.36 24.62
CA ALA D 304 -28.68 19.93 23.23
C ALA D 304 -30.05 19.52 22.70
N GLY D 305 -31.04 19.38 23.58
CA GLY D 305 -32.37 19.02 23.12
C GLY D 305 -32.97 20.06 22.22
N ASN D 306 -32.88 21.34 22.63
CA ASN D 306 -33.36 22.41 21.78
C ASN D 306 -32.52 22.55 20.52
N TYR D 307 -31.22 22.29 20.61
CA TYR D 307 -30.37 22.28 19.43
C TYR D 307 -30.90 21.31 18.39
N ILE D 308 -31.12 20.06 18.80
CA ILE D 308 -31.60 19.05 17.87
C ILE D 308 -33.02 19.35 17.40
N LYS D 309 -33.86 19.87 18.28
CA LYS D 309 -35.24 20.14 17.88
C LYS D 309 -35.33 21.28 16.87
N VAL D 310 -34.58 22.37 17.10
CA VAL D 310 -34.60 23.47 16.15
C VAL D 310 -33.98 23.04 14.82
N GLN D 311 -32.95 22.19 14.87
CA GLN D 311 -32.39 21.71 13.60
C GLN D 311 -33.30 20.71 12.91
N PHE D 312 -34.20 20.03 13.64
CA PHE D 312 -35.18 19.16 13.02
C PHE D 312 -36.43 19.91 12.55
N LEU D 313 -36.63 21.14 13.00
CA LEU D 313 -37.80 21.91 12.58
C LEU D 313 -37.48 23.04 11.60
N GLU D 314 -36.22 23.45 11.47
CA GLU D 314 -35.88 24.47 10.49
C GLU D 314 -36.15 24.00 9.07
N LEU D 315 -36.10 22.68 8.85
CA LEU D 315 -36.27 22.14 7.49
C LEU D 315 -37.64 22.48 6.90
N ASN D 316 -38.62 22.83 7.72
CA ASN D 316 -39.94 23.16 7.20
C ASN D 316 -39.88 24.45 6.38
N MET D 317 -40.45 24.42 5.18
CA MET D 317 -40.41 25.58 4.31
C MET D 317 -41.40 26.64 4.78
N ARG D 318 -42.68 26.29 4.84
CA ARG D 318 -43.73 27.21 5.27
C ARG D 318 -43.57 27.49 6.76
N ARG D 319 -43.00 28.65 7.08
CA ARG D 319 -42.66 28.95 8.47
C ARG D 319 -43.91 29.20 9.31
N ASP D 320 -44.85 29.99 8.79
CA ASP D 320 -46.05 30.33 9.53
C ASP D 320 -47.32 29.75 8.94
N VAL D 321 -47.28 29.27 7.69
CA VAL D 321 -48.47 28.67 7.09
C VAL D 321 -48.88 27.42 7.86
N LYS D 322 -47.90 26.57 8.19
CA LYS D 322 -48.15 25.33 8.91
C LYS D 322 -47.27 25.28 10.15
N GLU D 323 -47.72 24.50 11.14
CA GLU D 323 -46.99 24.35 12.40
C GLU D 323 -46.82 22.87 12.71
N ILE D 324 -45.72 22.55 13.40
CA ILE D 324 -45.38 21.18 13.77
C ILE D 324 -45.08 21.14 15.27
N TYR D 325 -45.45 20.04 15.90
CA TYR D 325 -45.25 19.85 17.34
C TYR D 325 -44.46 18.57 17.59
N SER D 326 -43.51 18.64 18.51
CA SER D 326 -42.69 17.49 18.87
C SER D 326 -42.68 17.32 20.38
N HIS D 327 -42.77 16.07 20.84
CA HIS D 327 -42.81 15.74 22.25
C HIS D 327 -41.84 14.61 22.55
N MET D 328 -41.18 14.69 23.70
CA MET D 328 -40.35 13.60 24.18
C MET D 328 -41.23 12.46 24.69
N THR D 329 -40.66 11.25 24.71
CA THR D 329 -41.46 10.07 25.00
C THR D 329 -40.55 8.91 25.37
N CYS D 330 -40.89 8.21 26.44
CA CYS D 330 -40.29 6.92 26.78
C CYS D 330 -41.35 5.86 26.52
N ALA D 331 -41.13 5.05 25.48
CA ALA D 331 -42.19 4.16 25.00
C ALA D 331 -42.56 3.10 26.03
N THR D 332 -41.56 2.55 26.73
CA THR D 332 -41.83 1.47 27.69
C THR D 332 -42.71 1.95 28.83
N ASP D 333 -42.54 3.21 29.24
CA ASP D 333 -43.33 3.77 30.33
C ASP D 333 -44.78 3.96 29.91
N THR D 334 -45.64 4.22 30.90
CA THR D 334 -47.05 4.47 30.67
C THR D 334 -47.49 5.86 31.14
N GLN D 335 -46.81 6.43 32.15
CA GLN D 335 -47.21 7.73 32.67
C GLN D 335 -47.10 8.81 31.59
N ASN D 336 -45.94 8.90 30.93
CA ASN D 336 -45.77 9.91 29.88
C ASN D 336 -46.67 9.64 28.69
N VAL D 337 -46.91 8.36 28.37
CA VAL D 337 -47.84 8.03 27.28
C VAL D 337 -49.22 8.59 27.58
N LYS D 338 -49.70 8.38 28.81
CA LYS D 338 -51.00 8.94 29.19
C LYS D 338 -50.95 10.47 29.21
N PHE D 339 -49.81 11.05 29.59
CA PHE D 339 -49.69 12.50 29.62
C PHE D 339 -49.79 13.12 28.23
N VAL D 340 -49.23 12.46 27.22
CA VAL D 340 -49.03 13.08 25.91
C VAL D 340 -50.10 12.65 24.91
N PHE D 341 -50.55 11.39 24.96
CA PHE D 341 -51.46 10.89 23.93
C PHE D 341 -52.81 11.59 24.01
N ASP D 342 -53.32 11.83 25.21
CA ASP D 342 -54.60 12.51 25.35
C ASP D 342 -54.51 13.96 24.87
N ALA D 343 -53.39 14.63 25.16
CA ALA D 343 -53.18 15.99 24.66
C ALA D 343 -53.10 16.00 23.14
N VAL D 344 -52.44 14.99 22.55
CA VAL D 344 -52.35 14.89 21.09
C VAL D 344 -53.74 14.72 20.48
N THR D 345 -54.53 13.82 21.06
CA THR D 345 -55.89 13.62 20.56
C THR D 345 -56.74 14.87 20.72
N ASP D 346 -56.54 15.62 21.81
CA ASP D 346 -57.26 16.87 22.00
C ASP D 346 -56.88 17.89 20.94
N ILE D 347 -55.59 17.99 20.63
CA ILE D 347 -55.15 18.93 19.60
C ILE D 347 -55.70 18.53 18.23
N ILE D 348 -55.77 17.23 17.97
CA ILE D 348 -56.42 16.76 16.74
C ILE D 348 -57.88 17.19 16.73
N ILE D 349 -58.54 17.15 17.88
CA ILE D 349 -59.94 17.53 17.96
C ILE D 349 -60.11 19.03 17.72
N LYS D 350 -59.17 19.84 18.22
CA LYS D 350 -59.37 21.29 18.22
C LYS D 350 -59.57 21.84 16.82
N GLU D 351 -58.84 21.33 15.84
CA GLU D 351 -58.95 21.83 14.47
C GLU D 351 -60.30 21.43 13.87
N ILE E 10 -39.83 23.26 -32.03
CA ILE E 10 -38.57 23.50 -31.33
C ILE E 10 -37.53 24.03 -32.31
N ARG E 11 -37.36 25.35 -32.32
CA ARG E 11 -36.40 25.97 -33.23
C ARG E 11 -34.97 25.55 -32.90
N SER E 12 -34.61 25.55 -31.62
CA SER E 12 -33.31 25.14 -31.09
C SER E 12 -32.18 26.07 -31.51
N ALA E 13 -32.45 27.09 -32.33
CA ALA E 13 -31.50 28.14 -32.68
C ALA E 13 -30.35 27.64 -33.56
N THR E 14 -30.25 26.33 -33.79
CA THR E 14 -29.22 25.79 -34.65
C THR E 14 -29.76 24.85 -35.72
N ARG E 15 -31.07 24.58 -35.74
CA ARG E 15 -31.71 23.77 -36.77
C ARG E 15 -31.21 22.33 -36.79
N VAL E 16 -30.60 21.86 -35.71
CA VAL E 16 -30.09 20.50 -35.63
C VAL E 16 -30.68 19.83 -34.40
N MET E 17 -31.10 18.58 -34.57
CA MET E 17 -31.62 17.78 -33.46
C MET E 17 -31.24 16.33 -33.69
N GLY E 18 -31.04 15.60 -32.59
CA GLY E 18 -30.69 14.21 -32.64
C GLY E 18 -29.23 13.90 -32.42
N GLY E 19 -28.34 14.89 -32.56
CA GLY E 19 -26.93 14.68 -32.33
C GLY E 19 -26.06 15.76 -32.94
N PRO E 20 -24.85 15.92 -32.40
CA PRO E 20 -23.94 16.95 -32.93
C PRO E 20 -23.56 16.67 -34.38
N VAL E 21 -23.26 17.73 -35.10
CA VAL E 21 -22.83 17.64 -36.50
C VAL E 21 -21.46 18.29 -36.62
N THR E 22 -20.75 17.93 -37.67
CA THR E 22 -19.39 18.37 -37.91
C THR E 22 -19.23 18.77 -39.37
N PRO E 23 -18.25 19.62 -39.67
CA PRO E 23 -18.00 19.94 -41.08
C PRO E 23 -17.35 18.80 -41.84
N ARG E 24 -16.38 18.11 -41.24
CA ARG E 24 -15.64 17.06 -41.91
C ARG E 24 -15.51 15.86 -40.99
N LYS E 25 -15.34 14.69 -41.60
CA LYS E 25 -15.20 13.44 -40.87
C LYS E 25 -13.96 12.70 -41.36
N GLY E 26 -13.37 11.89 -40.48
CA GLY E 26 -12.20 11.12 -40.81
C GLY E 26 -12.02 9.92 -39.90
N PRO E 27 -10.93 9.19 -40.08
CA PRO E 27 -10.68 8.03 -39.22
C PRO E 27 -10.38 8.47 -37.80
N PRO E 28 -10.78 7.68 -36.80
CA PRO E 28 -10.54 8.08 -35.42
C PRO E 28 -9.07 8.04 -35.03
N LYS E 29 -8.71 8.89 -34.09
CA LYS E 29 -7.36 8.94 -33.54
C LYS E 29 -7.45 8.91 -32.03
N PHE E 30 -6.68 8.02 -31.40
CA PHE E 30 -6.77 7.78 -29.97
C PHE E 30 -5.47 8.17 -29.28
N LYS E 31 -5.60 8.67 -28.05
CA LYS E 31 -4.45 9.20 -27.33
C LYS E 31 -3.55 8.08 -26.84
N GLN E 32 -2.27 8.42 -26.64
CA GLN E 32 -1.26 7.50 -26.15
C GLN E 32 -0.99 7.75 -24.68
N ARG E 33 -0.57 6.71 -23.98
CA ARG E 33 -0.29 6.81 -22.55
C ARG E 33 0.94 7.68 -22.31
N GLN E 34 1.26 7.90 -21.04
CA GLN E 34 2.44 8.65 -20.64
C GLN E 34 3.22 7.83 -19.62
N THR E 35 4.53 7.74 -19.81
CA THR E 35 5.36 6.83 -19.04
C THR E 35 6.41 7.54 -18.19
N ARG E 36 7.20 8.45 -18.77
CA ARG E 36 8.41 8.93 -18.09
C ARG E 36 8.07 9.75 -16.85
N GLN E 37 7.18 10.74 -16.99
CA GLN E 37 6.75 11.60 -15.89
C GLN E 37 7.94 12.31 -15.24
N PHE E 38 8.57 13.17 -16.05
CA PHE E 38 9.65 14.00 -15.54
C PHE E 38 9.14 15.04 -14.55
N LYS E 39 9.98 15.37 -13.57
CA LYS E 39 9.59 16.29 -12.52
C LYS E 39 9.63 17.74 -12.99
N SER E 40 10.78 18.17 -13.50
CA SER E 40 11.04 19.59 -13.72
C SER E 40 10.20 20.17 -14.86
N LYS E 41 10.18 21.49 -14.93
CA LYS E 41 9.50 22.27 -15.95
C LYS E 41 10.41 23.36 -16.47
N PRO E 42 10.18 23.82 -17.70
CA PRO E 42 10.95 24.96 -18.23
C PRO E 42 10.62 26.24 -17.48
N PRO E 43 11.47 27.26 -17.57
CA PRO E 43 11.15 28.53 -16.92
C PRO E 43 9.89 29.15 -17.52
N LYS E 44 9.18 29.91 -16.69
CA LYS E 44 7.83 30.36 -16.99
C LYS E 44 7.85 31.73 -17.65
N LYS E 45 7.09 31.88 -18.73
CA LYS E 45 6.94 33.14 -19.44
C LYS E 45 5.46 33.41 -19.70
N GLY E 46 5.14 34.68 -19.85
CA GLY E 46 3.79 35.11 -20.17
C GLY E 46 3.10 35.77 -18.98
N VAL E 47 1.87 36.18 -19.22
CA VAL E 47 1.04 36.77 -18.18
C VAL E 47 0.56 35.67 -17.25
N GLN E 48 0.29 36.02 -16.00
CA GLN E 48 0.06 34.99 -14.98
C GLN E 48 -1.35 34.40 -15.06
N GLY E 49 -2.38 35.21 -14.83
CA GLY E 49 -3.74 34.73 -14.81
C GLY E 49 -4.08 34.00 -13.52
N PHE E 50 -5.38 33.73 -13.35
CA PHE E 50 -5.84 33.02 -12.17
C PHE E 50 -5.40 31.56 -12.20
N GLY E 51 -5.12 31.01 -11.03
CA GLY E 51 -4.86 29.59 -10.91
C GLY E 51 -3.41 29.17 -11.02
N ASP E 52 -2.46 30.04 -10.70
CA ASP E 52 -1.05 29.71 -10.77
C ASP E 52 -0.38 30.07 -9.44
N ASP E 53 0.94 29.91 -9.40
CA ASP E 53 1.83 30.18 -8.26
C ASP E 53 1.77 29.08 -7.20
N ILE E 54 1.22 27.92 -7.51
CA ILE E 54 1.23 26.81 -6.56
C ILE E 54 2.68 26.46 -6.22
N PRO E 55 3.05 26.39 -4.94
CA PRO E 55 4.47 26.24 -4.57
C PRO E 55 5.14 25.00 -5.14
N GLY E 56 4.58 23.82 -4.89
CA GLY E 56 5.25 22.60 -5.27
C GLY E 56 5.46 22.47 -6.76
N MET E 57 4.45 22.82 -7.55
CA MET E 57 4.52 22.68 -8.99
C MET E 57 5.29 23.86 -9.59
N GLU E 58 5.38 23.86 -10.92
CA GLU E 58 6.01 24.92 -11.72
C GLU E 58 7.36 25.35 -11.12
N GLY E 59 8.27 24.39 -11.06
CA GLY E 59 9.59 24.66 -10.56
C GLY E 59 10.53 23.52 -10.90
N LEU E 60 11.83 23.84 -10.84
CA LEU E 60 12.89 22.88 -11.12
C LEU E 60 13.57 22.52 -9.81
N GLY E 61 13.76 21.22 -9.58
CA GLY E 61 14.43 20.78 -8.36
C GLY E 61 13.68 21.26 -7.13
N THR E 62 14.42 21.88 -6.21
CA THR E 62 13.84 22.39 -4.98
C THR E 62 13.99 23.91 -4.84
N ASP E 63 15.21 24.43 -4.98
CA ASP E 63 15.46 25.84 -4.70
C ASP E 63 16.42 26.42 -5.73
N ILE E 64 16.43 27.75 -5.81
CA ILE E 64 17.30 28.45 -6.74
C ILE E 64 18.75 28.39 -6.29
N THR E 65 18.99 28.43 -4.98
CA THR E 65 20.35 28.57 -4.46
C THR E 65 21.24 27.42 -4.92
N VAL E 66 20.75 26.19 -4.85
CA VAL E 66 21.57 25.05 -5.26
C VAL E 66 21.90 25.12 -6.75
N ILE E 67 20.94 25.56 -7.57
CA ILE E 67 21.16 25.64 -9.00
C ILE E 67 22.26 26.65 -9.32
N CYS E 68 22.22 27.81 -8.67
CA CYS E 68 23.17 28.89 -8.90
C CYS E 68 23.74 29.33 -7.55
N PRO E 69 24.80 28.68 -7.09
CA PRO E 69 25.34 28.99 -5.75
C PRO E 69 25.81 30.43 -5.59
N TRP E 70 26.25 31.09 -6.67
CA TRP E 70 26.72 32.46 -6.56
C TRP E 70 25.57 33.46 -6.39
N GLU E 71 24.35 33.07 -6.74
CA GLU E 71 23.23 34.00 -6.74
C GLU E 71 22.94 34.56 -5.35
N ALA E 72 23.46 33.93 -4.30
CA ALA E 72 23.29 34.48 -2.95
C ALA E 72 23.87 35.89 -2.85
N PHE E 73 24.97 36.15 -3.54
CA PHE E 73 25.61 37.47 -3.48
C PHE E 73 25.06 38.38 -4.57
N ASN E 74 23.73 38.51 -4.59
CA ASN E 74 23.07 39.30 -5.62
C ASN E 74 23.23 40.80 -5.40
N HIS E 75 23.06 41.26 -4.17
CA HIS E 75 23.09 42.69 -3.88
C HIS E 75 24.48 43.29 -3.99
N LEU E 76 25.52 42.46 -3.95
CA LEU E 76 26.90 42.95 -3.96
C LEU E 76 27.29 43.47 -5.34
N GLU E 77 28.24 44.41 -5.35
CA GLU E 77 28.72 45.01 -6.58
C GLU E 77 29.85 44.17 -7.17
N LEU E 78 30.51 44.69 -8.21
CA LEU E 78 31.55 43.94 -8.90
C LEU E 78 32.79 43.77 -8.04
N HIS E 79 33.26 44.86 -7.42
CA HIS E 79 34.58 44.86 -6.80
C HIS E 79 34.66 43.91 -5.61
N GLU E 80 33.65 43.90 -4.76
CA GLU E 80 33.65 43.10 -3.54
C GLU E 80 34.88 43.36 -2.68
N ILE F 10 8.25 53.41 9.47
CA ILE F 10 8.16 53.92 10.83
C ILE F 10 8.04 52.75 11.80
N ARG F 11 6.83 52.55 12.34
CA ARG F 11 6.57 51.45 13.25
C ARG F 11 5.42 50.56 12.76
N SER F 12 5.14 50.58 11.46
CA SER F 12 4.16 49.72 10.78
C SER F 12 2.72 50.07 11.15
N ALA F 13 2.49 51.16 11.86
CA ALA F 13 1.18 51.72 12.23
C ALA F 13 0.50 50.93 13.35
N THR F 14 1.06 49.82 13.80
CA THR F 14 0.51 49.10 14.95
C THR F 14 1.35 49.23 16.20
N ARG F 15 2.52 49.86 16.12
CA ARG F 15 3.37 50.18 17.26
C ARG F 15 3.88 48.94 17.99
N VAL F 16 3.91 47.80 17.33
CA VAL F 16 4.50 46.58 17.90
C VAL F 16 5.55 46.06 16.94
N MET F 17 6.72 45.71 17.47
CA MET F 17 7.83 45.25 16.65
C MET F 17 8.33 43.86 17.00
N GLY F 18 8.13 43.41 18.24
CA GLY F 18 8.65 42.12 18.64
C GLY F 18 7.94 40.96 17.99
N GLY F 19 6.67 40.77 18.31
CA GLY F 19 5.89 39.71 17.74
C GLY F 19 4.41 39.90 17.98
N PRO F 20 3.60 38.94 17.54
CA PRO F 20 2.15 39.04 17.75
C PRO F 20 1.76 39.21 19.21
N VAL F 21 1.03 40.28 19.52
CA VAL F 21 0.53 40.50 20.86
C VAL F 21 -0.93 40.08 20.91
N THR F 22 -1.47 39.93 22.11
CA THR F 22 -2.80 39.37 22.31
C THR F 22 -3.40 39.96 23.57
N PRO F 23 -4.70 40.23 23.58
CA PRO F 23 -5.32 40.72 24.82
C PRO F 23 -5.46 39.65 25.88
N ARG F 24 -5.88 38.45 25.51
CA ARG F 24 -6.23 37.43 26.49
C ARG F 24 -4.99 36.68 26.97
N LYS F 25 -5.18 35.96 28.07
CA LYS F 25 -4.18 35.04 28.59
C LYS F 25 -4.89 33.86 29.23
N GLY F 26 -4.23 32.70 29.23
CA GLY F 26 -4.82 31.52 29.80
C GLY F 26 -4.06 30.25 29.44
N PRO F 27 -4.63 29.11 29.80
CA PRO F 27 -3.96 27.83 29.51
C PRO F 27 -4.22 27.40 28.07
N PRO F 28 -3.23 26.79 27.43
CA PRO F 28 -3.41 26.37 26.04
C PRO F 28 -4.43 25.24 25.92
N LYS F 29 -5.04 25.15 24.75
CA LYS F 29 -6.01 24.11 24.44
C LYS F 29 -5.67 23.51 23.08
N PHE F 30 -5.61 22.18 23.01
CA PHE F 30 -5.19 21.49 21.81
C PHE F 30 -6.33 20.63 21.27
N LYS F 31 -6.21 20.23 20.01
CA LYS F 31 -7.28 19.57 19.28
C LYS F 31 -7.22 18.06 19.45
N GLN F 32 -8.37 17.42 19.28
CA GLN F 32 -8.48 15.97 19.31
C GLN F 32 -8.26 15.40 17.91
N ARG F 33 -7.79 14.16 17.86
CA ARG F 33 -7.54 13.52 16.58
C ARG F 33 -8.86 13.16 15.90
N GLN F 34 -8.78 12.87 14.61
CA GLN F 34 -9.94 12.53 13.79
C GLN F 34 -10.06 11.01 13.75
N THR F 35 -11.05 10.47 14.46
CA THR F 35 -11.16 9.02 14.63
C THR F 35 -12.08 8.38 13.59
N ARG F 36 -13.35 8.77 13.57
CA ARG F 36 -14.35 8.15 12.71
C ARG F 36 -14.81 9.12 11.64
N GLN F 37 -15.10 8.59 10.46
CA GLN F 37 -15.53 9.38 9.32
C GLN F 37 -16.85 8.85 8.77
N PHE F 38 -17.56 9.72 8.05
CA PHE F 38 -18.83 9.38 7.46
C PHE F 38 -18.94 10.01 6.08
N LYS F 39 -19.82 9.43 5.27
CA LYS F 39 -20.11 9.94 3.94
C LYS F 39 -21.24 10.97 3.93
N SER F 40 -21.84 11.23 5.08
CA SER F 40 -23.07 12.01 5.14
C SER F 40 -22.82 13.39 5.75
N LYS F 41 -23.65 14.34 5.33
CA LYS F 41 -23.71 15.68 5.88
C LYS F 41 -25.16 16.05 6.16
N PRO F 42 -25.40 16.98 7.09
CA PRO F 42 -26.77 17.45 7.32
C PRO F 42 -27.31 18.12 6.08
N PRO F 43 -28.64 18.15 5.91
CA PRO F 43 -29.22 18.78 4.72
C PRO F 43 -28.84 20.25 4.61
N LYS F 44 -28.85 20.75 3.37
CA LYS F 44 -28.32 22.07 3.06
C LYS F 44 -29.12 23.19 3.70
N LYS F 45 -28.42 24.29 3.98
CA LYS F 45 -29.03 25.51 4.51
C LYS F 45 -29.55 26.36 3.36
N GLY F 46 -29.89 27.62 3.67
CA GLY F 46 -30.56 28.46 2.69
C GLY F 46 -29.66 29.01 1.60
N VAL F 47 -28.56 29.65 1.99
CA VAL F 47 -27.76 30.45 1.08
C VAL F 47 -26.49 29.69 0.71
N GLN F 48 -26.03 29.89 -0.53
CA GLN F 48 -24.85 29.20 -1.05
C GLN F 48 -23.89 30.20 -1.67
N GLY F 49 -22.61 29.82 -1.70
CA GLY F 49 -21.57 30.64 -2.28
C GLY F 49 -20.68 29.87 -3.23
N PHE F 50 -19.54 30.44 -3.61
CA PHE F 50 -18.64 29.76 -4.53
C PHE F 50 -18.15 28.44 -3.94
N GLY F 51 -18.18 27.39 -4.76
CA GLY F 51 -17.59 26.13 -4.37
C GLY F 51 -18.45 25.21 -3.53
N ASP F 52 -19.78 25.26 -3.70
CA ASP F 52 -20.70 24.46 -2.88
C ASP F 52 -21.66 23.68 -3.76
N ASP F 53 -21.13 23.06 -4.82
CA ASP F 53 -21.98 22.23 -5.68
C ASP F 53 -21.29 20.93 -6.10
N ILE F 54 -20.20 20.55 -5.46
CA ILE F 54 -19.38 19.43 -5.93
C ILE F 54 -20.17 18.13 -5.83
N PRO F 55 -20.23 17.32 -6.89
CA PRO F 55 -20.90 16.02 -6.78
C PRO F 55 -20.19 15.10 -5.79
N GLY F 56 -20.98 14.43 -4.96
CA GLY F 56 -20.44 13.47 -4.01
C GLY F 56 -20.01 14.04 -2.68
N MET F 57 -19.91 15.36 -2.57
CA MET F 57 -19.53 16.01 -1.32
C MET F 57 -20.72 16.56 -0.57
N GLU F 58 -21.93 16.27 -1.03
CA GLU F 58 -23.15 16.75 -0.38
C GLU F 58 -24.23 15.69 -0.47
N GLY F 59 -25.01 15.55 0.59
CA GLY F 59 -26.09 14.60 0.61
C GLY F 59 -25.72 13.30 1.31
N LEU F 60 -26.33 12.19 0.87
CA LEU F 60 -26.08 10.89 1.48
C LEU F 60 -25.41 9.93 0.50
N GLY F 61 -24.89 10.43 -0.63
CA GLY F 61 -24.24 9.59 -1.61
C GLY F 61 -25.16 8.90 -2.59
N THR F 62 -26.47 8.94 -2.38
CA THR F 62 -27.42 8.34 -3.29
C THR F 62 -28.49 9.37 -3.64
N ASP F 63 -29.11 9.18 -4.80
CA ASP F 63 -30.18 10.06 -5.21
C ASP F 63 -31.37 9.93 -4.27
N ILE F 64 -32.13 11.02 -4.13
CA ILE F 64 -33.26 11.04 -3.22
C ILE F 64 -34.38 10.10 -3.63
N THR F 65 -34.34 9.59 -4.86
CA THR F 65 -35.40 8.70 -5.33
C THR F 65 -35.41 7.38 -4.58
N VAL F 66 -34.22 6.78 -4.38
CA VAL F 66 -34.17 5.46 -3.76
C VAL F 66 -34.57 5.53 -2.29
N ILE F 67 -34.18 6.60 -1.59
CA ILE F 67 -34.56 6.74 -0.19
C ILE F 67 -36.06 7.01 -0.06
N CYS F 68 -36.64 7.74 -1.00
CA CYS F 68 -38.04 8.12 -0.95
C CYS F 68 -38.69 7.80 -2.30
N PRO F 69 -39.05 6.54 -2.52
CA PRO F 69 -39.61 6.16 -3.84
C PRO F 69 -40.87 6.93 -4.22
N TRP F 70 -41.72 7.24 -3.25
CA TRP F 70 -42.96 7.95 -3.55
C TRP F 70 -42.71 9.31 -4.18
N GLU F 71 -41.56 9.92 -3.88
CA GLU F 71 -41.23 11.21 -4.45
C GLU F 71 -40.95 11.14 -5.94
N ALA F 72 -40.85 9.95 -6.52
CA ALA F 72 -40.57 9.83 -7.94
C ALA F 72 -41.64 10.56 -8.77
N PHE F 73 -42.87 10.09 -8.70
CA PHE F 73 -43.98 10.73 -9.43
C PHE F 73 -44.75 11.67 -8.52
N ASN F 74 -44.02 12.64 -7.96
CA ASN F 74 -44.65 13.64 -7.11
C ASN F 74 -45.44 14.68 -7.90
N HIS F 75 -45.35 14.66 -9.24
CA HIS F 75 -46.10 15.61 -10.05
C HIS F 75 -47.60 15.33 -9.97
N LEU F 76 -47.99 14.06 -10.06
CA LEU F 76 -49.40 13.69 -10.05
C LEU F 76 -49.92 13.65 -8.62
N GLU F 77 -51.16 14.09 -8.43
CA GLU F 77 -51.72 14.21 -7.10
C GLU F 77 -52.36 12.89 -6.65
N LEU F 78 -53.02 12.93 -5.50
CA LEU F 78 -53.54 11.75 -4.83
C LEU F 78 -54.79 11.18 -5.48
N HIS F 79 -55.30 11.80 -6.55
CA HIS F 79 -56.56 11.35 -7.14
C HIS F 79 -56.45 9.93 -7.67
N GLU F 80 -55.35 9.60 -8.35
CA GLU F 80 -55.19 8.28 -8.94
C GLU F 80 -54.88 7.24 -7.87
#